data_1JMT
# 
_entry.id   1JMT 
# 
_audit_conform.dict_name       mmcif_pdbx.dic 
_audit_conform.dict_version    5.386 
_audit_conform.dict_location   http://mmcif.pdb.org/dictionaries/ascii/mmcif_pdbx.dic 
# 
loop_
_database_2.database_id 
_database_2.database_code 
_database_2.pdbx_database_accession 
_database_2.pdbx_DOI 
PDB   1JMT         pdb_00001jmt 10.2210/pdb1jmt/pdb 
RCSB  RCSB013948   ?            ?                   
WWPDB D_1000013948 ?            ?                   
# 
loop_
_pdbx_audit_revision_history.ordinal 
_pdbx_audit_revision_history.data_content_type 
_pdbx_audit_revision_history.major_revision 
_pdbx_audit_revision_history.minor_revision 
_pdbx_audit_revision_history.revision_date 
1 'Structure model' 1 0 2001-09-19 
2 'Structure model' 1 1 2008-04-27 
3 'Structure model' 1 2 2011-07-13 
4 'Structure model' 1 3 2021-02-03 
5 'Structure model' 1 4 2021-10-27 
6 'Structure model' 1 5 2024-02-07 
# 
_pdbx_audit_revision_details.ordinal             1 
_pdbx_audit_revision_details.revision_ordinal    1 
_pdbx_audit_revision_details.data_content_type   'Structure model' 
_pdbx_audit_revision_details.provider            repository 
_pdbx_audit_revision_details.type                'Initial release' 
_pdbx_audit_revision_details.description         ? 
_pdbx_audit_revision_details.details             ? 
# 
loop_
_pdbx_audit_revision_group.ordinal 
_pdbx_audit_revision_group.revision_ordinal 
_pdbx_audit_revision_group.data_content_type 
_pdbx_audit_revision_group.group 
1 2 'Structure model' 'Version format compliance' 
2 3 'Structure model' 'Version format compliance' 
3 4 'Structure model' 'Database references'       
4 4 'Structure model' 'Derived calculations'      
5 4 'Structure model' 'Structure summary'         
6 5 'Structure model' 'Database references'       
7 6 'Structure model' 'Data collection'           
# 
loop_
_pdbx_audit_revision_category.ordinal 
_pdbx_audit_revision_category.revision_ordinal 
_pdbx_audit_revision_category.data_content_type 
_pdbx_audit_revision_category.category 
1 4 'Structure model' audit_author       
2 4 'Structure model' citation_author    
3 4 'Structure model' struct_site        
4 5 'Structure model' database_2         
5 5 'Structure model' struct_ref_seq_dif 
6 6 'Structure model' chem_comp_atom     
7 6 'Structure model' chem_comp_bond     
# 
loop_
_pdbx_audit_revision_item.ordinal 
_pdbx_audit_revision_item.revision_ordinal 
_pdbx_audit_revision_item.data_content_type 
_pdbx_audit_revision_item.item 
1 4 'Structure model' '_audit_author.identifier_ORCID'      
2 4 'Structure model' '_citation_author.identifier_ORCID'   
3 4 'Structure model' '_struct_site.pdbx_auth_asym_id'      
4 4 'Structure model' '_struct_site.pdbx_auth_comp_id'      
5 4 'Structure model' '_struct_site.pdbx_auth_seq_id'       
6 5 'Structure model' '_database_2.pdbx_DOI'                
7 5 'Structure model' '_database_2.pdbx_database_accession' 
8 5 'Structure model' '_struct_ref_seq_dif.details'         
# 
_pdbx_database_status.status_code                     REL 
_pdbx_database_status.entry_id                        1JMT 
_pdbx_database_status.recvd_initial_deposition_date   2001-07-19 
_pdbx_database_status.deposit_site                    RCSB 
_pdbx_database_status.process_site                    RCSB 
_pdbx_database_status.SG_entry                        . 
_pdbx_database_status.pdb_format_compatible           Y 
_pdbx_database_status.status_code_mr                  ? 
_pdbx_database_status.status_code_sf                  ? 
_pdbx_database_status.status_code_cs                  ? 
_pdbx_database_status.status_code_nmr_data            ? 
_pdbx_database_status.methods_development_category    ? 
# 
loop_
_audit_author.name 
_audit_author.pdbx_ordinal 
_audit_author.identifier_ORCID 
'Kielkopf, C.L.'  1 ?                   
'Rodionova, N.A.' 2 ?                   
'Green, M.R.'     3 ?                   
'Burley, S.K.'    4 0000-0002-2487-9713 
# 
_citation.id                        primary 
_citation.title                     
'A novel peptide recognition mode revealed by the X-ray structure of a core U2AF35/U2AF65 heterodimer.' 
_citation.journal_abbrev            'Cell(Cambridge,Mass.)' 
_citation.journal_volume            106 
_citation.page_first                595 
_citation.page_last                 605 
_citation.year                      2001 
_citation.journal_id_ASTM           CELLB5 
_citation.country                   US 
_citation.journal_id_ISSN           0092-8674 
_citation.journal_id_CSD            0998 
_citation.book_publisher            ? 
_citation.pdbx_database_id_PubMed   11551507 
_citation.pdbx_database_id_DOI      '10.1016/S0092-8674(01)00480-9' 
# 
loop_
_citation_author.citation_id 
_citation_author.name 
_citation_author.ordinal 
_citation_author.identifier_ORCID 
primary 'Kielkopf, C.L.'  1 ?                   
primary 'Rodionova, N.A.' 2 ?                   
primary 'Green, M.R.'     3 ?                   
primary 'Burley, S.K.'    4 0000-0002-2487-9713 
# 
loop_
_entity.id 
_entity.type 
_entity.src_method 
_entity.pdbx_description 
_entity.formula_weight 
_entity.pdbx_number_of_molecules 
_entity.pdbx_ec 
_entity.pdbx_mutation 
_entity.pdbx_fragment 
_entity.details 
1 polymer     man 'SPLICING FACTOR U2AF 35 KDA SUBUNIT' 12039.095 1   ? C67S ? ? 
2 polymer     man 'SPLICING FACTOR U2AF 65 KDA SUBUNIT' 3382.027  1   ? ?    ? ? 
3 non-polymer syn HEXANE-1,6-DIOL                       118.174   2   ? ?    ? ? 
4 water       nat water                                 18.015    118 ? ?    ? ? 
# 
loop_
_entity_name_com.entity_id 
_entity_name_com.name 
1 'U2 SNRNP AUXILIARY FACTOR SMALL SUBUNIT' 
2 'U2 SNRNP AUXILIARY FACTOR LARGE SUBUNIT' 
# 
loop_
_entity_poly.entity_id 
_entity_poly.type 
_entity_poly.nstd_linkage 
_entity_poly.nstd_monomer 
_entity_poly.pdbx_seq_one_letter_code 
_entity_poly.pdbx_seq_one_letter_code_can 
_entity_poly.pdbx_strand_id 
_entity_poly.pdbx_target_identifier 
1 'polypeptide(L)' no no 
;SQTIALLNIYRNPQNSSQSADGLRSAVSDVEMQEHYDEFFEEVFTEMEEKYGEVEEMNVCDNLGDHLVGNVYVKFRREED
AEKAVIDLNNRWFNGQPIHAELSP
;
;SQTIALLNIYRNPQNSSQSADGLRSAVSDVEMQEHYDEFFEEVFTEMEEKYGEVEEMNVCDNLGDHLVGNVYVKFRREED
AEKAVIDLNNRWFNGQPIHAELSP
;
A ? 
2 'polypeptide(L)' no no KKKVRKYWDVPPPGFEHITPMQYKAMQA KKKVRKYWDVPPPGFEHITPMQYKAMQA B ? 
# 
loop_
_pdbx_entity_nonpoly.entity_id 
_pdbx_entity_nonpoly.name 
_pdbx_entity_nonpoly.comp_id 
3 HEXANE-1,6-DIOL HEZ 
4 water           HOH 
# 
loop_
_entity_poly_seq.entity_id 
_entity_poly_seq.num 
_entity_poly_seq.mon_id 
_entity_poly_seq.hetero 
1 1   SER n 
1 2   GLN n 
1 3   THR n 
1 4   ILE n 
1 5   ALA n 
1 6   LEU n 
1 7   LEU n 
1 8   ASN n 
1 9   ILE n 
1 10  TYR n 
1 11  ARG n 
1 12  ASN n 
1 13  PRO n 
1 14  GLN n 
1 15  ASN n 
1 16  SER n 
1 17  SER n 
1 18  GLN n 
1 19  SER n 
1 20  ALA n 
1 21  ASP n 
1 22  GLY n 
1 23  LEU n 
1 24  ARG n 
1 25  SER n 
1 26  ALA n 
1 27  VAL n 
1 28  SER n 
1 29  ASP n 
1 30  VAL n 
1 31  GLU n 
1 32  MET n 
1 33  GLN n 
1 34  GLU n 
1 35  HIS n 
1 36  TYR n 
1 37  ASP n 
1 38  GLU n 
1 39  PHE n 
1 40  PHE n 
1 41  GLU n 
1 42  GLU n 
1 43  VAL n 
1 44  PHE n 
1 45  THR n 
1 46  GLU n 
1 47  MET n 
1 48  GLU n 
1 49  GLU n 
1 50  LYS n 
1 51  TYR n 
1 52  GLY n 
1 53  GLU n 
1 54  VAL n 
1 55  GLU n 
1 56  GLU n 
1 57  MET n 
1 58  ASN n 
1 59  VAL n 
1 60  CYS n 
1 61  ASP n 
1 62  ASN n 
1 63  LEU n 
1 64  GLY n 
1 65  ASP n 
1 66  HIS n 
1 67  LEU n 
1 68  VAL n 
1 69  GLY n 
1 70  ASN n 
1 71  VAL n 
1 72  TYR n 
1 73  VAL n 
1 74  LYS n 
1 75  PHE n 
1 76  ARG n 
1 77  ARG n 
1 78  GLU n 
1 79  GLU n 
1 80  ASP n 
1 81  ALA n 
1 82  GLU n 
1 83  LYS n 
1 84  ALA n 
1 85  VAL n 
1 86  ILE n 
1 87  ASP n 
1 88  LEU n 
1 89  ASN n 
1 90  ASN n 
1 91  ARG n 
1 92  TRP n 
1 93  PHE n 
1 94  ASN n 
1 95  GLY n 
1 96  GLN n 
1 97  PRO n 
1 98  ILE n 
1 99  HIS n 
1 100 ALA n 
1 101 GLU n 
1 102 LEU n 
1 103 SER n 
1 104 PRO n 
2 1   LYS n 
2 2   LYS n 
2 3   LYS n 
2 4   VAL n 
2 5   ARG n 
2 6   LYS n 
2 7   TYR n 
2 8   TRP n 
2 9   ASP n 
2 10  VAL n 
2 11  PRO n 
2 12  PRO n 
2 13  PRO n 
2 14  GLY n 
2 15  PHE n 
2 16  GLU n 
2 17  HIS n 
2 18  ILE n 
2 19  THR n 
2 20  PRO n 
2 21  MET n 
2 22  GLN n 
2 23  TYR n 
2 24  LYS n 
2 25  ALA n 
2 26  MET n 
2 27  GLN n 
2 28  ALA n 
# 
loop_
_entity_src_gen.entity_id 
_entity_src_gen.pdbx_src_id 
_entity_src_gen.pdbx_alt_source_flag 
_entity_src_gen.pdbx_seq_type 
_entity_src_gen.pdbx_beg_seq_num 
_entity_src_gen.pdbx_end_seq_num 
_entity_src_gen.gene_src_common_name 
_entity_src_gen.gene_src_genus 
_entity_src_gen.pdbx_gene_src_gene 
_entity_src_gen.gene_src_species 
_entity_src_gen.gene_src_strain 
_entity_src_gen.gene_src_tissue 
_entity_src_gen.gene_src_tissue_fraction 
_entity_src_gen.gene_src_details 
_entity_src_gen.pdbx_gene_src_fragment 
_entity_src_gen.pdbx_gene_src_scientific_name 
_entity_src_gen.pdbx_gene_src_ncbi_taxonomy_id 
_entity_src_gen.pdbx_gene_src_variant 
_entity_src_gen.pdbx_gene_src_cell_line 
_entity_src_gen.pdbx_gene_src_atcc 
_entity_src_gen.pdbx_gene_src_organ 
_entity_src_gen.pdbx_gene_src_organelle 
_entity_src_gen.pdbx_gene_src_cell 
_entity_src_gen.pdbx_gene_src_cellular_location 
_entity_src_gen.host_org_common_name 
_entity_src_gen.pdbx_host_org_scientific_name 
_entity_src_gen.pdbx_host_org_ncbi_taxonomy_id 
_entity_src_gen.host_org_genus 
_entity_src_gen.pdbx_host_org_gene 
_entity_src_gen.pdbx_host_org_organ 
_entity_src_gen.host_org_species 
_entity_src_gen.pdbx_host_org_tissue 
_entity_src_gen.pdbx_host_org_tissue_fraction 
_entity_src_gen.pdbx_host_org_strain 
_entity_src_gen.pdbx_host_org_variant 
_entity_src_gen.pdbx_host_org_cell_line 
_entity_src_gen.pdbx_host_org_atcc 
_entity_src_gen.pdbx_host_org_culture_collection 
_entity_src_gen.pdbx_host_org_cell 
_entity_src_gen.pdbx_host_org_organelle 
_entity_src_gen.pdbx_host_org_cellular_location 
_entity_src_gen.pdbx_host_org_vector_type 
_entity_src_gen.pdbx_host_org_vector 
_entity_src_gen.host_org_details 
_entity_src_gen.expression_system_id 
_entity_src_gen.plasmid_name 
_entity_src_gen.plasmid_details 
_entity_src_gen.pdbx_description 
1 1 sample ? ? ? human Homo ? ? ? ? ? ? ? 'Homo sapiens' 9606 ? ? ? ? ? ? ? ? 'Escherichia coli BL21' 511693 Escherichia ? ? 
'Escherichia coli' ? ? BL21 ? ? ? ? ? ? ? PLASMID ? ? ? pGEX-4T2 ? ? 
2 1 sample ? ? ? human Homo ? ? ? ? ? ? ? 'Homo sapiens' 9606 ? ? ? ? ? ? ? ? 'Escherichia coli BL21' 511693 Escherichia ? ? 
'Escherichia coli' ? ? BL21 ? ? ? ? ? ? ? PLASMID ? ? ? pGEX-4T2 ? ? 
# 
loop_
_chem_comp.id 
_chem_comp.type 
_chem_comp.mon_nstd_flag 
_chem_comp.name 
_chem_comp.pdbx_synonyms 
_chem_comp.formula 
_chem_comp.formula_weight 
ALA 'L-peptide linking' y ALANINE         ? 'C3 H7 N O2'     89.093  
ARG 'L-peptide linking' y ARGININE        ? 'C6 H15 N4 O2 1' 175.209 
ASN 'L-peptide linking' y ASPARAGINE      ? 'C4 H8 N2 O3'    132.118 
ASP 'L-peptide linking' y 'ASPARTIC ACID' ? 'C4 H7 N O4'     133.103 
CYS 'L-peptide linking' y CYSTEINE        ? 'C3 H7 N O2 S'   121.158 
GLN 'L-peptide linking' y GLUTAMINE       ? 'C5 H10 N2 O3'   146.144 
GLU 'L-peptide linking' y 'GLUTAMIC ACID' ? 'C5 H9 N O4'     147.129 
GLY 'peptide linking'   y GLYCINE         ? 'C2 H5 N O2'     75.067  
HEZ non-polymer         . HEXANE-1,6-DIOL ? 'C6 H14 O2'      118.174 
HIS 'L-peptide linking' y HISTIDINE       ? 'C6 H10 N3 O2 1' 156.162 
HOH non-polymer         . WATER           ? 'H2 O'           18.015  
ILE 'L-peptide linking' y ISOLEUCINE      ? 'C6 H13 N O2'    131.173 
LEU 'L-peptide linking' y LEUCINE         ? 'C6 H13 N O2'    131.173 
LYS 'L-peptide linking' y LYSINE          ? 'C6 H15 N2 O2 1' 147.195 
MET 'L-peptide linking' y METHIONINE      ? 'C5 H11 N O2 S'  149.211 
PHE 'L-peptide linking' y PHENYLALANINE   ? 'C9 H11 N O2'    165.189 
PRO 'L-peptide linking' y PROLINE         ? 'C5 H9 N O2'     115.130 
SER 'L-peptide linking' y SERINE          ? 'C3 H7 N O3'     105.093 
THR 'L-peptide linking' y THREONINE       ? 'C4 H9 N O3'     119.119 
TRP 'L-peptide linking' y TRYPTOPHAN      ? 'C11 H12 N2 O2'  204.225 
TYR 'L-peptide linking' y TYROSINE        ? 'C9 H11 N O3'    181.189 
VAL 'L-peptide linking' y VALINE          ? 'C5 H11 N O2'    117.146 
# 
loop_
_pdbx_poly_seq_scheme.asym_id 
_pdbx_poly_seq_scheme.entity_id 
_pdbx_poly_seq_scheme.seq_id 
_pdbx_poly_seq_scheme.mon_id 
_pdbx_poly_seq_scheme.ndb_seq_num 
_pdbx_poly_seq_scheme.pdb_seq_num 
_pdbx_poly_seq_scheme.auth_seq_num 
_pdbx_poly_seq_scheme.pdb_mon_id 
_pdbx_poly_seq_scheme.auth_mon_id 
_pdbx_poly_seq_scheme.pdb_strand_id 
_pdbx_poly_seq_scheme.pdb_ins_code 
_pdbx_poly_seq_scheme.hetero 
A 1 1   SER 1   43  43  SER SER A . n 
A 1 2   GLN 2   44  44  GLN GLN A . n 
A 1 3   THR 3   45  45  THR THR A . n 
A 1 4   ILE 4   46  46  ILE ILE A . n 
A 1 5   ALA 5   47  47  ALA ALA A . n 
A 1 6   LEU 6   48  48  LEU LEU A . n 
A 1 7   LEU 7   49  49  LEU LEU A . n 
A 1 8   ASN 8   50  50  ASN ASN A . n 
A 1 9   ILE 9   51  51  ILE ILE A . n 
A 1 10  TYR 10  52  52  TYR TYR A . n 
A 1 11  ARG 11  53  53  ARG ARG A . n 
A 1 12  ASN 12  54  54  ASN ASN A . n 
A 1 13  PRO 13  55  55  PRO PRO A . n 
A 1 14  GLN 14  56  56  GLN GLN A . n 
A 1 15  ASN 15  57  ?   ?   ?   A . n 
A 1 16  SER 16  58  ?   ?   ?   A . n 
A 1 17  SER 17  59  ?   ?   ?   A . n 
A 1 18  GLN 18  60  ?   ?   ?   A . n 
A 1 19  SER 19  61  ?   ?   ?   A . n 
A 1 20  ALA 20  62  ?   ?   ?   A . n 
A 1 21  ASP 21  63  63  ASP ASP A . n 
A 1 22  GLY 22  64  64  GLY GLY A . n 
A 1 23  LEU 23  65  65  LEU LEU A . n 
A 1 24  ARG 24  66  66  ARG ARG A . n 
A 1 25  SER 25  67  67  SER SER A . n 
A 1 26  ALA 26  68  68  ALA ALA A . n 
A 1 27  VAL 27  69  69  VAL VAL A . n 
A 1 28  SER 28  70  70  SER SER A . n 
A 1 29  ASP 29  71  71  ASP ASP A . n 
A 1 30  VAL 30  72  72  VAL VAL A . n 
A 1 31  GLU 31  73  73  GLU GLU A . n 
A 1 32  MET 32  74  74  MET MET A . n 
A 1 33  GLN 33  75  75  GLN GLN A . n 
A 1 34  GLU 34  76  76  GLU GLU A . n 
A 1 35  HIS 35  77  77  HIS HIS A . n 
A 1 36  TYR 36  78  78  TYR TYR A . n 
A 1 37  ASP 37  79  79  ASP ASP A . n 
A 1 38  GLU 38  80  80  GLU GLU A . n 
A 1 39  PHE 39  81  81  PHE PHE A . n 
A 1 40  PHE 40  82  82  PHE PHE A . n 
A 1 41  GLU 41  83  83  GLU GLU A . n 
A 1 42  GLU 42  84  84  GLU GLU A . n 
A 1 43  VAL 43  85  85  VAL VAL A . n 
A 1 44  PHE 44  86  86  PHE PHE A . n 
A 1 45  THR 45  87  87  THR THR A . n 
A 1 46  GLU 46  88  88  GLU GLU A . n 
A 1 47  MET 47  89  89  MET MET A . n 
A 1 48  GLU 48  90  90  GLU GLU A . n 
A 1 49  GLU 49  91  91  GLU GLU A . n 
A 1 50  LYS 50  92  92  LYS LYS A . n 
A 1 51  TYR 51  93  93  TYR TYR A . n 
A 1 52  GLY 52  94  94  GLY GLY A . n 
A 1 53  GLU 53  95  95  GLU GLU A . n 
A 1 54  VAL 54  96  96  VAL VAL A . n 
A 1 55  GLU 55  97  97  GLU GLU A . n 
A 1 56  GLU 56  98  98  GLU GLU A . n 
A 1 57  MET 57  99  99  MET MET A . n 
A 1 58  ASN 58  100 100 ASN ASN A . n 
A 1 59  VAL 59  101 101 VAL VAL A . n 
A 1 60  CYS 60  102 102 CYS CYS A . n 
A 1 61  ASP 61  103 103 ASP ASP A . n 
A 1 62  ASN 62  104 104 ASN ASN A . n 
A 1 63  LEU 63  105 105 LEU LEU A . n 
A 1 64  GLY 64  106 106 GLY GLY A . n 
A 1 65  ASP 65  107 107 ASP ASP A . n 
A 1 66  HIS 66  108 108 HIS HIS A . n 
A 1 67  LEU 67  109 109 LEU LEU A . n 
A 1 68  VAL 68  110 110 VAL VAL A . n 
A 1 69  GLY 69  111 111 GLY GLY A . n 
A 1 70  ASN 70  112 112 ASN ASN A . n 
A 1 71  VAL 71  113 113 VAL VAL A . n 
A 1 72  TYR 72  114 114 TYR TYR A . n 
A 1 73  VAL 73  115 115 VAL VAL A . n 
A 1 74  LYS 74  116 116 LYS LYS A . n 
A 1 75  PHE 75  117 117 PHE PHE A . n 
A 1 76  ARG 76  118 118 ARG ARG A . n 
A 1 77  ARG 77  119 119 ARG ARG A . n 
A 1 78  GLU 78  120 120 GLU GLU A . n 
A 1 79  GLU 79  121 121 GLU GLU A . n 
A 1 80  ASP 80  122 122 ASP ASP A . n 
A 1 81  ALA 81  123 123 ALA ALA A . n 
A 1 82  GLU 82  124 124 GLU GLU A . n 
A 1 83  LYS 83  125 125 LYS LYS A . n 
A 1 84  ALA 84  126 126 ALA ALA A . n 
A 1 85  VAL 85  127 127 VAL VAL A . n 
A 1 86  ILE 86  128 128 ILE ILE A . n 
A 1 87  ASP 87  129 129 ASP ASP A . n 
A 1 88  LEU 88  130 130 LEU LEU A . n 
A 1 89  ASN 89  131 131 ASN ASN A . n 
A 1 90  ASN 90  132 132 ASN ASN A . n 
A 1 91  ARG 91  133 133 ARG ARG A . n 
A 1 92  TRP 92  134 134 TRP TRP A . n 
A 1 93  PHE 93  135 135 PHE PHE A . n 
A 1 94  ASN 94  136 136 ASN ASN A . n 
A 1 95  GLY 95  137 137 GLY GLY A . n 
A 1 96  GLN 96  138 138 GLN GLN A . n 
A 1 97  PRO 97  139 139 PRO PRO A . n 
A 1 98  ILE 98  140 140 ILE ILE A . n 
A 1 99  HIS 99  141 141 HIS HIS A . n 
A 1 100 ALA 100 142 142 ALA ALA A . n 
A 1 101 GLU 101 143 143 GLU GLU A . n 
A 1 102 LEU 102 144 144 LEU LEU A . n 
A 1 103 SER 103 145 145 SER SER A . n 
A 1 104 PRO 104 146 146 PRO PRO A . n 
B 2 1   LYS 1   85  ?   ?   ?   B . n 
B 2 2   LYS 2   86  ?   ?   ?   B . n 
B 2 3   LYS 3   87  ?   ?   ?   B . n 
B 2 4   VAL 4   88  ?   ?   ?   B . n 
B 2 5   ARG 5   89  ?   ?   ?   B . n 
B 2 6   LYS 6   90  90  LYS LYS B . n 
B 2 7   TYR 7   91  91  TYR TYR B . n 
B 2 8   TRP 8   92  92  TRP TRP B . n 
B 2 9   ASP 9   93  93  ASP ASP B . n 
B 2 10  VAL 10  94  94  VAL VAL B . n 
B 2 11  PRO 11  95  95  PRO PRO B . n 
B 2 12  PRO 12  96  96  PRO PRO B . n 
B 2 13  PRO 13  97  97  PRO PRO B . n 
B 2 14  GLY 14  98  98  GLY GLY B . n 
B 2 15  PHE 15  99  99  PHE PHE B . n 
B 2 16  GLU 16  100 100 GLU GLU B . n 
B 2 17  HIS 17  101 101 HIS HIS B . n 
B 2 18  ILE 18  102 102 ILE ILE B . n 
B 2 19  THR 19  103 103 THR THR B . n 
B 2 20  PRO 20  104 104 PRO PRO B . n 
B 2 21  MET 21  105 105 MET MET B . n 
B 2 22  GLN 22  106 106 GLN GLN B . n 
B 2 23  TYR 23  107 107 TYR TYR B . n 
B 2 24  LYS 24  108 108 LYS LYS B . n 
B 2 25  ALA 25  109 109 ALA ALA B . n 
B 2 26  MET 26  110 110 MET MET B . n 
B 2 27  GLN 27  111 111 GLN GLN B . n 
B 2 28  ALA 28  112 112 ALA ALA B . n 
# 
loop_
_pdbx_nonpoly_scheme.asym_id 
_pdbx_nonpoly_scheme.entity_id 
_pdbx_nonpoly_scheme.mon_id 
_pdbx_nonpoly_scheme.ndb_seq_num 
_pdbx_nonpoly_scheme.pdb_seq_num 
_pdbx_nonpoly_scheme.auth_seq_num 
_pdbx_nonpoly_scheme.pdb_mon_id 
_pdbx_nonpoly_scheme.auth_mon_id 
_pdbx_nonpoly_scheme.pdb_strand_id 
_pdbx_nonpoly_scheme.pdb_ins_code 
C 3 HEZ 1  202 2   HEZ HEZ A . 
D 3 HEZ 1  201 1   HEZ HEZ B . 
E 4 HOH 1  203 4   HOH TIP A . 
E 4 HOH 2  204 5   HOH TIP A . 
E 4 HOH 3  205 7   HOH TIP A . 
E 4 HOH 4  206 10  HOH TIP A . 
E 4 HOH 5  207 11  HOH TIP A . 
E 4 HOH 6  208 14  HOH TIP A . 
E 4 HOH 7  209 15  HOH TIP A . 
E 4 HOH 8  210 17  HOH TIP A . 
E 4 HOH 9  211 18  HOH TIP A . 
E 4 HOH 10 212 19  HOH TIP A . 
E 4 HOH 11 213 20  HOH TIP A . 
E 4 HOH 12 214 21  HOH TIP A . 
E 4 HOH 13 215 22  HOH TIP A . 
E 4 HOH 14 216 24  HOH TIP A . 
E 4 HOH 15 217 25  HOH TIP A . 
E 4 HOH 16 218 27  HOH TIP A . 
E 4 HOH 17 219 28  HOH TIP A . 
E 4 HOH 18 220 29  HOH TIP A . 
E 4 HOH 19 221 32  HOH TIP A . 
E 4 HOH 20 222 33  HOH TIP A . 
E 4 HOH 21 223 35  HOH TIP A . 
E 4 HOH 22 224 36  HOH TIP A . 
E 4 HOH 23 225 37  HOH TIP A . 
E 4 HOH 24 226 38  HOH TIP A . 
E 4 HOH 25 227 41  HOH TIP A . 
E 4 HOH 26 228 42  HOH TIP A . 
E 4 HOH 27 229 43  HOH TIP A . 
E 4 HOH 28 230 45  HOH TIP A . 
E 4 HOH 29 231 46  HOH TIP A . 
E 4 HOH 30 232 47  HOH TIP A . 
E 4 HOH 31 233 48  HOH TIP A . 
E 4 HOH 32 234 50  HOH TIP A . 
E 4 HOH 33 235 51  HOH TIP A . 
E 4 HOH 34 236 53  HOH TIP A . 
E 4 HOH 35 237 55  HOH TIP A . 
E 4 HOH 36 238 56  HOH TIP A . 
E 4 HOH 37 239 59  HOH TIP A . 
E 4 HOH 38 240 60  HOH TIP A . 
E 4 HOH 39 241 64  HOH TIP A . 
E 4 HOH 40 242 65  HOH TIP A . 
E 4 HOH 41 243 66  HOH TIP A . 
E 4 HOH 42 244 68  HOH TIP A . 
E 4 HOH 43 245 69  HOH TIP A . 
E 4 HOH 44 246 70  HOH TIP A . 
E 4 HOH 45 247 71  HOH TIP A . 
E 4 HOH 46 248 72  HOH TIP A . 
E 4 HOH 47 249 73  HOH TIP A . 
E 4 HOH 48 250 74  HOH TIP A . 
E 4 HOH 49 251 75  HOH TIP A . 
E 4 HOH 50 252 76  HOH TIP A . 
E 4 HOH 51 253 78  HOH TIP A . 
E 4 HOH 52 254 79  HOH TIP A . 
E 4 HOH 53 255 82  HOH TIP A . 
E 4 HOH 54 256 83  HOH TIP A . 
E 4 HOH 55 257 84  HOH TIP A . 
E 4 HOH 56 258 85  HOH TIP A . 
E 4 HOH 57 259 86  HOH TIP A . 
E 4 HOH 58 260 87  HOH TIP A . 
E 4 HOH 59 261 88  HOH TIP A . 
E 4 HOH 60 262 89  HOH TIP A . 
E 4 HOH 61 263 90  HOH TIP A . 
E 4 HOH 62 264 91  HOH TIP A . 
E 4 HOH 63 265 92  HOH TIP A . 
E 4 HOH 64 266 93  HOH TIP A . 
E 4 HOH 65 267 94  HOH TIP A . 
E 4 HOH 66 268 95  HOH TIP A . 
E 4 HOH 67 269 96  HOH TIP A . 
E 4 HOH 68 270 97  HOH TIP A . 
E 4 HOH 69 271 98  HOH TIP A . 
E 4 HOH 70 272 99  HOH TIP A . 
E 4 HOH 71 273 100 HOH TIP A . 
E 4 HOH 72 274 101 HOH TIP A . 
E 4 HOH 73 275 103 HOH TIP A . 
E 4 HOH 74 276 104 HOH TIP A . 
E 4 HOH 75 277 105 HOH TIP A . 
E 4 HOH 76 278 106 HOH TIP A . 
E 4 HOH 77 279 107 HOH TIP A . 
E 4 HOH 78 280 108 HOH TIP A . 
E 4 HOH 79 281 109 HOH TIP A . 
E 4 HOH 80 282 110 HOH TIP A . 
E 4 HOH 81 283 111 HOH TIP A . 
E 4 HOH 82 284 112 HOH TIP A . 
E 4 HOH 83 285 113 HOH TIP A . 
E 4 HOH 84 286 114 HOH TIP A . 
E 4 HOH 85 287 116 HOH TIP A . 
E 4 HOH 86 288 118 HOH TIP A . 
F 4 HOH 1  202 1   HOH TIP B . 
F 4 HOH 2  203 2   HOH TIP B . 
F 4 HOH 3  204 3   HOH TIP B . 
F 4 HOH 4  205 6   HOH TIP B . 
F 4 HOH 5  206 8   HOH TIP B . 
F 4 HOH 6  207 9   HOH TIP B . 
F 4 HOH 7  208 12  HOH TIP B . 
F 4 HOH 8  209 13  HOH TIP B . 
F 4 HOH 9  210 16  HOH TIP B . 
F 4 HOH 10 211 23  HOH TIP B . 
F 4 HOH 11 212 26  HOH TIP B . 
F 4 HOH 12 213 30  HOH TIP B . 
F 4 HOH 13 214 31  HOH TIP B . 
F 4 HOH 14 215 34  HOH TIP B . 
F 4 HOH 15 216 39  HOH TIP B . 
F 4 HOH 16 217 40  HOH TIP B . 
F 4 HOH 17 218 44  HOH TIP B . 
F 4 HOH 18 219 49  HOH TIP B . 
F 4 HOH 19 220 52  HOH TIP B . 
F 4 HOH 20 221 54  HOH TIP B . 
F 4 HOH 21 222 57  HOH TIP B . 
F 4 HOH 22 223 58  HOH TIP B . 
F 4 HOH 23 224 61  HOH TIP B . 
F 4 HOH 24 225 62  HOH TIP B . 
F 4 HOH 25 226 63  HOH TIP B . 
F 4 HOH 26 227 67  HOH TIP B . 
F 4 HOH 27 228 77  HOH TIP B . 
F 4 HOH 28 229 80  HOH TIP B . 
F 4 HOH 29 230 81  HOH TIP B . 
F 4 HOH 30 231 102 HOH TIP B . 
F 4 HOH 31 232 115 HOH TIP B . 
F 4 HOH 32 233 117 HOH TIP B . 
# 
loop_
_software.name 
_software.classification 
_software.version 
_software.citation_id 
_software.pdbx_ordinal 
SOLVE     phasing          .   ? 1 
CNS       refinement       1.0 ? 2 
DENZO     'data reduction' .   ? 3 
SCALEPACK 'data scaling'   .   ? 4 
# 
_cell.entry_id           1JMT 
_cell.length_a           41.520 
_cell.length_b           49.740 
_cell.length_c           92.160 
_cell.angle_alpha        90.00 
_cell.angle_beta         90.00 
_cell.angle_gamma        90.00 
_cell.Z_PDB              4 
_cell.pdbx_unique_axis   ? 
# 
_symmetry.entry_id                         1JMT 
_symmetry.space_group_name_H-M             'P 2 2 2' 
_symmetry.pdbx_full_space_group_name_H-M   ? 
_symmetry.cell_setting                     ? 
_symmetry.Int_Tables_number                16 
# 
_exptl.entry_id          1JMT 
_exptl.method            'X-RAY DIFFRACTION' 
_exptl.crystals_number   1 
# 
_exptl_crystal.id                    1 
_exptl_crystal.density_meas          ? 
_exptl_crystal.density_Matthews      3.08 
_exptl_crystal.density_percent_sol   60.12 
_exptl_crystal.description           ? 
# 
_exptl_crystal_grow.crystal_id      1 
_exptl_crystal_grow.method          'VAPOR DIFFUSION, SITTING DROP' 
_exptl_crystal_grow.temp            277 
_exptl_crystal_grow.temp_details    ? 
_exptl_crystal_grow.pH              5.3 
_exptl_crystal_grow.pdbx_details    
'PEG mme5000, sodium acetate, 1,6-hexanediol, MES, pH 5.3, VAPOR DIFFUSION, SITTING DROP, temperature 277K' 
_exptl_crystal_grow.pdbx_pH_range   . 
# 
loop_
_diffrn.id 
_diffrn.ambient_temp 
_diffrn.ambient_temp_details 
_diffrn.crystal_id 
1 100 ? 1 
2 100 ? 1 
# 
loop_
_diffrn_detector.diffrn_id 
_diffrn_detector.detector 
_diffrn_detector.type 
_diffrn_detector.pdbx_collection_date 
_diffrn_detector.details 
1 CCD 'ADSC QUANTUM 4' 2000-11-14 ? 
2 CCD 'BRANDEIS - B4'  2000-12-14 ? 
# 
loop_
_diffrn_radiation.diffrn_id 
_diffrn_radiation.wavelength_id 
_diffrn_radiation.pdbx_monochromatic_or_laue_m_l 
_diffrn_radiation.monochromator 
_diffrn_radiation.pdbx_diffrn_protocol 
_diffrn_radiation.pdbx_scattering_type 
1 1 M 'Si(111) crystals' 'SINGLE WAVELENGTH' x-ray 
2 1 M 'Si(111) crystals' MAD                 x-ray 
# 
loop_
_diffrn_radiation_wavelength.id 
_diffrn_radiation_wavelength.wavelength 
_diffrn_radiation_wavelength.wt 
1 0.9790 1.0 
2 0.9793 1.0 
3 0.9791 1.0 
4 0.9649 1.0 
# 
loop_
_diffrn_source.diffrn_id 
_diffrn_source.source 
_diffrn_source.type 
_diffrn_source.pdbx_synchrotron_site 
_diffrn_source.pdbx_synchrotron_beamline 
_diffrn_source.pdbx_wavelength 
_diffrn_source.pdbx_wavelength_list 
1 SYNCHROTRON 'NSLS BEAMLINE X25' NSLS  X25 ? 0.9790               
2 SYNCHROTRON 'CHESS BEAMLINE F2' CHESS F2  ? 0.9793,0.9791,0.9649 
# 
_reflns.entry_id                     1JMT 
_reflns.observed_criterion_sigma_I   ? 
_reflns.observed_criterion_sigma_F   0 
_reflns.d_resolution_low             19.34 
_reflns.d_resolution_high            2.20 
_reflns.number_obs                   9935 
_reflns.number_all                   9935 
_reflns.percent_possible_obs         97.4 
_reflns.pdbx_Rmerge_I_obs            0.0420000 
_reflns.pdbx_Rsym_value              ? 
_reflns.pdbx_netI_over_sigmaI        21.0 
_reflns.B_iso_Wilson_estimate        29.4 
_reflns.pdbx_redundancy              4.0 
_reflns.R_free_details               ? 
_reflns.limit_h_max                  ? 
_reflns.limit_h_min                  ? 
_reflns.limit_k_max                  ? 
_reflns.limit_k_min                  ? 
_reflns.limit_l_max                  ? 
_reflns.limit_l_min                  ? 
_reflns.observed_criterion_F_max     ? 
_reflns.observed_criterion_F_min     ? 
_reflns.pdbx_diffrn_id               1,2 
_reflns.pdbx_ordinal                 1 
# 
_reflns_shell.d_res_high             2.2 
_reflns_shell.d_res_low              2.34 
_reflns_shell.percent_possible_all   97.8 
_reflns_shell.Rmerge_I_obs           ? 
_reflns_shell.pdbx_Rsym_value        ? 
_reflns_shell.meanI_over_sigI_obs    ? 
_reflns_shell.pdbx_redundancy        ? 
_reflns_shell.percent_possible_obs   ? 
_reflns_shell.number_unique_all      ? 
_reflns_shell.pdbx_diffrn_id         ? 
_reflns_shell.pdbx_ordinal           1 
# 
_refine.entry_id                                 1JMT 
_refine.ls_number_reflns_obs                     9935 
_refine.ls_number_reflns_all                     9935 
_refine.pdbx_ls_sigma_I                          ? 
_refine.pdbx_ls_sigma_F                          0.0 
_refine.pdbx_data_cutoff_high_absF               2041662.19 
_refine.pdbx_data_cutoff_low_absF                0.000000 
_refine.ls_d_res_low                             19.36 
_refine.ls_d_res_high                            2.20 
_refine.ls_percent_reflns_obs                    97.4 
_refine.ls_R_factor_obs                          0.2260000 
_refine.ls_R_factor_all                          ? 
_refine.ls_R_factor_R_work                       0.2260000 
_refine.ls_R_factor_R_free                       0.2380000 
_refine.ls_R_factor_R_free_error                 0.009 
_refine.ls_R_factor_R_free_error_details         ? 
_refine.ls_percent_reflns_R_free                 7.0 
_refine.ls_number_reflns_R_free                  693 
_refine.ls_number_parameters                     ? 
_refine.ls_number_restraints                     ? 
_refine.occupancy_min                            ? 
_refine.occupancy_max                            ? 
_refine.B_iso_mean                               47.0 
_refine.aniso_B[1][1]                            -0.12 
_refine.aniso_B[2][2]                            7.46 
_refine.aniso_B[3][3]                            -7.34 
_refine.aniso_B[1][2]                            0.00 
_refine.aniso_B[1][3]                            0.00 
_refine.aniso_B[2][3]                            0.00 
_refine.solvent_model_details                    'FLAT MODEL' 
_refine.solvent_model_param_ksol                 0.666393 
_refine.solvent_model_param_bsol                 156.287 
_refine.pdbx_ls_cross_valid_method               THROUGHOUT 
_refine.details                                  ? 
_refine.pdbx_starting_model                      ? 
_refine.pdbx_method_to_determine_struct          MAD 
_refine.pdbx_isotropic_thermal_model             RESTRAINED 
_refine.pdbx_stereochemistry_target_values       'Engh & Huber' 
_refine.pdbx_stereochem_target_val_spec_case     ? 
_refine.pdbx_R_Free_selection_details            RANDOM 
_refine.pdbx_overall_ESU_R_Free                  ? 
_refine.overall_SU_B                             ? 
_refine.ls_redundancy_reflns_obs                 ? 
_refine.B_iso_min                                ? 
_refine.B_iso_max                                ? 
_refine.correlation_coeff_Fo_to_Fc               ? 
_refine.correlation_coeff_Fo_to_Fc_free          ? 
_refine.overall_SU_R_Cruickshank_DPI             ? 
_refine.overall_SU_R_free                        ? 
_refine.overall_SU_ML                            ? 
_refine.pdbx_overall_ESU_R                       ? 
_refine.pdbx_data_cutoff_high_rms_absF           ? 
_refine.pdbx_refine_id                           'X-RAY DIFFRACTION' 
_refine.pdbx_diffrn_id                           1 
_refine.pdbx_TLS_residual_ADP_flag               ? 
_refine.pdbx_solvent_vdw_probe_radii             ? 
_refine.pdbx_solvent_ion_probe_radii             ? 
_refine.pdbx_solvent_shrinkage_radii             ? 
_refine.pdbx_overall_phase_error                 ? 
_refine.pdbx_overall_SU_R_free_Cruickshank_DPI   ? 
_refine.pdbx_overall_SU_R_Blow_DPI               ? 
_refine.pdbx_overall_SU_R_free_Blow_DPI          ? 
# 
_refine_analyze.entry_id                        1JMT 
_refine_analyze.Luzzati_coordinate_error_obs    0.27 
_refine_analyze.Luzzati_sigma_a_obs             0.22 
_refine_analyze.Luzzati_d_res_low_obs           5.00 
_refine_analyze.Luzzati_coordinate_error_free   0.33 
_refine_analyze.Luzzati_sigma_a_free            0.27 
_refine_analyze.Luzzati_d_res_low_free          ? 
_refine_analyze.number_disordered_residues      ? 
_refine_analyze.occupancy_sum_hydrogen          ? 
_refine_analyze.occupancy_sum_non_hydrogen      ? 
_refine_analyze.pdbx_Luzzati_d_res_high_obs     ? 
_refine_analyze.pdbx_refine_id                  'X-RAY DIFFRACTION' 
# 
_refine_hist.pdbx_refine_id                   'X-RAY DIFFRACTION' 
_refine_hist.cycle_id                         LAST 
_refine_hist.pdbx_number_atoms_protein        999 
_refine_hist.pdbx_number_atoms_nucleic_acid   0 
_refine_hist.pdbx_number_atoms_ligand         16 
_refine_hist.number_atoms_solvent             118 
_refine_hist.number_atoms_total               1133 
_refine_hist.d_res_high                       2.20 
_refine_hist.d_res_low                        19.36 
# 
loop_
_refine_ls_restr.type 
_refine_ls_restr.dev_ideal 
_refine_ls_restr.dev_ideal_target 
_refine_ls_restr.weight 
_refine_ls_restr.number 
_refine_ls_restr.pdbx_refine_id 
_refine_ls_restr.pdbx_restraint_function 
c_bond_d           0.008 ?    ? ? 'X-RAY DIFFRACTION' ? 
c_angle_deg        1.4   ?    ? ? 'X-RAY DIFFRACTION' ? 
c_dihedral_angle_d 22.8  ?    ? ? 'X-RAY DIFFRACTION' ? 
c_improper_angle_d 0.95  ?    ? ? 'X-RAY DIFFRACTION' ? 
c_mcbond_it        3.49  1.50 ? ? 'X-RAY DIFFRACTION' ? 
c_mcangle_it       5.10  2.00 ? ? 'X-RAY DIFFRACTION' ? 
c_scbond_it        5.20  2.00 ? ? 'X-RAY DIFFRACTION' ? 
c_scangle_it       7.35  2.50 ? ? 'X-RAY DIFFRACTION' ? 
# 
_refine_ls_shell.pdbx_total_number_of_bins_used   6 
_refine_ls_shell.d_res_high                       2.20 
_refine_ls_shell.d_res_low                        2.34 
_refine_ls_shell.number_reflns_R_work             1506 
_refine_ls_shell.R_factor_R_work                  0.2570000 
_refine_ls_shell.percent_reflns_obs               97.8 
_refine_ls_shell.R_factor_R_free                  0.2730000 
_refine_ls_shell.R_factor_R_free_error            0.026 
_refine_ls_shell.percent_reflns_R_free            7.0 
_refine_ls_shell.number_reflns_R_free             113 
_refine_ls_shell.number_reflns_obs                ? 
_refine_ls_shell.redundancy_reflns_obs            ? 
_refine_ls_shell.number_reflns_all                ? 
_refine_ls_shell.pdbx_refine_id                   'X-RAY DIFFRACTION' 
_refine_ls_shell.R_factor_all                     ? 
# 
loop_
_pdbx_xplor_file.serial_no 
_pdbx_xplor_file.param_file 
_pdbx_xplor_file.topol_file 
_pdbx_xplor_file.pdbx_refine_id 
1 PROTEIN_REP.PARAM PROTEIN.TOP 'X-RAY DIFFRACTION' 
2 HEZ.PARAM         HEZ.TOP     'X-RAY DIFFRACTION' 
3 WATER_REP.PARAM   WATER.TOP   'X-RAY DIFFRACTION' 
# 
_struct.entry_id                  1JMT 
_struct.title                     'X-ray Structure of a Core U2AF65/U2AF35 Heterodimer' 
_struct.pdbx_model_details        ? 
_struct.pdbx_CASP_flag            ? 
_struct.pdbx_model_type_details   ? 
# 
_struct_keywords.entry_id        1JMT 
_struct_keywords.pdbx_keywords   'RNA BINDING PROTEIN' 
_struct_keywords.text            'RRM, RNA SPLICING, PROLINE, PPII HELIX, PEPTIDE RECOGNITION, RNA BINDING PROTEIN' 
# 
loop_
_struct_asym.id 
_struct_asym.pdbx_blank_PDB_chainid_flag 
_struct_asym.pdbx_modified 
_struct_asym.entity_id 
_struct_asym.details 
A N N 1 ? 
B N N 2 ? 
C N N 3 ? 
D N N 3 ? 
E N N 4 ? 
F N N 4 ? 
# 
loop_
_struct_ref.id 
_struct_ref.db_name 
_struct_ref.db_code 
_struct_ref.entity_id 
_struct_ref.pdbx_seq_one_letter_code 
_struct_ref.pdbx_align_begin 
_struct_ref.pdbx_db_accession 
_struct_ref.pdbx_db_isoform 
1 UNP U2AF1_HUMAN 1 
;SQTIALLNIYRNPQNSSQSADGLRCAVSDVEMQEHYDEFFEEVFTEMEEKYGEVEEMNVCDNLGDHLVGNVYVKFRREED
AEKAVIDLNNRWFNGQPIHAELSP
;
43 Q01081 ? 
2 UNP U2AF2_HUMAN 2 KKKVRKYWDVPPPGFEHITPMQYKAMQA                                                                                85 
P26368 ? 
# 
loop_
_struct_ref_seq.align_id 
_struct_ref_seq.ref_id 
_struct_ref_seq.pdbx_PDB_id_code 
_struct_ref_seq.pdbx_strand_id 
_struct_ref_seq.seq_align_beg 
_struct_ref_seq.pdbx_seq_align_beg_ins_code 
_struct_ref_seq.seq_align_end 
_struct_ref_seq.pdbx_seq_align_end_ins_code 
_struct_ref_seq.pdbx_db_accession 
_struct_ref_seq.db_align_beg 
_struct_ref_seq.pdbx_db_align_beg_ins_code 
_struct_ref_seq.db_align_end 
_struct_ref_seq.pdbx_db_align_end_ins_code 
_struct_ref_seq.pdbx_auth_seq_align_beg 
_struct_ref_seq.pdbx_auth_seq_align_end 
1 1 1JMT A 1 ? 104 ? Q01081 43 ? 146 ? 43 146 
2 2 1JMT B 1 ? 28  ? P26368 85 ? 112 ? 85 112 
# 
_struct_ref_seq_dif.align_id                     1 
_struct_ref_seq_dif.pdbx_pdb_id_code             1JMT 
_struct_ref_seq_dif.mon_id                       SER 
_struct_ref_seq_dif.pdbx_pdb_strand_id           A 
_struct_ref_seq_dif.seq_num                      25 
_struct_ref_seq_dif.pdbx_pdb_ins_code            ? 
_struct_ref_seq_dif.pdbx_seq_db_name             UNP 
_struct_ref_seq_dif.pdbx_seq_db_accession_code   Q01081 
_struct_ref_seq_dif.db_mon_id                    CYS 
_struct_ref_seq_dif.pdbx_seq_db_seq_num          67 
_struct_ref_seq_dif.details                      'engineered mutation' 
_struct_ref_seq_dif.pdbx_auth_seq_num            67 
_struct_ref_seq_dif.pdbx_ordinal                 1 
# 
_pdbx_struct_assembly.id                   1 
_pdbx_struct_assembly.details              author_and_software_defined_assembly 
_pdbx_struct_assembly.method_details       PISA 
_pdbx_struct_assembly.oligomeric_details   dimeric 
_pdbx_struct_assembly.oligomeric_count     2 
# 
loop_
_pdbx_struct_assembly_prop.biol_id 
_pdbx_struct_assembly_prop.type 
_pdbx_struct_assembly_prop.value 
_pdbx_struct_assembly_prop.details 
1 'ABSA (A^2)' 1990 ? 
1 MORE         -1   ? 
1 'SSA (A^2)'  7950 ? 
# 
_pdbx_struct_assembly_gen.assembly_id       1 
_pdbx_struct_assembly_gen.oper_expression   1 
_pdbx_struct_assembly_gen.asym_id_list      A,B,C,D,E,F 
# 
_pdbx_struct_oper_list.id                   1 
_pdbx_struct_oper_list.type                 'identity operation' 
_pdbx_struct_oper_list.name                 1_555 
_pdbx_struct_oper_list.symmetry_operation   x,y,z 
_pdbx_struct_oper_list.matrix[1][1]         1.0000000000 
_pdbx_struct_oper_list.matrix[1][2]         0.0000000000 
_pdbx_struct_oper_list.matrix[1][3]         0.0000000000 
_pdbx_struct_oper_list.vector[1]            0.0000000000 
_pdbx_struct_oper_list.matrix[2][1]         0.0000000000 
_pdbx_struct_oper_list.matrix[2][2]         1.0000000000 
_pdbx_struct_oper_list.matrix[2][3]         0.0000000000 
_pdbx_struct_oper_list.vector[2]            0.0000000000 
_pdbx_struct_oper_list.matrix[3][1]         0.0000000000 
_pdbx_struct_oper_list.matrix[3][2]         0.0000000000 
_pdbx_struct_oper_list.matrix[3][3]         1.0000000000 
_pdbx_struct_oper_list.vector[3]            0.0000000000 
# 
loop_
_struct_conf.conf_type_id 
_struct_conf.id 
_struct_conf.pdbx_PDB_helix_id 
_struct_conf.beg_label_comp_id 
_struct_conf.beg_label_asym_id 
_struct_conf.beg_label_seq_id 
_struct_conf.pdbx_beg_PDB_ins_code 
_struct_conf.end_label_comp_id 
_struct_conf.end_label_asym_id 
_struct_conf.end_label_seq_id 
_struct_conf.pdbx_end_PDB_ins_code 
_struct_conf.beg_auth_comp_id 
_struct_conf.beg_auth_asym_id 
_struct_conf.beg_auth_seq_id 
_struct_conf.end_auth_comp_id 
_struct_conf.end_auth_asym_id 
_struct_conf.end_auth_seq_id 
_struct_conf.pdbx_PDB_helix_class 
_struct_conf.details 
_struct_conf.pdbx_PDB_helix_length 
HELX_P HELX_P1 1 ASP A 21 ? TYR A 51 ? ASP A 63  TYR A 93  1 ? 31 
HELX_P HELX_P2 2 ARG A 77 ? ASN A 89 ? ARG A 119 ASN A 131 1 ? 13 
HELX_P HELX_P3 3 THR B 19 ? MET B 26 ? THR B 103 MET B 110 1 ? 8  
# 
_struct_conf_type.id          HELX_P 
_struct_conf_type.criteria    ? 
_struct_conf_type.reference   ? 
# 
loop_
_struct_sheet.id 
_struct_sheet.type 
_struct_sheet.number_strands 
_struct_sheet.details 
A ? 4 ? 
B ? 2 ? 
# 
loop_
_struct_sheet_order.sheet_id 
_struct_sheet_order.range_id_1 
_struct_sheet_order.range_id_2 
_struct_sheet_order.offset 
_struct_sheet_order.sense 
A 1 2 ? anti-parallel 
A 2 3 ? anti-parallel 
A 3 4 ? anti-parallel 
B 1 2 ? anti-parallel 
# 
loop_
_struct_sheet_range.sheet_id 
_struct_sheet_range.id 
_struct_sheet_range.beg_label_comp_id 
_struct_sheet_range.beg_label_asym_id 
_struct_sheet_range.beg_label_seq_id 
_struct_sheet_range.pdbx_beg_PDB_ins_code 
_struct_sheet_range.end_label_comp_id 
_struct_sheet_range.end_label_asym_id 
_struct_sheet_range.end_label_seq_id 
_struct_sheet_range.pdbx_end_PDB_ins_code 
_struct_sheet_range.beg_auth_comp_id 
_struct_sheet_range.beg_auth_asym_id 
_struct_sheet_range.beg_auth_seq_id 
_struct_sheet_range.end_auth_comp_id 
_struct_sheet_range.end_auth_asym_id 
_struct_sheet_range.end_auth_seq_id 
A 1 VAL A 54  ? VAL A 59  ? VAL A 96  VAL A 101 
A 2 VAL A 68  ? PHE A 75  ? VAL A 110 PHE A 117 
A 3 THR A 3   ? ARG A 11  ? THR A 45  ARG A 53  
A 4 ALA A 100 ? LEU A 102 ? ALA A 142 LEU A 144 
B 1 TRP A 92  ? PHE A 93  ? TRP A 134 PHE A 135 
B 2 GLN A 96  ? PRO A 97  ? GLN A 138 PRO A 139 
# 
loop_
_pdbx_struct_sheet_hbond.sheet_id 
_pdbx_struct_sheet_hbond.range_id_1 
_pdbx_struct_sheet_hbond.range_id_2 
_pdbx_struct_sheet_hbond.range_1_label_atom_id 
_pdbx_struct_sheet_hbond.range_1_label_comp_id 
_pdbx_struct_sheet_hbond.range_1_label_asym_id 
_pdbx_struct_sheet_hbond.range_1_label_seq_id 
_pdbx_struct_sheet_hbond.range_1_PDB_ins_code 
_pdbx_struct_sheet_hbond.range_1_auth_atom_id 
_pdbx_struct_sheet_hbond.range_1_auth_comp_id 
_pdbx_struct_sheet_hbond.range_1_auth_asym_id 
_pdbx_struct_sheet_hbond.range_1_auth_seq_id 
_pdbx_struct_sheet_hbond.range_2_label_atom_id 
_pdbx_struct_sheet_hbond.range_2_label_comp_id 
_pdbx_struct_sheet_hbond.range_2_label_asym_id 
_pdbx_struct_sheet_hbond.range_2_label_seq_id 
_pdbx_struct_sheet_hbond.range_2_PDB_ins_code 
_pdbx_struct_sheet_hbond.range_2_auth_atom_id 
_pdbx_struct_sheet_hbond.range_2_auth_comp_id 
_pdbx_struct_sheet_hbond.range_2_auth_asym_id 
_pdbx_struct_sheet_hbond.range_2_auth_seq_id 
A 1 2 O ASN A 58 ? O ASN A 100 N TYR A 72  ? N TYR A 114 
A 2 3 O VAL A 73 ? O VAL A 115 N ILE A 4   ? N ILE A 46  
A 3 4 N ALA A 5  ? N ALA A 47  O GLU A 101 ? O GLU A 143 
B 1 2 N PHE A 93 ? N PHE A 135 O GLN A 96  ? O GLN A 138 
# 
loop_
_struct_site.id 
_struct_site.pdbx_evidence_code 
_struct_site.pdbx_auth_asym_id 
_struct_site.pdbx_auth_comp_id 
_struct_site.pdbx_auth_seq_id 
_struct_site.pdbx_auth_ins_code 
_struct_site.pdbx_num_residues 
_struct_site.details 
AC1 Software B HEZ 201 ? 5 'BINDING SITE FOR RESIDUE HEZ B 201' 
AC2 Software A HEZ 202 ? 4 'BINDING SITE FOR RESIDUE HEZ A 202' 
# 
loop_
_struct_site_gen.id 
_struct_site_gen.site_id 
_struct_site_gen.pdbx_num_res 
_struct_site_gen.label_comp_id 
_struct_site_gen.label_asym_id 
_struct_site_gen.label_seq_id 
_struct_site_gen.pdbx_auth_ins_code 
_struct_site_gen.auth_comp_id 
_struct_site_gen.auth_asym_id 
_struct_site_gen.auth_seq_id 
_struct_site_gen.label_atom_id 
_struct_site_gen.label_alt_id 
_struct_site_gen.symmetry 
_struct_site_gen.details 
1 AC1 5 GLN B 22 ? GLN B 106 . ? 3_656 ? 
2 AC1 5 GLN B 22 ? GLN B 106 . ? 1_555 ? 
3 AC1 5 MET B 26 ? MET B 110 . ? 3_656 ? 
4 AC1 5 MET B 26 ? MET B 110 . ? 2_665 ? 
5 AC1 5 HOH F .  ? HOH B 214 . ? 1_555 ? 
6 AC2 4 LYS A 50 ? LYS A 92  . ? 1_555 ? 
7 AC2 4 ASP A 87 ? ASP A 129 . ? 1_555 ? 
8 AC2 4 ARG A 91 ? ARG A 133 . ? 1_555 ? 
9 AC2 4 ASP B 9  ? ASP B 93  . ? 1_555 ? 
# 
_pdbx_validate_close_contact.id               1 
_pdbx_validate_close_contact.PDB_model_num    1 
_pdbx_validate_close_contact.auth_atom_id_1   O 
_pdbx_validate_close_contact.auth_asym_id_1   A 
_pdbx_validate_close_contact.auth_comp_id_1   ASP 
_pdbx_validate_close_contact.auth_seq_id_1    63 
_pdbx_validate_close_contact.PDB_ins_code_1   ? 
_pdbx_validate_close_contact.label_alt_id_1   ? 
_pdbx_validate_close_contact.auth_atom_id_2   N 
_pdbx_validate_close_contact.auth_asym_id_2   A 
_pdbx_validate_close_contact.auth_comp_id_2   ARG 
_pdbx_validate_close_contact.auth_seq_id_2    66 
_pdbx_validate_close_contact.PDB_ins_code_2   ? 
_pdbx_validate_close_contact.label_alt_id_2   ? 
_pdbx_validate_close_contact.dist             2.13 
# 
_pdbx_validate_symm_contact.id                1 
_pdbx_validate_symm_contact.PDB_model_num     1 
_pdbx_validate_symm_contact.auth_atom_id_1    O 
_pdbx_validate_symm_contact.auth_asym_id_1    A 
_pdbx_validate_symm_contact.auth_comp_id_1    GLU 
_pdbx_validate_symm_contact.auth_seq_id_1     90 
_pdbx_validate_symm_contact.PDB_ins_code_1    ? 
_pdbx_validate_symm_contact.label_alt_id_1    ? 
_pdbx_validate_symm_contact.site_symmetry_1   1_555 
_pdbx_validate_symm_contact.auth_atom_id_2    NH2 
_pdbx_validate_symm_contact.auth_asym_id_2    A 
_pdbx_validate_symm_contact.auth_comp_id_2    ARG 
_pdbx_validate_symm_contact.auth_seq_id_2     119 
_pdbx_validate_symm_contact.PDB_ins_code_2    ? 
_pdbx_validate_symm_contact.label_alt_id_2    ? 
_pdbx_validate_symm_contact.site_symmetry_2   2_555 
_pdbx_validate_symm_contact.dist              2.08 
# 
loop_
_pdbx_validate_torsion.id 
_pdbx_validate_torsion.PDB_model_num 
_pdbx_validate_torsion.auth_comp_id 
_pdbx_validate_torsion.auth_asym_id 
_pdbx_validate_torsion.auth_seq_id 
_pdbx_validate_torsion.PDB_ins_code 
_pdbx_validate_torsion.label_alt_id 
_pdbx_validate_torsion.phi 
_pdbx_validate_torsion.psi 
1 1 ASN A 54  ? ? -170.20 67.81  
2 1 PRO A 55  ? ? -48.98  -85.10 
3 1 HIS A 108 ? ? 61.80   -1.03  
# 
loop_
_pdbx_unobs_or_zero_occ_residues.id 
_pdbx_unobs_or_zero_occ_residues.PDB_model_num 
_pdbx_unobs_or_zero_occ_residues.polymer_flag 
_pdbx_unobs_or_zero_occ_residues.occupancy_flag 
_pdbx_unobs_or_zero_occ_residues.auth_asym_id 
_pdbx_unobs_or_zero_occ_residues.auth_comp_id 
_pdbx_unobs_or_zero_occ_residues.auth_seq_id 
_pdbx_unobs_or_zero_occ_residues.PDB_ins_code 
_pdbx_unobs_or_zero_occ_residues.label_asym_id 
_pdbx_unobs_or_zero_occ_residues.label_comp_id 
_pdbx_unobs_or_zero_occ_residues.label_seq_id 
1  1 Y 1 A ASN 57 ? A ASN 15 
2  1 Y 1 A SER 58 ? A SER 16 
3  1 Y 1 A SER 59 ? A SER 17 
4  1 Y 1 A GLN 60 ? A GLN 18 
5  1 Y 1 A SER 61 ? A SER 19 
6  1 Y 1 A ALA 62 ? A ALA 20 
7  1 Y 1 B LYS 85 ? B LYS 1  
8  1 Y 1 B LYS 86 ? B LYS 2  
9  1 Y 1 B LYS 87 ? B LYS 3  
10 1 Y 1 B VAL 88 ? B VAL 4  
11 1 Y 1 B ARG 89 ? B ARG 5  
# 
loop_
_chem_comp_atom.comp_id 
_chem_comp_atom.atom_id 
_chem_comp_atom.type_symbol 
_chem_comp_atom.pdbx_aromatic_flag 
_chem_comp_atom.pdbx_stereo_config 
_chem_comp_atom.pdbx_ordinal 
ALA N    N N N 1   
ALA CA   C N S 2   
ALA C    C N N 3   
ALA O    O N N 4   
ALA CB   C N N 5   
ALA OXT  O N N 6   
ALA H    H N N 7   
ALA H2   H N N 8   
ALA HA   H N N 9   
ALA HB1  H N N 10  
ALA HB2  H N N 11  
ALA HB3  H N N 12  
ALA HXT  H N N 13  
ARG N    N N N 14  
ARG CA   C N S 15  
ARG C    C N N 16  
ARG O    O N N 17  
ARG CB   C N N 18  
ARG CG   C N N 19  
ARG CD   C N N 20  
ARG NE   N N N 21  
ARG CZ   C N N 22  
ARG NH1  N N N 23  
ARG NH2  N N N 24  
ARG OXT  O N N 25  
ARG H    H N N 26  
ARG H2   H N N 27  
ARG HA   H N N 28  
ARG HB2  H N N 29  
ARG HB3  H N N 30  
ARG HG2  H N N 31  
ARG HG3  H N N 32  
ARG HD2  H N N 33  
ARG HD3  H N N 34  
ARG HE   H N N 35  
ARG HH11 H N N 36  
ARG HH12 H N N 37  
ARG HH21 H N N 38  
ARG HH22 H N N 39  
ARG HXT  H N N 40  
ASN N    N N N 41  
ASN CA   C N S 42  
ASN C    C N N 43  
ASN O    O N N 44  
ASN CB   C N N 45  
ASN CG   C N N 46  
ASN OD1  O N N 47  
ASN ND2  N N N 48  
ASN OXT  O N N 49  
ASN H    H N N 50  
ASN H2   H N N 51  
ASN HA   H N N 52  
ASN HB2  H N N 53  
ASN HB3  H N N 54  
ASN HD21 H N N 55  
ASN HD22 H N N 56  
ASN HXT  H N N 57  
ASP N    N N N 58  
ASP CA   C N S 59  
ASP C    C N N 60  
ASP O    O N N 61  
ASP CB   C N N 62  
ASP CG   C N N 63  
ASP OD1  O N N 64  
ASP OD2  O N N 65  
ASP OXT  O N N 66  
ASP H    H N N 67  
ASP H2   H N N 68  
ASP HA   H N N 69  
ASP HB2  H N N 70  
ASP HB3  H N N 71  
ASP HD2  H N N 72  
ASP HXT  H N N 73  
CYS N    N N N 74  
CYS CA   C N R 75  
CYS C    C N N 76  
CYS O    O N N 77  
CYS CB   C N N 78  
CYS SG   S N N 79  
CYS OXT  O N N 80  
CYS H    H N N 81  
CYS H2   H N N 82  
CYS HA   H N N 83  
CYS HB2  H N N 84  
CYS HB3  H N N 85  
CYS HG   H N N 86  
CYS HXT  H N N 87  
GLN N    N N N 88  
GLN CA   C N S 89  
GLN C    C N N 90  
GLN O    O N N 91  
GLN CB   C N N 92  
GLN CG   C N N 93  
GLN CD   C N N 94  
GLN OE1  O N N 95  
GLN NE2  N N N 96  
GLN OXT  O N N 97  
GLN H    H N N 98  
GLN H2   H N N 99  
GLN HA   H N N 100 
GLN HB2  H N N 101 
GLN HB3  H N N 102 
GLN HG2  H N N 103 
GLN HG3  H N N 104 
GLN HE21 H N N 105 
GLN HE22 H N N 106 
GLN HXT  H N N 107 
GLU N    N N N 108 
GLU CA   C N S 109 
GLU C    C N N 110 
GLU O    O N N 111 
GLU CB   C N N 112 
GLU CG   C N N 113 
GLU CD   C N N 114 
GLU OE1  O N N 115 
GLU OE2  O N N 116 
GLU OXT  O N N 117 
GLU H    H N N 118 
GLU H2   H N N 119 
GLU HA   H N N 120 
GLU HB2  H N N 121 
GLU HB3  H N N 122 
GLU HG2  H N N 123 
GLU HG3  H N N 124 
GLU HE2  H N N 125 
GLU HXT  H N N 126 
GLY N    N N N 127 
GLY CA   C N N 128 
GLY C    C N N 129 
GLY O    O N N 130 
GLY OXT  O N N 131 
GLY H    H N N 132 
GLY H2   H N N 133 
GLY HA2  H N N 134 
GLY HA3  H N N 135 
GLY HXT  H N N 136 
HEZ O1   O N N 137 
HEZ C1   C N N 138 
HEZ C2   C N N 139 
HEZ C3   C N N 140 
HEZ C4   C N N 141 
HEZ C5   C N N 142 
HEZ C6   C N N 143 
HEZ O6   O N N 144 
HEZ HO1  H N N 145 
HEZ H11  H N N 146 
HEZ H12  H N N 147 
HEZ H21  H N N 148 
HEZ H22  H N N 149 
HEZ H31  H N N 150 
HEZ H32  H N N 151 
HEZ H41  H N N 152 
HEZ H42  H N N 153 
HEZ H51  H N N 154 
HEZ H52  H N N 155 
HEZ H61  H N N 156 
HEZ H62  H N N 157 
HEZ HO6  H N N 158 
HIS N    N N N 159 
HIS CA   C N S 160 
HIS C    C N N 161 
HIS O    O N N 162 
HIS CB   C N N 163 
HIS CG   C Y N 164 
HIS ND1  N Y N 165 
HIS CD2  C Y N 166 
HIS CE1  C Y N 167 
HIS NE2  N Y N 168 
HIS OXT  O N N 169 
HIS H    H N N 170 
HIS H2   H N N 171 
HIS HA   H N N 172 
HIS HB2  H N N 173 
HIS HB3  H N N 174 
HIS HD1  H N N 175 
HIS HD2  H N N 176 
HIS HE1  H N N 177 
HIS HE2  H N N 178 
HIS HXT  H N N 179 
HOH O    O N N 180 
HOH H1   H N N 181 
HOH H2   H N N 182 
ILE N    N N N 183 
ILE CA   C N S 184 
ILE C    C N N 185 
ILE O    O N N 186 
ILE CB   C N S 187 
ILE CG1  C N N 188 
ILE CG2  C N N 189 
ILE CD1  C N N 190 
ILE OXT  O N N 191 
ILE H    H N N 192 
ILE H2   H N N 193 
ILE HA   H N N 194 
ILE HB   H N N 195 
ILE HG12 H N N 196 
ILE HG13 H N N 197 
ILE HG21 H N N 198 
ILE HG22 H N N 199 
ILE HG23 H N N 200 
ILE HD11 H N N 201 
ILE HD12 H N N 202 
ILE HD13 H N N 203 
ILE HXT  H N N 204 
LEU N    N N N 205 
LEU CA   C N S 206 
LEU C    C N N 207 
LEU O    O N N 208 
LEU CB   C N N 209 
LEU CG   C N N 210 
LEU CD1  C N N 211 
LEU CD2  C N N 212 
LEU OXT  O N N 213 
LEU H    H N N 214 
LEU H2   H N N 215 
LEU HA   H N N 216 
LEU HB2  H N N 217 
LEU HB3  H N N 218 
LEU HG   H N N 219 
LEU HD11 H N N 220 
LEU HD12 H N N 221 
LEU HD13 H N N 222 
LEU HD21 H N N 223 
LEU HD22 H N N 224 
LEU HD23 H N N 225 
LEU HXT  H N N 226 
LYS N    N N N 227 
LYS CA   C N S 228 
LYS C    C N N 229 
LYS O    O N N 230 
LYS CB   C N N 231 
LYS CG   C N N 232 
LYS CD   C N N 233 
LYS CE   C N N 234 
LYS NZ   N N N 235 
LYS OXT  O N N 236 
LYS H    H N N 237 
LYS H2   H N N 238 
LYS HA   H N N 239 
LYS HB2  H N N 240 
LYS HB3  H N N 241 
LYS HG2  H N N 242 
LYS HG3  H N N 243 
LYS HD2  H N N 244 
LYS HD3  H N N 245 
LYS HE2  H N N 246 
LYS HE3  H N N 247 
LYS HZ1  H N N 248 
LYS HZ2  H N N 249 
LYS HZ3  H N N 250 
LYS HXT  H N N 251 
MET N    N N N 252 
MET CA   C N S 253 
MET C    C N N 254 
MET O    O N N 255 
MET CB   C N N 256 
MET CG   C N N 257 
MET SD   S N N 258 
MET CE   C N N 259 
MET OXT  O N N 260 
MET H    H N N 261 
MET H2   H N N 262 
MET HA   H N N 263 
MET HB2  H N N 264 
MET HB3  H N N 265 
MET HG2  H N N 266 
MET HG3  H N N 267 
MET HE1  H N N 268 
MET HE2  H N N 269 
MET HE3  H N N 270 
MET HXT  H N N 271 
PHE N    N N N 272 
PHE CA   C N S 273 
PHE C    C N N 274 
PHE O    O N N 275 
PHE CB   C N N 276 
PHE CG   C Y N 277 
PHE CD1  C Y N 278 
PHE CD2  C Y N 279 
PHE CE1  C Y N 280 
PHE CE2  C Y N 281 
PHE CZ   C Y N 282 
PHE OXT  O N N 283 
PHE H    H N N 284 
PHE H2   H N N 285 
PHE HA   H N N 286 
PHE HB2  H N N 287 
PHE HB3  H N N 288 
PHE HD1  H N N 289 
PHE HD2  H N N 290 
PHE HE1  H N N 291 
PHE HE2  H N N 292 
PHE HZ   H N N 293 
PHE HXT  H N N 294 
PRO N    N N N 295 
PRO CA   C N S 296 
PRO C    C N N 297 
PRO O    O N N 298 
PRO CB   C N N 299 
PRO CG   C N N 300 
PRO CD   C N N 301 
PRO OXT  O N N 302 
PRO H    H N N 303 
PRO HA   H N N 304 
PRO HB2  H N N 305 
PRO HB3  H N N 306 
PRO HG2  H N N 307 
PRO HG3  H N N 308 
PRO HD2  H N N 309 
PRO HD3  H N N 310 
PRO HXT  H N N 311 
SER N    N N N 312 
SER CA   C N S 313 
SER C    C N N 314 
SER O    O N N 315 
SER CB   C N N 316 
SER OG   O N N 317 
SER OXT  O N N 318 
SER H    H N N 319 
SER H2   H N N 320 
SER HA   H N N 321 
SER HB2  H N N 322 
SER HB3  H N N 323 
SER HG   H N N 324 
SER HXT  H N N 325 
THR N    N N N 326 
THR CA   C N S 327 
THR C    C N N 328 
THR O    O N N 329 
THR CB   C N R 330 
THR OG1  O N N 331 
THR CG2  C N N 332 
THR OXT  O N N 333 
THR H    H N N 334 
THR H2   H N N 335 
THR HA   H N N 336 
THR HB   H N N 337 
THR HG1  H N N 338 
THR HG21 H N N 339 
THR HG22 H N N 340 
THR HG23 H N N 341 
THR HXT  H N N 342 
TRP N    N N N 343 
TRP CA   C N S 344 
TRP C    C N N 345 
TRP O    O N N 346 
TRP CB   C N N 347 
TRP CG   C Y N 348 
TRP CD1  C Y N 349 
TRP CD2  C Y N 350 
TRP NE1  N Y N 351 
TRP CE2  C Y N 352 
TRP CE3  C Y N 353 
TRP CZ2  C Y N 354 
TRP CZ3  C Y N 355 
TRP CH2  C Y N 356 
TRP OXT  O N N 357 
TRP H    H N N 358 
TRP H2   H N N 359 
TRP HA   H N N 360 
TRP HB2  H N N 361 
TRP HB3  H N N 362 
TRP HD1  H N N 363 
TRP HE1  H N N 364 
TRP HE3  H N N 365 
TRP HZ2  H N N 366 
TRP HZ3  H N N 367 
TRP HH2  H N N 368 
TRP HXT  H N N 369 
TYR N    N N N 370 
TYR CA   C N S 371 
TYR C    C N N 372 
TYR O    O N N 373 
TYR CB   C N N 374 
TYR CG   C Y N 375 
TYR CD1  C Y N 376 
TYR CD2  C Y N 377 
TYR CE1  C Y N 378 
TYR CE2  C Y N 379 
TYR CZ   C Y N 380 
TYR OH   O N N 381 
TYR OXT  O N N 382 
TYR H    H N N 383 
TYR H2   H N N 384 
TYR HA   H N N 385 
TYR HB2  H N N 386 
TYR HB3  H N N 387 
TYR HD1  H N N 388 
TYR HD2  H N N 389 
TYR HE1  H N N 390 
TYR HE2  H N N 391 
TYR HH   H N N 392 
TYR HXT  H N N 393 
VAL N    N N N 394 
VAL CA   C N S 395 
VAL C    C N N 396 
VAL O    O N N 397 
VAL CB   C N N 398 
VAL CG1  C N N 399 
VAL CG2  C N N 400 
VAL OXT  O N N 401 
VAL H    H N N 402 
VAL H2   H N N 403 
VAL HA   H N N 404 
VAL HB   H N N 405 
VAL HG11 H N N 406 
VAL HG12 H N N 407 
VAL HG13 H N N 408 
VAL HG21 H N N 409 
VAL HG22 H N N 410 
VAL HG23 H N N 411 
VAL HXT  H N N 412 
# 
loop_
_chem_comp_bond.comp_id 
_chem_comp_bond.atom_id_1 
_chem_comp_bond.atom_id_2 
_chem_comp_bond.value_order 
_chem_comp_bond.pdbx_aromatic_flag 
_chem_comp_bond.pdbx_stereo_config 
_chem_comp_bond.pdbx_ordinal 
ALA N   CA   sing N N 1   
ALA N   H    sing N N 2   
ALA N   H2   sing N N 3   
ALA CA  C    sing N N 4   
ALA CA  CB   sing N N 5   
ALA CA  HA   sing N N 6   
ALA C   O    doub N N 7   
ALA C   OXT  sing N N 8   
ALA CB  HB1  sing N N 9   
ALA CB  HB2  sing N N 10  
ALA CB  HB3  sing N N 11  
ALA OXT HXT  sing N N 12  
ARG N   CA   sing N N 13  
ARG N   H    sing N N 14  
ARG N   H2   sing N N 15  
ARG CA  C    sing N N 16  
ARG CA  CB   sing N N 17  
ARG CA  HA   sing N N 18  
ARG C   O    doub N N 19  
ARG C   OXT  sing N N 20  
ARG CB  CG   sing N N 21  
ARG CB  HB2  sing N N 22  
ARG CB  HB3  sing N N 23  
ARG CG  CD   sing N N 24  
ARG CG  HG2  sing N N 25  
ARG CG  HG3  sing N N 26  
ARG CD  NE   sing N N 27  
ARG CD  HD2  sing N N 28  
ARG CD  HD3  sing N N 29  
ARG NE  CZ   sing N N 30  
ARG NE  HE   sing N N 31  
ARG CZ  NH1  sing N N 32  
ARG CZ  NH2  doub N N 33  
ARG NH1 HH11 sing N N 34  
ARG NH1 HH12 sing N N 35  
ARG NH2 HH21 sing N N 36  
ARG NH2 HH22 sing N N 37  
ARG OXT HXT  sing N N 38  
ASN N   CA   sing N N 39  
ASN N   H    sing N N 40  
ASN N   H2   sing N N 41  
ASN CA  C    sing N N 42  
ASN CA  CB   sing N N 43  
ASN CA  HA   sing N N 44  
ASN C   O    doub N N 45  
ASN C   OXT  sing N N 46  
ASN CB  CG   sing N N 47  
ASN CB  HB2  sing N N 48  
ASN CB  HB3  sing N N 49  
ASN CG  OD1  doub N N 50  
ASN CG  ND2  sing N N 51  
ASN ND2 HD21 sing N N 52  
ASN ND2 HD22 sing N N 53  
ASN OXT HXT  sing N N 54  
ASP N   CA   sing N N 55  
ASP N   H    sing N N 56  
ASP N   H2   sing N N 57  
ASP CA  C    sing N N 58  
ASP CA  CB   sing N N 59  
ASP CA  HA   sing N N 60  
ASP C   O    doub N N 61  
ASP C   OXT  sing N N 62  
ASP CB  CG   sing N N 63  
ASP CB  HB2  sing N N 64  
ASP CB  HB3  sing N N 65  
ASP CG  OD1  doub N N 66  
ASP CG  OD2  sing N N 67  
ASP OD2 HD2  sing N N 68  
ASP OXT HXT  sing N N 69  
CYS N   CA   sing N N 70  
CYS N   H    sing N N 71  
CYS N   H2   sing N N 72  
CYS CA  C    sing N N 73  
CYS CA  CB   sing N N 74  
CYS CA  HA   sing N N 75  
CYS C   O    doub N N 76  
CYS C   OXT  sing N N 77  
CYS CB  SG   sing N N 78  
CYS CB  HB2  sing N N 79  
CYS CB  HB3  sing N N 80  
CYS SG  HG   sing N N 81  
CYS OXT HXT  sing N N 82  
GLN N   CA   sing N N 83  
GLN N   H    sing N N 84  
GLN N   H2   sing N N 85  
GLN CA  C    sing N N 86  
GLN CA  CB   sing N N 87  
GLN CA  HA   sing N N 88  
GLN C   O    doub N N 89  
GLN C   OXT  sing N N 90  
GLN CB  CG   sing N N 91  
GLN CB  HB2  sing N N 92  
GLN CB  HB3  sing N N 93  
GLN CG  CD   sing N N 94  
GLN CG  HG2  sing N N 95  
GLN CG  HG3  sing N N 96  
GLN CD  OE1  doub N N 97  
GLN CD  NE2  sing N N 98  
GLN NE2 HE21 sing N N 99  
GLN NE2 HE22 sing N N 100 
GLN OXT HXT  sing N N 101 
GLU N   CA   sing N N 102 
GLU N   H    sing N N 103 
GLU N   H2   sing N N 104 
GLU CA  C    sing N N 105 
GLU CA  CB   sing N N 106 
GLU CA  HA   sing N N 107 
GLU C   O    doub N N 108 
GLU C   OXT  sing N N 109 
GLU CB  CG   sing N N 110 
GLU CB  HB2  sing N N 111 
GLU CB  HB3  sing N N 112 
GLU CG  CD   sing N N 113 
GLU CG  HG2  sing N N 114 
GLU CG  HG3  sing N N 115 
GLU CD  OE1  doub N N 116 
GLU CD  OE2  sing N N 117 
GLU OE2 HE2  sing N N 118 
GLU OXT HXT  sing N N 119 
GLY N   CA   sing N N 120 
GLY N   H    sing N N 121 
GLY N   H2   sing N N 122 
GLY CA  C    sing N N 123 
GLY CA  HA2  sing N N 124 
GLY CA  HA3  sing N N 125 
GLY C   O    doub N N 126 
GLY C   OXT  sing N N 127 
GLY OXT HXT  sing N N 128 
HEZ O1  C1   sing N N 129 
HEZ O1  HO1  sing N N 130 
HEZ C1  C2   sing N N 131 
HEZ C1  H11  sing N N 132 
HEZ C1  H12  sing N N 133 
HEZ C2  C3   sing N N 134 
HEZ C2  H21  sing N N 135 
HEZ C2  H22  sing N N 136 
HEZ C3  C4   sing N N 137 
HEZ C3  H31  sing N N 138 
HEZ C3  H32  sing N N 139 
HEZ C4  C5   sing N N 140 
HEZ C4  H41  sing N N 141 
HEZ C4  H42  sing N N 142 
HEZ C5  C6   sing N N 143 
HEZ C5  H51  sing N N 144 
HEZ C5  H52  sing N N 145 
HEZ C6  O6   sing N N 146 
HEZ C6  H61  sing N N 147 
HEZ C6  H62  sing N N 148 
HEZ O6  HO6  sing N N 149 
HIS N   CA   sing N N 150 
HIS N   H    sing N N 151 
HIS N   H2   sing N N 152 
HIS CA  C    sing N N 153 
HIS CA  CB   sing N N 154 
HIS CA  HA   sing N N 155 
HIS C   O    doub N N 156 
HIS C   OXT  sing N N 157 
HIS CB  CG   sing N N 158 
HIS CB  HB2  sing N N 159 
HIS CB  HB3  sing N N 160 
HIS CG  ND1  sing Y N 161 
HIS CG  CD2  doub Y N 162 
HIS ND1 CE1  doub Y N 163 
HIS ND1 HD1  sing N N 164 
HIS CD2 NE2  sing Y N 165 
HIS CD2 HD2  sing N N 166 
HIS CE1 NE2  sing Y N 167 
HIS CE1 HE1  sing N N 168 
HIS NE2 HE2  sing N N 169 
HIS OXT HXT  sing N N 170 
HOH O   H1   sing N N 171 
HOH O   H2   sing N N 172 
ILE N   CA   sing N N 173 
ILE N   H    sing N N 174 
ILE N   H2   sing N N 175 
ILE CA  C    sing N N 176 
ILE CA  CB   sing N N 177 
ILE CA  HA   sing N N 178 
ILE C   O    doub N N 179 
ILE C   OXT  sing N N 180 
ILE CB  CG1  sing N N 181 
ILE CB  CG2  sing N N 182 
ILE CB  HB   sing N N 183 
ILE CG1 CD1  sing N N 184 
ILE CG1 HG12 sing N N 185 
ILE CG1 HG13 sing N N 186 
ILE CG2 HG21 sing N N 187 
ILE CG2 HG22 sing N N 188 
ILE CG2 HG23 sing N N 189 
ILE CD1 HD11 sing N N 190 
ILE CD1 HD12 sing N N 191 
ILE CD1 HD13 sing N N 192 
ILE OXT HXT  sing N N 193 
LEU N   CA   sing N N 194 
LEU N   H    sing N N 195 
LEU N   H2   sing N N 196 
LEU CA  C    sing N N 197 
LEU CA  CB   sing N N 198 
LEU CA  HA   sing N N 199 
LEU C   O    doub N N 200 
LEU C   OXT  sing N N 201 
LEU CB  CG   sing N N 202 
LEU CB  HB2  sing N N 203 
LEU CB  HB3  sing N N 204 
LEU CG  CD1  sing N N 205 
LEU CG  CD2  sing N N 206 
LEU CG  HG   sing N N 207 
LEU CD1 HD11 sing N N 208 
LEU CD1 HD12 sing N N 209 
LEU CD1 HD13 sing N N 210 
LEU CD2 HD21 sing N N 211 
LEU CD2 HD22 sing N N 212 
LEU CD2 HD23 sing N N 213 
LEU OXT HXT  sing N N 214 
LYS N   CA   sing N N 215 
LYS N   H    sing N N 216 
LYS N   H2   sing N N 217 
LYS CA  C    sing N N 218 
LYS CA  CB   sing N N 219 
LYS CA  HA   sing N N 220 
LYS C   O    doub N N 221 
LYS C   OXT  sing N N 222 
LYS CB  CG   sing N N 223 
LYS CB  HB2  sing N N 224 
LYS CB  HB3  sing N N 225 
LYS CG  CD   sing N N 226 
LYS CG  HG2  sing N N 227 
LYS CG  HG3  sing N N 228 
LYS CD  CE   sing N N 229 
LYS CD  HD2  sing N N 230 
LYS CD  HD3  sing N N 231 
LYS CE  NZ   sing N N 232 
LYS CE  HE2  sing N N 233 
LYS CE  HE3  sing N N 234 
LYS NZ  HZ1  sing N N 235 
LYS NZ  HZ2  sing N N 236 
LYS NZ  HZ3  sing N N 237 
LYS OXT HXT  sing N N 238 
MET N   CA   sing N N 239 
MET N   H    sing N N 240 
MET N   H2   sing N N 241 
MET CA  C    sing N N 242 
MET CA  CB   sing N N 243 
MET CA  HA   sing N N 244 
MET C   O    doub N N 245 
MET C   OXT  sing N N 246 
MET CB  CG   sing N N 247 
MET CB  HB2  sing N N 248 
MET CB  HB3  sing N N 249 
MET CG  SD   sing N N 250 
MET CG  HG2  sing N N 251 
MET CG  HG3  sing N N 252 
MET SD  CE   sing N N 253 
MET CE  HE1  sing N N 254 
MET CE  HE2  sing N N 255 
MET CE  HE3  sing N N 256 
MET OXT HXT  sing N N 257 
PHE N   CA   sing N N 258 
PHE N   H    sing N N 259 
PHE N   H2   sing N N 260 
PHE CA  C    sing N N 261 
PHE CA  CB   sing N N 262 
PHE CA  HA   sing N N 263 
PHE C   O    doub N N 264 
PHE C   OXT  sing N N 265 
PHE CB  CG   sing N N 266 
PHE CB  HB2  sing N N 267 
PHE CB  HB3  sing N N 268 
PHE CG  CD1  doub Y N 269 
PHE CG  CD2  sing Y N 270 
PHE CD1 CE1  sing Y N 271 
PHE CD1 HD1  sing N N 272 
PHE CD2 CE2  doub Y N 273 
PHE CD2 HD2  sing N N 274 
PHE CE1 CZ   doub Y N 275 
PHE CE1 HE1  sing N N 276 
PHE CE2 CZ   sing Y N 277 
PHE CE2 HE2  sing N N 278 
PHE CZ  HZ   sing N N 279 
PHE OXT HXT  sing N N 280 
PRO N   CA   sing N N 281 
PRO N   CD   sing N N 282 
PRO N   H    sing N N 283 
PRO CA  C    sing N N 284 
PRO CA  CB   sing N N 285 
PRO CA  HA   sing N N 286 
PRO C   O    doub N N 287 
PRO C   OXT  sing N N 288 
PRO CB  CG   sing N N 289 
PRO CB  HB2  sing N N 290 
PRO CB  HB3  sing N N 291 
PRO CG  CD   sing N N 292 
PRO CG  HG2  sing N N 293 
PRO CG  HG3  sing N N 294 
PRO CD  HD2  sing N N 295 
PRO CD  HD3  sing N N 296 
PRO OXT HXT  sing N N 297 
SER N   CA   sing N N 298 
SER N   H    sing N N 299 
SER N   H2   sing N N 300 
SER CA  C    sing N N 301 
SER CA  CB   sing N N 302 
SER CA  HA   sing N N 303 
SER C   O    doub N N 304 
SER C   OXT  sing N N 305 
SER CB  OG   sing N N 306 
SER CB  HB2  sing N N 307 
SER CB  HB3  sing N N 308 
SER OG  HG   sing N N 309 
SER OXT HXT  sing N N 310 
THR N   CA   sing N N 311 
THR N   H    sing N N 312 
THR N   H2   sing N N 313 
THR CA  C    sing N N 314 
THR CA  CB   sing N N 315 
THR CA  HA   sing N N 316 
THR C   O    doub N N 317 
THR C   OXT  sing N N 318 
THR CB  OG1  sing N N 319 
THR CB  CG2  sing N N 320 
THR CB  HB   sing N N 321 
THR OG1 HG1  sing N N 322 
THR CG2 HG21 sing N N 323 
THR CG2 HG22 sing N N 324 
THR CG2 HG23 sing N N 325 
THR OXT HXT  sing N N 326 
TRP N   CA   sing N N 327 
TRP N   H    sing N N 328 
TRP N   H2   sing N N 329 
TRP CA  C    sing N N 330 
TRP CA  CB   sing N N 331 
TRP CA  HA   sing N N 332 
TRP C   O    doub N N 333 
TRP C   OXT  sing N N 334 
TRP CB  CG   sing N N 335 
TRP CB  HB2  sing N N 336 
TRP CB  HB3  sing N N 337 
TRP CG  CD1  doub Y N 338 
TRP CG  CD2  sing Y N 339 
TRP CD1 NE1  sing Y N 340 
TRP CD1 HD1  sing N N 341 
TRP CD2 CE2  doub Y N 342 
TRP CD2 CE3  sing Y N 343 
TRP NE1 CE2  sing Y N 344 
TRP NE1 HE1  sing N N 345 
TRP CE2 CZ2  sing Y N 346 
TRP CE3 CZ3  doub Y N 347 
TRP CE3 HE3  sing N N 348 
TRP CZ2 CH2  doub Y N 349 
TRP CZ2 HZ2  sing N N 350 
TRP CZ3 CH2  sing Y N 351 
TRP CZ3 HZ3  sing N N 352 
TRP CH2 HH2  sing N N 353 
TRP OXT HXT  sing N N 354 
TYR N   CA   sing N N 355 
TYR N   H    sing N N 356 
TYR N   H2   sing N N 357 
TYR CA  C    sing N N 358 
TYR CA  CB   sing N N 359 
TYR CA  HA   sing N N 360 
TYR C   O    doub N N 361 
TYR C   OXT  sing N N 362 
TYR CB  CG   sing N N 363 
TYR CB  HB2  sing N N 364 
TYR CB  HB3  sing N N 365 
TYR CG  CD1  doub Y N 366 
TYR CG  CD2  sing Y N 367 
TYR CD1 CE1  sing Y N 368 
TYR CD1 HD1  sing N N 369 
TYR CD2 CE2  doub Y N 370 
TYR CD2 HD2  sing N N 371 
TYR CE1 CZ   doub Y N 372 
TYR CE1 HE1  sing N N 373 
TYR CE2 CZ   sing Y N 374 
TYR CE2 HE2  sing N N 375 
TYR CZ  OH   sing N N 376 
TYR OH  HH   sing N N 377 
TYR OXT HXT  sing N N 378 
VAL N   CA   sing N N 379 
VAL N   H    sing N N 380 
VAL N   H2   sing N N 381 
VAL CA  C    sing N N 382 
VAL CA  CB   sing N N 383 
VAL CA  HA   sing N N 384 
VAL C   O    doub N N 385 
VAL C   OXT  sing N N 386 
VAL CB  CG1  sing N N 387 
VAL CB  CG2  sing N N 388 
VAL CB  HB   sing N N 389 
VAL CG1 HG11 sing N N 390 
VAL CG1 HG12 sing N N 391 
VAL CG1 HG13 sing N N 392 
VAL CG2 HG21 sing N N 393 
VAL CG2 HG22 sing N N 394 
VAL CG2 HG23 sing N N 395 
VAL OXT HXT  sing N N 396 
# 
_atom_sites.entry_id                    1JMT 
_atom_sites.fract_transf_matrix[1][1]   -0.01088836 
_atom_sites.fract_transf_matrix[1][2]   -0.02066907 
_atom_sites.fract_transf_matrix[1][3]   -0.00585838 
_atom_sites.fract_transf_matrix[2][1]   -0.01603176 
_atom_sites.fract_transf_matrix[2][2]   0.00536056 
_atom_sites.fract_transf_matrix[2][3]   0.01088384 
_atom_sites.fract_transf_matrix[3][1]   -0.00433733 
_atom_sites.fract_transf_matrix[3][2]   0.00476025 
_atom_sites.fract_transf_matrix[3][3]   -0.00873337 
_atom_sites.fract_transf_vector[1]      0.218271 
_atom_sites.fract_transf_vector[2]      0.348966 
_atom_sites.fract_transf_vector[3]      0.276191 
# 
loop_
_atom_type.symbol 
C 
N 
O 
S 
# 
loop_
_atom_site.group_PDB 
_atom_site.id 
_atom_site.type_symbol 
_atom_site.label_atom_id 
_atom_site.label_alt_id 
_atom_site.label_comp_id 
_atom_site.label_asym_id 
_atom_site.label_entity_id 
_atom_site.label_seq_id 
_atom_site.pdbx_PDB_ins_code 
_atom_site.Cartn_x 
_atom_site.Cartn_y 
_atom_site.Cartn_z 
_atom_site.occupancy 
_atom_site.B_iso_or_equiv 
_atom_site.pdbx_formal_charge 
_atom_site.auth_seq_id 
_atom_site.auth_comp_id 
_atom_site.auth_asym_id 
_atom_site.auth_atom_id 
_atom_site.pdbx_PDB_model_num 
ATOM   1    N N   . SER A 1 1   ? 8.515   16.604  -5.126  1.00 64.69 ? 43  SER A N   1 
ATOM   2    C CA  . SER A 1 1   ? 8.590   15.790  -3.876  1.00 65.56 ? 43  SER A CA  1 
ATOM   3    C C   . SER A 1 1   ? 9.194   14.411  -4.150  1.00 62.46 ? 43  SER A C   1 
ATOM   4    O O   . SER A 1 1   ? 9.066   13.876  -5.254  1.00 66.24 ? 43  SER A O   1 
ATOM   5    C CB  . SER A 1 1   ? 7.190   15.632  -3.274  1.00 64.59 ? 43  SER A CB  1 
ATOM   6    O OG  . SER A 1 1   ? 7.230   14.890  -2.067  1.00 67.32 ? 43  SER A OG  1 
ATOM   7    N N   . GLN A 1 2   ? 9.856   13.844  -3.145  1.00 57.18 ? 44  GLN A N   1 
ATOM   8    C CA  . GLN A 1 2   ? 10.470  12.522  -3.270  1.00 54.48 ? 44  GLN A CA  1 
ATOM   9    C C   . GLN A 1 2   ? 9.593   11.503  -2.551  1.00 49.56 ? 44  GLN A C   1 
ATOM   10   O O   . GLN A 1 2   ? 9.858   10.302  -2.583  1.00 48.22 ? 44  GLN A O   1 
ATOM   11   C CB  . GLN A 1 2   ? 11.853  12.503  -2.619  1.00 55.17 ? 44  GLN A CB  1 
ATOM   12   C CG  . GLN A 1 2   ? 12.836  13.510  -3.167  1.00 60.44 ? 44  GLN A CG  1 
ATOM   13   C CD  . GLN A 1 2   ? 14.054  13.643  -2.277  1.00 61.58 ? 44  GLN A CD  1 
ATOM   14   O OE1 . GLN A 1 2   ? 14.824  12.696  -2.109  1.00 59.35 ? 44  GLN A OE1 1 
ATOM   15   N NE2 . GLN A 1 2   ? 14.231  14.822  -1.691  1.00 66.15 ? 44  GLN A NE2 1 
ATOM   16   N N   . THR A 1 3   ? 8.553   11.997  -1.897  1.00 47.39 ? 45  THR A N   1 
ATOM   17   C CA  . THR A 1 3   ? 7.660   11.141  -1.141  1.00 48.92 ? 45  THR A CA  1 
ATOM   18   C C   . THR A 1 3   ? 6.311   10.917  -1.810  1.00 44.93 ? 45  THR A C   1 
ATOM   19   O O   . THR A 1 3   ? 5.692   11.857  -2.308  1.00 39.67 ? 45  THR A O   1 
ATOM   20   C CB  . THR A 1 3   ? 7.406   11.730  0.253   1.00 45.00 ? 45  THR A CB  1 
ATOM   21   O OG1 . THR A 1 3   ? 8.655   12.076  0.858   1.00 51.19 ? 45  THR A OG1 1 
ATOM   22   C CG2 . THR A 1 3   ? 6.691   10.716  1.132   1.00 50.88 ? 45  THR A CG2 1 
ATOM   23   N N   . ILE A 1 4   ? 5.872   9.662   -1.818  1.00 39.44 ? 46  ILE A N   1 
ATOM   24   C CA  . ILE A 1 4   ? 4.581   9.292   -2.383  1.00 32.17 ? 46  ILE A CA  1 
ATOM   25   C C   . ILE A 1 4   ? 3.744   8.691   -1.251  1.00 31.56 ? 46  ILE A C   1 
ATOM   26   O O   . ILE A 1 4   ? 4.287   8.236   -0.244  1.00 32.87 ? 46  ILE A O   1 
ATOM   27   C CB  . ILE A 1 4   ? 4.716   8.235   -3.507  1.00 33.64 ? 46  ILE A CB  1 
ATOM   28   C CG1 . ILE A 1 4   ? 5.107   6.872   -2.918  1.00 31.76 ? 46  ILE A CG1 1 
ATOM   29   C CG2 . ILE A 1 4   ? 5.763   8.686   -4.519  1.00 32.26 ? 46  ILE A CG2 1 
ATOM   30   C CD1 . ILE A 1 4   ? 5.061   5.734   -3.934  1.00 29.83 ? 46  ILE A CD1 1 
ATOM   31   N N   . ALA A 1 5   ? 2.427   8.706   -1.415  1.00 31.38 ? 47  ALA A N   1 
ATOM   32   C CA  . ALA A 1 5   ? 1.520   8.146   -0.424  1.00 29.52 ? 47  ALA A CA  1 
ATOM   33   C C   . ALA A 1 5   ? 0.564   7.169   -1.086  1.00 28.06 ? 47  ALA A C   1 
ATOM   34   O O   . ALA A 1 5   ? -0.018  7.475   -2.122  1.00 28.65 ? 47  ALA A O   1 
ATOM   35   C CB  . ALA A 1 5   ? 0.721   9.260   0.246   1.00 28.14 ? 47  ALA A CB  1 
ATOM   36   N N   . LEU A 1 6   ? 0.420   5.989   -0.492  1.00 26.97 ? 48  LEU A N   1 
ATOM   37   C CA  . LEU A 1 6   ? -0.502  4.977   -0.991  1.00 27.60 ? 48  LEU A CA  1 
ATOM   38   C C   . LEU A 1 6   ? -1.626  5.036   0.039   1.00 33.59 ? 48  LEU A C   1 
ATOM   39   O O   . LEU A 1 6   ? -1.474  4.592   1.180   1.00 31.95 ? 48  LEU A O   1 
ATOM   40   C CB  . LEU A 1 6   ? 0.179   3.611   -1.024  1.00 31.57 ? 48  LEU A CB  1 
ATOM   41   C CG  . LEU A 1 6   ? 1.467   3.581   -1.861  1.00 33.56 ? 48  LEU A CG  1 
ATOM   42   C CD1 . LEU A 1 6   ? 2.019   2.167   -1.874  1.00 37.13 ? 48  LEU A CD1 1 
ATOM   43   C CD2 . LEU A 1 6   ? 1.183   4.052   -3.287  1.00 38.40 ? 48  LEU A CD2 1 
ATOM   44   N N   . LEU A 1 7   ? -2.746  5.621   -0.373  1.00 29.90 ? 49  LEU A N   1 
ATOM   45   C CA  . LEU A 1 7   ? -3.883  5.848   0.507   1.00 34.16 ? 49  LEU A CA  1 
ATOM   46   C C   . LEU A 1 7   ? -4.718  4.651   0.932   1.00 34.83 ? 49  LEU A C   1 
ATOM   47   O O   . LEU A 1 7   ? -5.233  3.895   0.102   1.00 36.26 ? 49  LEU A O   1 
ATOM   48   C CB  . LEU A 1 7   ? -4.788  6.921   -0.109  1.00 33.91 ? 49  LEU A CB  1 
ATOM   49   C CG  . LEU A 1 7   ? -4.019  8.184   -0.531  1.00 40.88 ? 49  LEU A CG  1 
ATOM   50   C CD1 . LEU A 1 7   ? -4.953  9.158   -1.224  1.00 40.47 ? 49  LEU A CD1 1 
ATOM   51   C CD2 . LEU A 1 7   ? -3.378  8.831   0.692   1.00 40.26 ? 49  LEU A CD2 1 
ATOM   52   N N   . ASN A 1 8   ? -4.831  4.502   2.248   1.00 31.58 ? 50  ASN A N   1 
ATOM   53   C CA  . ASN A 1 8   ? -5.606  3.445   2.872   1.00 40.26 ? 50  ASN A CA  1 
ATOM   54   C C   . ASN A 1 8   ? -5.330  2.081   2.268   1.00 40.57 ? 50  ASN A C   1 
ATOM   55   O O   . ASN A 1 8   ? -6.218  1.240   2.177   1.00 43.18 ? 50  ASN A O   1 
ATOM   56   C CB  . ASN A 1 8   ? -7.097  3.765   2.755   1.00 41.02 ? 50  ASN A CB  1 
ATOM   57   C CG  . ASN A 1 8   ? -7.497  5.003   3.539   1.00 42.84 ? 50  ASN A CG  1 
ATOM   58   O OD1 . ASN A 1 8   ? -8.633  5.456   3.445   1.00 52.94 ? 50  ASN A OD1 1 
ATOM   59   N ND2 . ASN A 1 8   ? -6.568  5.552   4.321   1.00 47.12 ? 50  ASN A ND2 1 
ATOM   60   N N   . ILE A 1 9   ? -4.091  1.852   1.866   1.00 40.75 ? 51  ILE A N   1 
ATOM   61   C CA  . ILE A 1 9   ? -3.745  0.578   1.266   1.00 41.01 ? 51  ILE A CA  1 
ATOM   62   C C   . ILE A 1 9   ? -3.615  -0.541  2.310   1.00 43.13 ? 51  ILE A C   1 
ATOM   63   O O   . ILE A 1 9   ? -3.870  -1.702  2.007   1.00 44.31 ? 51  ILE A O   1 
ATOM   64   C CB  . ILE A 1 9   ? -2.441  0.703   0.455   1.00 38.89 ? 51  ILE A CB  1 
ATOM   65   C CG1 . ILE A 1 9   ? -2.293  -0.508  -0.471  1.00 38.36 ? 51  ILE A CG1 1 
ATOM   66   C CG2 . ILE A 1 9   ? -1.254  0.865   1.409   1.00 28.56 ? 51  ILE A CG2 1 
ATOM   67   C CD1 . ILE A 1 9   ? -1.229  -0.337  -1.530  1.00 31.31 ? 51  ILE A CD1 1 
ATOM   68   N N   . TYR A 1 10  ? -3.240  -0.188  3.537   1.00 41.77 ? 52  TYR A N   1 
ATOM   69   C CA  . TYR A 1 10  ? -3.081  -1.186  4.585   1.00 41.49 ? 52  TYR A CA  1 
ATOM   70   C C   . TYR A 1 10  ? -4.385  -1.456  5.321   1.00 47.33 ? 52  TYR A C   1 
ATOM   71   O O   . TYR A 1 10  ? -4.822  -0.653  6.140   1.00 45.37 ? 52  TYR A O   1 
ATOM   72   C CB  . TYR A 1 10  ? -2.025  -0.748  5.598   1.00 31.85 ? 52  TYR A CB  1 
ATOM   73   C CG  . TYR A 1 10  ? -1.687  -1.820  6.612   1.00 34.88 ? 52  TYR A CG  1 
ATOM   74   C CD1 . TYR A 1 10  ? -1.177  -3.052  6.206   1.00 38.27 ? 52  TYR A CD1 1 
ATOM   75   C CD2 . TYR A 1 10  ? -1.886  -1.611  7.974   1.00 43.93 ? 52  TYR A CD2 1 
ATOM   76   C CE1 . TYR A 1 10  ? -0.874  -4.050  7.128   1.00 44.54 ? 52  TYR A CE1 1 
ATOM   77   C CE2 . TYR A 1 10  ? -1.587  -2.602  8.909   1.00 47.20 ? 52  TYR A CE2 1 
ATOM   78   C CZ  . TYR A 1 10  ? -1.080  -3.819  8.478   1.00 51.09 ? 52  TYR A CZ  1 
ATOM   79   O OH  . TYR A 1 10  ? -0.780  -4.803  9.396   1.00 53.28 ? 52  TYR A OH  1 
ATOM   80   N N   . ARG A 1 11  ? -4.998  -2.595  5.023   1.00 57.63 ? 53  ARG A N   1 
ATOM   81   C CA  . ARG A 1 11  ? -6.255  -2.985  5.653   1.00 68.34 ? 53  ARG A CA  1 
ATOM   82   C C   . ARG A 1 11  ? -6.061  -4.088  6.672   1.00 69.84 ? 53  ARG A C   1 
ATOM   83   O O   . ARG A 1 11  ? -5.100  -4.854  6.595   1.00 72.94 ? 53  ARG A O   1 
ATOM   84   C CB  . ARG A 1 11  ? -7.262  -3.440  4.591   1.00 75.41 ? 53  ARG A CB  1 
ATOM   85   C CG  . ARG A 1 11  ? -8.015  -2.321  3.899   1.00 82.71 ? 53  ARG A CG  1 
ATOM   86   C CD  . ARG A 1 11  ? -7.545  -0.942  4.326   1.00 87.81 ? 53  ARG A CD  1 
ATOM   87   N NE  . ARG A 1 11  ? -8.443  0.106   3.862   1.00 94.21 ? 53  ARG A NE  1 
ATOM   88   C CZ  . ARG A 1 11  ? -8.855  0.228   2.603   1.00 98.07 ? 53  ARG A CZ  1 
ATOM   89   N NH1 . ARG A 1 11  ? -8.452  -0.632  1.669   1.00 99.11 ? 53  ARG A NH1 1 
ATOM   90   N NH2 . ARG A 1 11  ? -9.673  1.212   2.269   1.00 99.01 ? 53  ARG A NH2 1 
ATOM   91   N N   . ASN A 1 12  ? -6.982  -4.169  7.625   1.00 74.42 ? 54  ASN A N   1 
ATOM   92   C CA  . ASN A 1 12  ? -6.902  -5.189  8.658   1.00 80.23 ? 54  ASN A CA  1 
ATOM   93   C C   . ASN A 1 12  ? -8.165  -5.286  9.530   1.00 83.18 ? 54  ASN A C   1 
ATOM   94   O O   . ASN A 1 12  ? -8.133  -4.939  10.708  1.00 85.17 ? 54  ASN A O   1 
ATOM   95   C CB  . ASN A 1 12  ? -5.677  -4.915  9.535   1.00 78.39 ? 54  ASN A CB  1 
ATOM   96   C CG  . ASN A 1 12  ? -5.216  -6.141  10.288  1.00 84.96 ? 54  ASN A CG  1 
ATOM   97   O OD1 . ASN A 1 12  ? -5.671  -7.253  10.026  1.00 92.08 ? 54  ASN A OD1 1 
ATOM   98   N ND2 . ASN A 1 12  ? -4.286  -5.949  11.214  1.00 87.46 ? 54  ASN A ND2 1 
ATOM   99   N N   . PRO A 1 13  ? -9.298  -5.734  8.951   1.00 89.19 ? 55  PRO A N   1 
ATOM   100  C CA  . PRO A 1 13  ? -10.592 -5.899  9.625   1.00 91.92 ? 55  PRO A CA  1 
ATOM   101  C C   . PRO A 1 13  ? -10.715 -6.636  10.973  1.00 92.51 ? 55  PRO A C   1 
ATOM   102  O O   . PRO A 1 13  ? -10.722 -5.979  12.009  1.00 90.85 ? 55  PRO A O   1 
ATOM   103  C CB  . PRO A 1 13  ? -11.450 -6.500  8.523   1.00 92.47 ? 55  PRO A CB  1 
ATOM   104  C CG  . PRO A 1 13  ? -11.067 -5.615  7.387   1.00 91.98 ? 55  PRO A CG  1 
ATOM   105  C CD  . PRO A 1 13  ? -9.527  -5.592  7.500   1.00 91.41 ? 55  PRO A CD  1 
ATOM   106  N N   . GLN A 1 14  ? -10.834 -7.965  10.992  1.00 94.95 ? 56  GLN A N   1 
ATOM   107  C CA  . GLN A 1 14  ? -10.979 -8.660  12.285  1.00 96.20 ? 56  GLN A CA  1 
ATOM   108  C C   . GLN A 1 14  ? -9.891  -9.669  12.647  1.00 95.76 ? 56  GLN A C   1 
ATOM   109  O O   . GLN A 1 14  ? -9.757  -10.051 13.816  1.00 95.00 ? 56  GLN A O   1 
ATOM   110  C CB  . GLN A 1 14  ? -12.339 -9.368  12.375  1.00 97.44 ? 56  GLN A CB  1 
ATOM   111  C CG  . GLN A 1 14  ? -12.384 -10.712 11.650  1.00 96.90 ? 56  GLN A CG  1 
ATOM   112  C CD  . GLN A 1 14  ? -13.593 -10.856 10.770  1.00 97.01 ? 56  GLN A CD  1 
ATOM   113  O OE1 . GLN A 1 14  ? -14.066 -9.878  10.175  1.00 97.01 ? 56  GLN A OE1 1 
ATOM   114  N NE2 . GLN A 1 14  ? -14.095 -12.082 10.656  1.00 97.01 ? 56  GLN A NE2 1 
ATOM   115  N N   . ASP A 1 21  ? -8.417  -14.333 27.317  1.00 67.56 ? 63  ASP A N   1 
ATOM   116  C CA  . ASP A 1 21  ? -8.048  -12.934 27.132  1.00 68.08 ? 63  ASP A CA  1 
ATOM   117  C C   . ASP A 1 21  ? -6.555  -12.735 27.089  1.00 68.34 ? 63  ASP A C   1 
ATOM   118  O O   . ASP A 1 21  ? -5.946  -12.944 26.048  1.00 73.83 ? 63  ASP A O   1 
ATOM   119  C CB  . ASP A 1 21  ? -8.585  -12.096 28.282  1.00 70.79 ? 63  ASP A CB  1 
ATOM   120  C CG  . ASP A 1 21  ? -8.432  -10.619 28.039  1.00 73.09 ? 63  ASP A CG  1 
ATOM   121  O OD1 . ASP A 1 21  ? -7.295  -10.177 27.780  1.00 81.55 ? 63  ASP A OD1 1 
ATOM   122  O OD2 . ASP A 1 21  ? -9.464  -9.906  28.073  1.00 78.88 ? 63  ASP A OD2 1 
ATOM   123  N N   . GLY A 1 22  ? -5.994  -12.310 28.225  1.00 63.56 ? 64  GLY A N   1 
ATOM   124  C CA  . GLY A 1 22  ? -4.571  -12.078 28.352  1.00 53.54 ? 64  GLY A CA  1 
ATOM   125  C C   . GLY A 1 22  ? -3.702  -12.797 27.359  1.00 50.56 ? 64  GLY A C   1 
ATOM   126  O O   . GLY A 1 22  ? -2.839  -12.193 26.731  1.00 48.14 ? 64  GLY A O   1 
ATOM   127  N N   . LEU A 1 23  ? -3.928  -14.094 27.223  1.00 47.05 ? 65  LEU A N   1 
ATOM   128  C CA  . LEU A 1 23  ? -3.179  -14.892 26.268  1.00 47.82 ? 65  LEU A CA  1 
ATOM   129  C C   . LEU A 1 23  ? -3.626  -14.527 24.844  1.00 49.02 ? 65  LEU A C   1 
ATOM   130  O O   . LEU A 1 23  ? -2.839  -14.543 23.903  1.00 44.32 ? 65  LEU A O   1 
ATOM   131  C CB  . LEU A 1 23  ? -3.424  -16.378 26.516  1.00 42.05 ? 65  LEU A CB  1 
ATOM   132  C CG  . LEU A 1 23  ? -2.848  -17.312 25.451  1.00 48.18 ? 65  LEU A CG  1 
ATOM   133  C CD1 . LEU A 1 23  ? -1.336  -17.166 25.404  1.00 49.06 ? 65  LEU A CD1 1 
ATOM   134  C CD2 . LEU A 1 23  ? -3.242  -18.747 25.762  1.00 50.59 ? 65  LEU A CD2 1 
ATOM   135  N N   . ARG A 1 24  ? -4.906  -14.216 24.690  1.00 48.69 ? 66  ARG A N   1 
ATOM   136  C CA  . ARG A 1 24  ? -5.444  -13.818 23.396  1.00 53.44 ? 66  ARG A CA  1 
ATOM   137  C C   . ARG A 1 24  ? -4.816  -12.505 22.947  1.00 51.73 ? 66  ARG A C   1 
ATOM   138  O O   . ARG A 1 24  ? -4.537  -12.329 21.768  1.00 54.82 ? 66  ARG A O   1 
ATOM   139  C CB  . ARG A 1 24  ? -6.972  -13.671 23.462  1.00 52.37 ? 66  ARG A CB  1 
ATOM   140  C CG  . ARG A 1 24  ? -7.713  -14.999 23.441  1.00 59.32 ? 66  ARG A CG  1 
ATOM   141  C CD  . ARG A 1 24  ? -9.217  -14.806 23.529  1.00 60.48 ? 66  ARG A CD  1 
ATOM   142  N NE  . ARG A 1 24  ? -9.946  -16.073 23.503  1.00 61.94 ? 66  ARG A NE  1 
ATOM   143  C CZ  . ARG A 1 24  ? -10.062 -16.855 22.434  1.00 54.83 ? 66  ARG A CZ  1 
ATOM   144  N NH1 . ARG A 1 24  ? -9.498  -16.510 21.283  1.00 52.23 ? 66  ARG A NH1 1 
ATOM   145  N NH2 . ARG A 1 24  ? -10.749 -17.986 22.518  1.00 51.38 ? 66  ARG A NH2 1 
ATOM   146  N N   . SER A 1 25  ? -4.580  -11.594 23.886  1.00 50.90 ? 67  SER A N   1 
ATOM   147  C CA  . SER A 1 25  ? -3.974  -10.313 23.546  1.00 56.01 ? 67  SER A CA  1 
ATOM   148  C C   . SER A 1 25  ? -2.565  -10.486 23.007  1.00 54.30 ? 67  SER A C   1 
ATOM   149  O O   . SER A 1 25  ? -2.200  -9.874  22.005  1.00 56.44 ? 67  SER A O   1 
ATOM   150  C CB  . SER A 1 25  ? -3.928  -9.393  24.768  1.00 56.44 ? 67  SER A CB  1 
ATOM   151  O OG  . SER A 1 25  ? -5.230  -9.006  25.156  1.00 68.86 ? 67  SER A OG  1 
ATOM   152  N N   . ALA A 1 26  ? -1.776  -11.321 23.679  1.00 50.42 ? 68  ALA A N   1 
ATOM   153  C CA  . ALA A 1 26  ? -0.399  -11.563 23.274  1.00 48.56 ? 68  ALA A CA  1 
ATOM   154  C C   . ALA A 1 26  ? -0.335  -12.201 21.893  1.00 47.53 ? 68  ALA A C   1 
ATOM   155  O O   . ALA A 1 26  ? 0.492   -11.816 21.061  1.00 47.58 ? 68  ALA A O   1 
ATOM   156  C CB  . ALA A 1 26  ? 0.297   -12.459 24.290  1.00 39.81 ? 68  ALA A CB  1 
ATOM   157  N N   . VAL A 1 27  ? -1.201  -13.183 21.660  1.00 41.98 ? 69  VAL A N   1 
ATOM   158  C CA  . VAL A 1 27  ? -1.236  -13.874 20.379  1.00 44.01 ? 69  VAL A CA  1 
ATOM   159  C C   . VAL A 1 27  ? -1.632  -12.879 19.284  1.00 43.34 ? 69  VAL A C   1 
ATOM   160  O O   . VAL A 1 27  ? -1.070  -12.882 18.197  1.00 44.02 ? 69  VAL A O   1 
ATOM   161  C CB  . VAL A 1 27  ? -2.248  -15.046 20.416  1.00 40.90 ? 69  VAL A CB  1 
ATOM   162  C CG1 . VAL A 1 27  ? -2.432  -15.625 19.027  1.00 37.79 ? 69  VAL A CG1 1 
ATOM   163  C CG2 . VAL A 1 27  ? -1.749  -16.132 21.367  1.00 41.71 ? 69  VAL A CG2 1 
ATOM   164  N N   . SER A 1 28  ? -2.598  -12.025 19.596  1.00 43.33 ? 70  SER A N   1 
ATOM   165  C CA  . SER A 1 28  ? -3.076  -11.015 18.666  1.00 48.16 ? 70  SER A CA  1 
ATOM   166  C C   . SER A 1 28  ? -1.962  -10.017 18.339  1.00 47.15 ? 70  SER A C   1 
ATOM   167  O O   . SER A 1 28  ? -1.797  -9.621  17.191  1.00 40.58 ? 70  SER A O   1 
ATOM   168  C CB  . SER A 1 28  ? -4.280  -10.291 19.271  1.00 45.79 ? 70  SER A CB  1 
ATOM   169  O OG  . SER A 1 28  ? -4.729  -9.248  18.431  1.00 56.37 ? 70  SER A OG  1 
ATOM   170  N N   . ASP A 1 29  ? -1.192  -9.615  19.346  1.00 48.13 ? 71  ASP A N   1 
ATOM   171  C CA  . ASP A 1 29  ? -0.099  -8.679  19.112  1.00 50.15 ? 71  ASP A CA  1 
ATOM   172  C C   . ASP A 1 29  ? 0.910   -9.276  18.140  1.00 50.22 ? 71  ASP A C   1 
ATOM   173  O O   . ASP A 1 29  ? 1.338   -8.616  17.190  1.00 48.21 ? 71  ASP A O   1 
ATOM   174  C CB  . ASP A 1 29  ? 0.629   -8.327  20.415  1.00 53.16 ? 71  ASP A CB  1 
ATOM   175  C CG  . ASP A 1 29  ? -0.236  -7.543  21.379  1.00 58.05 ? 71  ASP A CG  1 
ATOM   176  O OD1 . ASP A 1 29  ? -1.077  -6.744  20.915  1.00 58.44 ? 71  ASP A OD1 1 
ATOM   177  O OD2 . ASP A 1 29  ? -0.060  -7.715  22.606  1.00 63.63 ? 71  ASP A OD2 1 
ATOM   178  N N   . VAL A 1 30  ? 1.288   -10.527 18.387  1.00 46.12 ? 72  VAL A N   1 
ATOM   179  C CA  . VAL A 1 30  ? 2.258   -11.212 17.541  1.00 45.92 ? 72  VAL A CA  1 
ATOM   180  C C   . VAL A 1 30  ? 1.787   -11.346 16.091  1.00 43.95 ? 72  VAL A C   1 
ATOM   181  O O   . VAL A 1 30  ? 2.521   -11.019 15.160  1.00 40.25 ? 72  VAL A O   1 
ATOM   182  C CB  . VAL A 1 30  ? 2.583   -12.626 18.090  1.00 47.46 ? 72  VAL A CB  1 
ATOM   183  C CG1 . VAL A 1 30  ? 3.560   -13.342 17.160  1.00 48.81 ? 72  VAL A CG1 1 
ATOM   184  C CG2 . VAL A 1 30  ? 3.186   -12.512 19.483  1.00 52.11 ? 72  VAL A CG2 1 
ATOM   185  N N   . GLU A 1 31  ? 0.563   -11.820 15.898  1.00 40.02 ? 73  GLU A N   1 
ATOM   186  C CA  . GLU A 1 31  ? 0.045   -12.001 14.551  1.00 46.33 ? 73  GLU A CA  1 
ATOM   187  C C   . GLU A 1 31  ? -0.066  -10.678 13.795  1.00 46.38 ? 73  GLU A C   1 
ATOM   188  O O   . GLU A 1 31  ? 0.242   -10.617 12.607  1.00 48.91 ? 73  GLU A O   1 
ATOM   189  C CB  . GLU A 1 31  ? -1.301  -12.718 14.609  1.00 42.16 ? 73  GLU A CB  1 
ATOM   190  C CG  . GLU A 1 31  ? -1.214  -14.024 15.381  1.00 52.14 ? 73  GLU A CG  1 
ATOM   191  C CD  . GLU A 1 31  ? -2.496  -14.822 15.355  1.00 50.65 ? 73  GLU A CD  1 
ATOM   192  O OE1 . GLU A 1 31  ? -3.562  -14.255 15.673  1.00 62.96 ? 73  GLU A OE1 1 
ATOM   193  O OE2 . GLU A 1 31  ? -2.434  -16.022 15.025  1.00 58.96 ? 73  GLU A OE2 1 
ATOM   194  N N   . MET A 1 32  ? -0.496  -9.621  14.480  1.00 47.92 ? 74  MET A N   1 
ATOM   195  C CA  . MET A 1 32  ? -0.605  -8.317  13.841  1.00 49.21 ? 74  MET A CA  1 
ATOM   196  C C   . MET A 1 32  ? 0.782   -7.864  13.400  1.00 50.90 ? 74  MET A C   1 
ATOM   197  O O   . MET A 1 32  ? 0.968   -7.414  12.269  1.00 49.35 ? 74  MET A O   1 
ATOM   198  C CB  . MET A 1 32  ? -1.191  -7.279  14.797  1.00 52.40 ? 74  MET A CB  1 
ATOM   199  C CG  . MET A 1 32  ? -2.658  -7.466  15.118  1.00 62.69 ? 74  MET A CG  1 
ATOM   200  S SD  . MET A 1 32  ? -3.366  -5.989  15.898  1.00 76.22 ? 74  MET A SD  1 
ATOM   201  C CE  . MET A 1 32  ? -2.960  -6.283  17.633  1.00 76.15 ? 74  MET A CE  1 
ATOM   202  N N   . GLN A 1 33  ? 1.752   -7.994  14.301  1.00 46.46 ? 75  GLN A N   1 
ATOM   203  C CA  . GLN A 1 33  ? 3.127   -7.603  14.021  1.00 45.78 ? 75  GLN A CA  1 
ATOM   204  C C   . GLN A 1 33  ? 3.704   -8.363  12.833  1.00 42.97 ? 75  GLN A C   1 
ATOM   205  O O   . GLN A 1 33  ? 4.367   -7.772  11.984  1.00 39.95 ? 75  GLN A O   1 
ATOM   206  C CB  . GLN A 1 33  ? 4.012   -7.841  15.250  1.00 47.60 ? 75  GLN A CB  1 
ATOM   207  C CG  . GLN A 1 33  ? 5.440   -7.337  15.085  1.00 48.92 ? 75  GLN A CG  1 
ATOM   208  C CD  . GLN A 1 33  ? 5.506   -5.832  14.851  1.00 57.16 ? 75  GLN A CD  1 
ATOM   209  O OE1 . GLN A 1 33  ? 5.058   -5.042  15.682  1.00 62.36 ? 75  GLN A OE1 1 
ATOM   210  N NE2 . GLN A 1 33  ? 6.063   -5.433  13.715  1.00 63.92 ? 75  GLN A NE2 1 
ATOM   211  N N   . GLU A 1 34  ? 3.457   -9.670  12.783  1.00 38.01 ? 76  GLU A N   1 
ATOM   212  C CA  . GLU A 1 34  ? 3.955   -10.505 11.690  1.00 40.21 ? 76  GLU A CA  1 
ATOM   213  C C   . GLU A 1 34  ? 3.243   -10.170 10.379  1.00 39.55 ? 76  GLU A C   1 
ATOM   214  O O   . GLU A 1 34  ? 3.840   -10.224 9.302   1.00 39.37 ? 76  GLU A O   1 
ATOM   215  C CB  . GLU A 1 34  ? 3.760   -11.990 12.021  1.00 40.33 ? 76  GLU A CB  1 
ATOM   216  C CG  . GLU A 1 34  ? 4.332   -12.400 13.382  1.00 48.55 ? 76  GLU A CG  1 
ATOM   217  C CD  . GLU A 1 34  ? 4.313   -13.903 13.612  1.00 47.43 ? 76  GLU A CD  1 
ATOM   218  O OE1 . GLU A 1 34  ? 3.315   -14.557 13.242  1.00 41.78 ? 76  GLU A OE1 1 
ATOM   219  O OE2 . GLU A 1 34  ? 5.298   -14.429 14.175  1.00 53.38 ? 76  GLU A OE2 1 
ATOM   220  N N   . HIS A 1 35  ? 1.963   -9.834  10.476  1.00 35.82 ? 77  HIS A N   1 
ATOM   221  C CA  . HIS A 1 35  ? 1.178   -9.484  9.302   1.00 37.52 ? 77  HIS A CA  1 
ATOM   222  C C   . HIS A 1 35  ? 1.654   -8.118  8.810   1.00 38.20 ? 77  HIS A C   1 
ATOM   223  O O   . HIS A 1 35  ? 1.695   -7.857  7.610   1.00 40.30 ? 77  HIS A O   1 
ATOM   224  C CB  . HIS A 1 35  ? -0.311  -9.454  9.668   1.00 39.07 ? 77  HIS A CB  1 
ATOM   225  C CG  . HIS A 1 35  ? -1.213  -9.049  8.541   1.00 45.04 ? 77  HIS A CG  1 
ATOM   226  N ND1 . HIS A 1 35  ? -1.519  -7.733  8.267   1.00 48.11 ? 77  HIS A ND1 1 
ATOM   227  C CD2 . HIS A 1 35  ? -1.883  -9.791  7.627   1.00 45.11 ? 77  HIS A CD2 1 
ATOM   228  C CE1 . HIS A 1 35  ? -2.345  -7.681  7.233   1.00 44.76 ? 77  HIS A CE1 1 
ATOM   229  N NE2 . HIS A 1 35  ? -2.580  -8.915  6.828   1.00 45.34 ? 77  HIS A NE2 1 
ATOM   230  N N   . TYR A 1 36  ? 2.037   -7.259  9.750   1.00 33.96 ? 78  TYR A N   1 
ATOM   231  C CA  . TYR A 1 36  ? 2.533   -5.927  9.436   1.00 34.68 ? 78  TYR A CA  1 
ATOM   232  C C   . TYR A 1 36  ? 3.881   -6.028  8.728   1.00 38.52 ? 78  TYR A C   1 
ATOM   233  O O   . TYR A 1 36  ? 4.113   -5.375  7.706   1.00 41.71 ? 78  TYR A O   1 
ATOM   234  C CB  . TYR A 1 36  ? 2.694   -5.112  10.722  1.00 34.87 ? 78  TYR A CB  1 
ATOM   235  C CG  . TYR A 1 36  ? 3.303   -3.744  10.526  1.00 36.97 ? 78  TYR A CG  1 
ATOM   236  C CD1 . TYR A 1 36  ? 2.498   -2.630  10.303  1.00 43.14 ? 78  TYR A CD1 1 
ATOM   237  C CD2 . TYR A 1 36  ? 4.690   -3.562  10.554  1.00 36.73 ? 78  TYR A CD2 1 
ATOM   238  C CE1 . TYR A 1 36  ? 3.050   -1.364  10.113  1.00 40.35 ? 78  TYR A CE1 1 
ATOM   239  C CE2 . TYR A 1 36  ? 5.258   -2.298  10.360  1.00 37.11 ? 78  TYR A CE2 1 
ATOM   240  C CZ  . TYR A 1 36  ? 4.426   -1.205  10.140  1.00 40.17 ? 78  TYR A CZ  1 
ATOM   241  O OH  . TYR A 1 36  ? 4.954   0.042   9.939   1.00 36.77 ? 78  TYR A OH  1 
ATOM   242  N N   . ASP A 1 37  ? 4.773   -6.846  9.277   1.00 38.99 ? 79  ASP A N   1 
ATOM   243  C CA  . ASP A 1 37  ? 6.098   -7.020  8.694   1.00 38.82 ? 79  ASP A CA  1 
ATOM   244  C C   . ASP A 1 37  ? 6.029   -7.677  7.316   1.00 36.10 ? 79  ASP A C   1 
ATOM   245  O O   . ASP A 1 37  ? 6.802   -7.335  6.422   1.00 38.05 ? 79  ASP A O   1 
ATOM   246  C CB  . ASP A 1 37  ? 6.998   -7.844  9.622   1.00 42.54 ? 79  ASP A CB  1 
ATOM   247  C CG  . ASP A 1 37  ? 7.224   -7.175  10.966  1.00 49.64 ? 79  ASP A CG  1 
ATOM   248  O OD1 . ASP A 1 37  ? 7.217   -5.927  11.034  1.00 51.33 ? 79  ASP A OD1 1 
ATOM   249  O OD2 . ASP A 1 37  ? 7.423   -7.903  11.960  1.00 57.85 ? 79  ASP A OD2 1 
ATOM   250  N N   . GLU A 1 38  ? 5.111   -8.624  7.150   1.00 35.95 ? 80  GLU A N   1 
ATOM   251  C CA  . GLU A 1 38  ? 4.944   -9.301  5.868   1.00 38.58 ? 80  GLU A CA  1 
ATOM   252  C C   . GLU A 1 38  ? 4.486   -8.274  4.830   1.00 40.53 ? 80  GLU A C   1 
ATOM   253  O O   . GLU A 1 38  ? 4.979   -8.239  3.702   1.00 35.84 ? 80  GLU A O   1 
ATOM   254  C CB  . GLU A 1 38  ? 3.889   -10.406 5.978   1.00 45.34 ? 80  GLU A CB  1 
ATOM   255  C CG  . GLU A 1 38  ? 3.502   -11.028 4.634   1.00 54.02 ? 80  GLU A CG  1 
ATOM   256  C CD  . GLU A 1 38  ? 2.398   -12.072 4.749   1.00 61.72 ? 80  GLU A CD  1 
ATOM   257  O OE1 . GLU A 1 38  ? 1.282   -11.726 5.192   1.00 60.35 ? 80  GLU A OE1 1 
ATOM   258  O OE2 . GLU A 1 38  ? 2.647   -13.244 4.393   1.00 67.20 ? 80  GLU A OE2 1 
ATOM   259  N N   . PHE A 1 39  ? 3.534   -7.436  5.231   1.00 37.28 ? 81  PHE A N   1 
ATOM   260  C CA  . PHE A 1 39  ? 2.998   -6.404  4.354   1.00 38.02 ? 81  PHE A CA  1 
ATOM   261  C C   . PHE A 1 39  ? 4.098   -5.433  3.947   1.00 33.59 ? 81  PHE A C   1 
ATOM   262  O O   . PHE A 1 39  ? 4.259   -5.120  2.765   1.00 30.94 ? 81  PHE A O   1 
ATOM   263  C CB  . PHE A 1 39  ? 1.890   -5.636  5.071   1.00 33.07 ? 81  PHE A CB  1 
ATOM   264  C CG  . PHE A 1 39  ? 1.320   -4.507  4.267   1.00 34.76 ? 81  PHE A CG  1 
ATOM   265  C CD1 . PHE A 1 39  ? 0.390   -4.750  3.258   1.00 35.51 ? 81  PHE A CD1 1 
ATOM   266  C CD2 . PHE A 1 39  ? 1.716   -3.193  4.516   1.00 33.04 ? 81  PHE A CD2 1 
ATOM   267  C CE1 . PHE A 1 39  ? -0.137  -3.696  2.510   1.00 35.66 ? 81  PHE A CE1 1 
ATOM   268  C CE2 . PHE A 1 39  ? 1.195   -2.135  3.773   1.00 27.67 ? 81  PHE A CE2 1 
ATOM   269  C CZ  . PHE A 1 39  ? 0.269   -2.388  2.769   1.00 34.15 ? 81  PHE A CZ  1 
ATOM   270  N N   . PHE A 1 40  ? 4.847   -4.969  4.946   1.00 34.63 ? 82  PHE A N   1 
ATOM   271  C CA  . PHE A 1 40  ? 5.935   -4.014  4.762   1.00 30.91 ? 82  PHE A CA  1 
ATOM   272  C C   . PHE A 1 40  ? 6.934   -4.514  3.718   1.00 32.30 ? 82  PHE A C   1 
ATOM   273  O O   . PHE A 1 40  ? 7.212   -3.832  2.731   1.00 33.68 ? 82  PHE A O   1 
ATOM   274  C CB  . PHE A 1 40  ? 6.648   -3.788  6.100   1.00 26.45 ? 82  PHE A CB  1 
ATOM   275  C CG  . PHE A 1 40  ? 7.526   -2.571  6.129   1.00 30.35 ? 82  PHE A CG  1 
ATOM   276  C CD1 . PHE A 1 40  ? 7.105   -1.412  6.773   1.00 29.25 ? 82  PHE A CD1 1 
ATOM   277  C CD2 . PHE A 1 40  ? 8.772   -2.578  5.514   1.00 34.35 ? 82  PHE A CD2 1 
ATOM   278  C CE1 . PHE A 1 40  ? 7.909   -0.277  6.808   1.00 29.72 ? 82  PHE A CE1 1 
ATOM   279  C CE2 . PHE A 1 40  ? 9.585   -1.445  5.540   1.00 35.38 ? 82  PHE A CE2 1 
ATOM   280  C CZ  . PHE A 1 40  ? 9.151   -0.292  6.190   1.00 35.91 ? 82  PHE A CZ  1 
ATOM   281  N N   . GLU A 1 41  ? 7.465   -5.709  3.947   1.00 34.78 ? 83  GLU A N   1 
ATOM   282  C CA  . GLU A 1 41  ? 8.428   -6.323  3.043   1.00 37.96 ? 83  GLU A CA  1 
ATOM   283  C C   . GLU A 1 41  ? 7.814   -6.417  1.651   1.00 36.92 ? 83  GLU A C   1 
ATOM   284  O O   . GLU A 1 41  ? 8.454   -6.109  0.639   1.00 39.55 ? 83  GLU A O   1 
ATOM   285  C CB  . GLU A 1 41  ? 8.797   -7.715  3.571   1.00 44.46 ? 83  GLU A CB  1 
ATOM   286  C CG  . GLU A 1 41  ? 9.840   -8.475  2.762   1.00 57.43 ? 83  GLU A CG  1 
ATOM   287  C CD  . GLU A 1 41  ? 9.276   -9.079  1.489   1.00 72.54 ? 83  GLU A CD  1 
ATOM   288  O OE1 . GLU A 1 41  ? 8.289   -9.842  1.571   1.00 79.84 ? 83  GLU A OE1 1 
ATOM   289  O OE2 . GLU A 1 41  ? 9.824   -8.794  0.404   1.00 79.76 ? 83  GLU A OE2 1 
ATOM   290  N N   . GLU A 1 42  ? 6.553   -6.824  1.613   1.00 38.33 ? 84  GLU A N   1 
ATOM   291  C CA  . GLU A 1 42  ? 5.823   -6.963  0.364   1.00 42.55 ? 84  GLU A CA  1 
ATOM   292  C C   . GLU A 1 42  ? 5.847   -5.663  -0.447  1.00 36.05 ? 84  GLU A C   1 
ATOM   293  O O   . GLU A 1 42  ? 6.139   -5.670  -1.644  1.00 32.09 ? 84  GLU A O   1 
ATOM   294  C CB  . GLU A 1 42  ? 4.378   -7.350  0.656   1.00 50.01 ? 84  GLU A CB  1 
ATOM   295  C CG  . GLU A 1 42  ? 3.596   -7.732  -0.573  1.00 64.07 ? 84  GLU A CG  1 
ATOM   296  C CD  . GLU A 1 42  ? 3.953   -9.115  -1.069  1.00 69.55 ? 84  GLU A CD  1 
ATOM   297  O OE1 . GLU A 1 42  ? 3.556   -10.102 -0.414  1.00 74.38 ? 84  GLU A OE1 1 
ATOM   298  O OE2 . GLU A 1 42  ? 4.633   -9.214  -2.111  1.00 75.29 ? 84  GLU A OE2 1 
ATOM   299  N N   . VAL A 1 43  ? 5.549   -4.550  0.216   1.00 32.81 ? 85  VAL A N   1 
ATOM   300  C CA  . VAL A 1 43  ? 5.512   -3.256  -0.454  1.00 32.08 ? 85  VAL A CA  1 
ATOM   301  C C   . VAL A 1 43  ? 6.907   -2.701  -0.716  1.00 34.47 ? 85  VAL A C   1 
ATOM   302  O O   . VAL A 1 43  ? 7.215   -2.261  -1.830  1.00 28.40 ? 85  VAL A O   1 
ATOM   303  C CB  . VAL A 1 43  ? 4.673   -2.245  0.371   1.00 32.06 ? 85  VAL A CB  1 
ATOM   304  C CG1 . VAL A 1 43  ? 4.671   -0.867  -0.301  1.00 24.08 ? 85  VAL A CG1 1 
ATOM   305  C CG2 . VAL A 1 43  ? 3.249   -2.771  0.503   1.00 30.65 ? 85  VAL A CG2 1 
ATOM   306  N N   . PHE A 1 44  ? 7.751   -2.730  0.307   1.00 33.18 ? 86  PHE A N   1 
ATOM   307  C CA  . PHE A 1 44  ? 9.115   -2.245  0.182   1.00 28.95 ? 86  PHE A CA  1 
ATOM   308  C C   . PHE A 1 44  ? 9.847   -2.886  -1.001  1.00 30.66 ? 86  PHE A C   1 
ATOM   309  O O   . PHE A 1 44  ? 10.381  -2.184  -1.866  1.00 28.63 ? 86  PHE A O   1 
ATOM   310  C CB  . PHE A 1 44  ? 9.897   -2.529  1.462   1.00 29.92 ? 86  PHE A CB  1 
ATOM   311  C CG  . PHE A 1 44  ? 11.310  -2.022  1.425   1.00 30.33 ? 86  PHE A CG  1 
ATOM   312  C CD1 . PHE A 1 44  ? 11.585  -0.670  1.626   1.00 33.93 ? 86  PHE A CD1 1 
ATOM   313  C CD2 . PHE A 1 44  ? 12.364  -2.889  1.160   1.00 31.64 ? 86  PHE A CD2 1 
ATOM   314  C CE1 . PHE A 1 44  ? 12.894  -0.190  1.561   1.00 38.01 ? 86  PHE A CE1 1 
ATOM   315  C CE2 . PHE A 1 44  ? 13.682  -2.420  1.092   1.00 37.83 ? 86  PHE A CE2 1 
ATOM   316  C CZ  . PHE A 1 44  ? 13.947  -1.070  1.292   1.00 38.06 ? 86  PHE A CZ  1 
ATOM   317  N N   . THR A 1 45  ? 9.863   -4.217  -1.037  1.00 34.28 ? 87  THR A N   1 
ATOM   318  C CA  . THR A 1 45  ? 10.541  -4.951  -2.102  1.00 34.47 ? 87  THR A CA  1 
ATOM   319  C C   . THR A 1 45  ? 10.086  -4.501  -3.484  1.00 34.12 ? 87  THR A C   1 
ATOM   320  O O   . THR A 1 45  ? 10.908  -4.256  -4.372  1.00 34.98 ? 87  THR A O   1 
ATOM   321  C CB  . THR A 1 45  ? 10.312  -6.465  -1.964  1.00 39.72 ? 87  THR A CB  1 
ATOM   322  O OG1 . THR A 1 45  ? 10.958  -6.930  -0.774  1.00 43.45 ? 87  THR A OG1 1 
ATOM   323  C CG2 . THR A 1 45  ? 10.878  -7.210  -3.172  1.00 41.65 ? 87  THR A CG2 1 
ATOM   324  N N   . GLU A 1 46  ? 8.778   -4.396  -3.669  1.00 29.60 ? 88  GLU A N   1 
ATOM   325  C CA  . GLU A 1 46  ? 8.251   -3.958  -4.950  1.00 32.47 ? 88  GLU A CA  1 
ATOM   326  C C   . GLU A 1 46  ? 8.710   -2.529  -5.252  1.00 32.79 ? 88  GLU A C   1 
ATOM   327  O O   . GLU A 1 46  ? 9.078   -2.228  -6.391  1.00 29.21 ? 88  GLU A O   1 
ATOM   328  C CB  . GLU A 1 46  ? 6.720   -4.039  -4.948  1.00 32.01 ? 88  GLU A CB  1 
ATOM   329  C CG  . GLU A 1 46  ? 6.058   -3.639  -6.264  1.00 37.39 ? 88  GLU A CG  1 
ATOM   330  C CD  . GLU A 1 46  ? 6.456   -4.527  -7.448  1.00 42.80 ? 88  GLU A CD  1 
ATOM   331  O OE1 . GLU A 1 46  ? 6.838   -5.694  -7.233  1.00 35.55 ? 88  GLU A OE1 1 
ATOM   332  O OE2 . GLU A 1 46  ? 6.368   -4.055  -8.601  1.00 42.39 ? 88  GLU A OE2 1 
ATOM   333  N N   . MET A 1 47  ? 8.708   -1.654  -4.243  1.00 32.51 ? 89  MET A N   1 
ATOM   334  C CA  . MET A 1 47  ? 9.140   -0.263  -4.459  1.00 32.99 ? 89  MET A CA  1 
ATOM   335  C C   . MET A 1 47  ? 10.563  -0.205  -4.999  1.00 36.80 ? 89  MET A C   1 
ATOM   336  O O   . MET A 1 47  ? 10.854  0.543   -5.938  1.00 35.69 ? 89  MET A O   1 
ATOM   337  C CB  . MET A 1 47  ? 9.073   0.560   -3.164  1.00 31.01 ? 89  MET A CB  1 
ATOM   338  C CG  . MET A 1 47  ? 7.666   0.799   -2.620  1.00 29.30 ? 89  MET A CG  1 
ATOM   339  S SD  . MET A 1 47  ? 6.579   1.622   -3.805  1.00 31.14 ? 89  MET A SD  1 
ATOM   340  C CE  . MET A 1 47  ? 5.720   0.202   -4.455  1.00 31.37 ? 89  MET A CE  1 
ATOM   341  N N   . GLU A 1 48  ? 11.450  -1.000  -4.409  1.00 37.90 ? 90  GLU A N   1 
ATOM   342  C CA  . GLU A 1 48  ? 12.843  -1.024  -4.839  1.00 45.01 ? 90  GLU A CA  1 
ATOM   343  C C   . GLU A 1 48  ? 13.045  -1.799  -6.132  1.00 44.09 ? 90  GLU A C   1 
ATOM   344  O O   . GLU A 1 48  ? 13.867  -1.434  -6.946  1.00 45.62 ? 90  GLU A O   1 
ATOM   345  C CB  . GLU A 1 48  ? 13.734  -1.615  -3.740  1.00 43.29 ? 90  GLU A CB  1 
ATOM   346  C CG  . GLU A 1 48  ? 13.800  -0.756  -2.494  1.00 45.17 ? 90  GLU A CG  1 
ATOM   347  C CD  . GLU A 1 48  ? 15.222  -0.525  -2.020  1.00 54.61 ? 90  GLU A CD  1 
ATOM   348  O OE1 . GLU A 1 48  ? 15.882  -1.514  -1.633  1.00 59.07 ? 90  GLU A OE1 1 
ATOM   349  O OE2 . GLU A 1 48  ? 15.679  0.642   -2.038  1.00 43.25 ? 90  GLU A OE2 1 
ATOM   350  N N   . GLU A 1 49  ? 12.290  -2.873  -6.311  1.00 47.65 ? 91  GLU A N   1 
ATOM   351  C CA  . GLU A 1 49  ? 12.413  -3.700  -7.504  1.00 49.57 ? 91  GLU A CA  1 
ATOM   352  C C   . GLU A 1 49  ? 11.979  -2.988  -8.786  1.00 48.13 ? 91  GLU A C   1 
ATOM   353  O O   . GLU A 1 49  ? 12.691  -3.017  -9.791  1.00 48.74 ? 91  GLU A O   1 
ATOM   354  C CB  . GLU A 1 49  ? 11.598  -4.987  -7.325  1.00 60.40 ? 91  GLU A CB  1 
ATOM   355  C CG  . GLU A 1 49  ? 12.379  -6.273  -7.557  1.00 73.91 ? 91  GLU A CG  1 
ATOM   356  C CD  . GLU A 1 49  ? 12.751  -6.483  -9.015  1.00 83.02 ? 91  GLU A CD  1 
ATOM   357  O OE1 . GLU A 1 49  ? 11.829  -6.630  -9.848  1.00 87.81 ? 91  GLU A OE1 1 
ATOM   358  O OE2 . GLU A 1 49  ? 13.963  -6.501  -9.326  1.00 87.65 ? 91  GLU A OE2 1 
ATOM   359  N N   . LYS A 1 50  ? 10.830  -2.327  -8.756  1.00 45.15 ? 92  LYS A N   1 
ATOM   360  C CA  . LYS A 1 50  ? 10.345  -1.672  -9.960  1.00 45.40 ? 92  LYS A CA  1 
ATOM   361  C C   . LYS A 1 50  ? 10.404  -0.153  -10.061 1.00 42.89 ? 92  LYS A C   1 
ATOM   362  O O   . LYS A 1 50  ? 10.435  0.377   -11.167 1.00 45.53 ? 92  LYS A O   1 
ATOM   363  C CB  . LYS A 1 50  ? 8.914   -2.137  -10.251 1.00 51.87 ? 92  LYS A CB  1 
ATOM   364  C CG  . LYS A 1 50  ? 8.825   -3.627  -10.576 1.00 67.97 ? 92  LYS A CG  1 
ATOM   365  C CD  . LYS A 1 50  ? 7.452   -4.011  -11.103 1.00 75.54 ? 92  LYS A CD  1 
ATOM   366  C CE  . LYS A 1 50  ? 7.328   -5.515  -11.321 1.00 76.23 ? 92  LYS A CE  1 
ATOM   367  N NZ  . LYS A 1 50  ? 8.273   -6.002  -12.367 1.00 80.76 ? 92  LYS A NZ  1 
ATOM   368  N N   . TYR A 1 51  ? 10.434  0.559   -8.941  1.00 40.36 ? 93  TYR A N   1 
ATOM   369  C CA  . TYR A 1 51  ? 10.443  2.014   -9.025  1.00 38.86 ? 93  TYR A CA  1 
ATOM   370  C C   . TYR A 1 51  ? 11.721  2.736   -8.638  1.00 43.79 ? 93  TYR A C   1 
ATOM   371  O O   . TYR A 1 51  ? 11.963  3.848   -9.099  1.00 44.86 ? 93  TYR A O   1 
ATOM   372  C CB  . TYR A 1 51  ? 9.281   2.582   -8.219  1.00 35.17 ? 93  TYR A CB  1 
ATOM   373  C CG  . TYR A 1 51  ? 7.944   2.037   -8.660  1.00 40.16 ? 93  TYR A CG  1 
ATOM   374  C CD1 . TYR A 1 51  ? 7.124   1.352   -7.764  1.00 37.26 ? 93  TYR A CD1 1 
ATOM   375  C CD2 . TYR A 1 51  ? 7.516   2.168   -9.981  1.00 34.17 ? 93  TYR A CD2 1 
ATOM   376  C CE1 . TYR A 1 51  ? 5.916   0.808   -8.172  1.00 39.22 ? 93  TYR A CE1 1 
ATOM   377  C CE2 . TYR A 1 51  ? 6.302   1.627   -10.400 1.00 42.21 ? 93  TYR A CE2 1 
ATOM   378  C CZ  . TYR A 1 51  ? 5.510   0.947   -9.493  1.00 38.23 ? 93  TYR A CZ  1 
ATOM   379  O OH  . TYR A 1 51  ? 4.317   0.393   -9.900  1.00 35.06 ? 93  TYR A OH  1 
ATOM   380  N N   . GLY A 1 52  ? 12.541  2.132   -7.787  1.00 43.23 ? 94  GLY A N   1 
ATOM   381  C CA  . GLY A 1 52  ? 13.767  2.804   -7.411  1.00 40.64 ? 94  GLY A CA  1 
ATOM   382  C C   . GLY A 1 52  ? 14.165  2.686   -5.960  1.00 44.79 ? 94  GLY A C   1 
ATOM   383  O O   . GLY A 1 52  ? 13.464  2.087   -5.140  1.00 43.70 ? 94  GLY A O   1 
ATOM   384  N N   . GLU A 1 53  ? 15.308  3.282   -5.647  1.00 42.07 ? 95  GLU A N   1 
ATOM   385  C CA  . GLU A 1 53  ? 15.867  3.254   -4.306  1.00 41.58 ? 95  GLU A CA  1 
ATOM   386  C C   . GLU A 1 53  ? 15.011  3.962   -3.265  1.00 37.95 ? 95  GLU A C   1 
ATOM   387  O O   . GLU A 1 53  ? 14.647  5.129   -3.417  1.00 36.30 ? 95  GLU A O   1 
ATOM   388  C CB  . GLU A 1 53  ? 17.278  3.855   -4.335  1.00 45.08 ? 95  GLU A CB  1 
ATOM   389  C CG  . GLU A 1 53  ? 17.986  3.891   -2.996  1.00 56.68 ? 95  GLU A CG  1 
ATOM   390  C CD  . GLU A 1 53  ? 19.486  4.083   -3.145  1.00 61.53 ? 95  GLU A CD  1 
ATOM   391  O OE1 . GLU A 1 53  ? 20.135  4.484   -2.154  1.00 62.20 ? 95  GLU A OE1 1 
ATOM   392  O OE2 . GLU A 1 53  ? 20.015  3.823   -4.249  1.00 60.99 ? 95  GLU A OE2 1 
ATOM   393  N N   . VAL A 1 54  ? 14.689  3.239   -2.198  1.00 33.36 ? 96  VAL A N   1 
ATOM   394  C CA  . VAL A 1 54  ? 13.885  3.804   -1.128  1.00 36.13 ? 96  VAL A CA  1 
ATOM   395  C C   . VAL A 1 54  ? 14.766  4.329   0.006   1.00 37.10 ? 96  VAL A C   1 
ATOM   396  O O   . VAL A 1 54  ? 15.622  3.621   0.532   1.00 37.50 ? 96  VAL A O   1 
ATOM   397  C CB  . VAL A 1 54  ? 12.907  2.765   -0.560  1.00 35.99 ? 96  VAL A CB  1 
ATOM   398  C CG1 . VAL A 1 54  ? 12.191  3.338   0.652   1.00 31.12 ? 96  VAL A CG1 1 
ATOM   399  C CG2 . VAL A 1 54  ? 11.895  2.362   -1.634  1.00 35.44 ? 96  VAL A CG2 1 
ATOM   400  N N   . GLU A 1 55  ? 14.544  5.581   0.373   1.00 33.81 ? 97  GLU A N   1 
ATOM   401  C CA  . GLU A 1 55  ? 15.295  6.219   1.442   1.00 42.83 ? 97  GLU A CA  1 
ATOM   402  C C   . GLU A 1 55  ? 14.621  5.898   2.772   1.00 42.33 ? 97  GLU A C   1 
ATOM   403  O O   . GLU A 1 55  ? 15.265  5.456   3.720   1.00 44.82 ? 97  GLU A O   1 
ATOM   404  C CB  . GLU A 1 55  ? 15.309  7.724   1.202   1.00 43.04 ? 97  GLU A CB  1 
ATOM   405  C CG  . GLU A 1 55  ? 16.212  8.523   2.105   1.00 54.93 ? 97  GLU A CG  1 
ATOM   406  C CD  . GLU A 1 55  ? 16.469  9.899   1.531   1.00 53.13 ? 97  GLU A CD  1 
ATOM   407  O OE1 . GLU A 1 55  ? 17.066  9.967   0.435   1.00 55.92 ? 97  GLU A OE1 1 
ATOM   408  O OE2 . GLU A 1 55  ? 16.066  10.903  2.158   1.00 59.98 ? 97  GLU A OE2 1 
ATOM   409  N N   . GLU A 1 56  ? 13.311  6.109   2.821   1.00 40.73 ? 98  GLU A N   1 
ATOM   410  C CA  . GLU A 1 56  ? 12.520  5.849   4.019   1.00 40.43 ? 98  GLU A CA  1 
ATOM   411  C C   . GLU A 1 56  ? 11.136  5.360   3.626   1.00 36.01 ? 98  GLU A C   1 
ATOM   412  O O   . GLU A 1 56  ? 10.610  5.748   2.585   1.00 31.14 ? 98  GLU A O   1 
ATOM   413  C CB  . GLU A 1 56  ? 12.323  7.122   4.837   1.00 42.56 ? 98  GLU A CB  1 
ATOM   414  C CG  . GLU A 1 56  ? 13.532  7.656   5.547   1.00 56.40 ? 98  GLU A CG  1 
ATOM   415  C CD  . GLU A 1 56  ? 13.195  8.925   6.296   1.00 61.55 ? 98  GLU A CD  1 
ATOM   416  O OE1 . GLU A 1 56  ? 12.429  8.846   7.284   1.00 59.31 ? 98  GLU A OE1 1 
ATOM   417  O OE2 . GLU A 1 56  ? 13.679  10.002  5.885   1.00 70.51 ? 98  GLU A OE2 1 
ATOM   418  N N   . MET A 1 57  ? 10.549  4.528   4.476   1.00 33.08 ? 99  MET A N   1 
ATOM   419  C CA  . MET A 1 57  ? 9.212   4.019   4.237   1.00 37.64 ? 99  MET A CA  1 
ATOM   420  C C   . MET A 1 57  ? 8.531   3.708   5.557   1.00 34.04 ? 99  MET A C   1 
ATOM   421  O O   . MET A 1 57  ? 9.170   3.262   6.509   1.00 37.50 ? 99  MET A O   1 
ATOM   422  C CB  . MET A 1 57  ? 9.243   2.754   3.378   1.00 34.84 ? 99  MET A CB  1 
ATOM   423  C CG  . MET A 1 57  ? 7.855   2.217   3.085   1.00 37.04 ? 99  MET A CG  1 
ATOM   424  S SD  . MET A 1 57  ? 7.834   0.714   2.086   1.00 37.89 ? 99  MET A SD  1 
ATOM   425  C CE  . MET A 1 57  ? 6.587   -0.228  2.942   1.00 30.78 ? 99  MET A CE  1 
ATOM   426  N N   . ASN A 1 58  ? 7.226   3.945   5.611   1.00 34.44 ? 100 ASN A N   1 
ATOM   427  C CA  . ASN A 1 58  ? 6.469   3.665   6.818   1.00 30.93 ? 100 ASN A CA  1 
ATOM   428  C C   . ASN A 1 58  ? 5.019   3.324   6.502   1.00 32.48 ? 100 ASN A C   1 
ATOM   429  O O   . ASN A 1 58  ? 4.426   3.866   5.568   1.00 35.92 ? 100 ASN A O   1 
ATOM   430  C CB  . ASN A 1 58  ? 6.521   4.867   7.761   1.00 34.41 ? 100 ASN A CB  1 
ATOM   431  C CG  . ASN A 1 58  ? 5.793   4.611   9.069   1.00 37.53 ? 100 ASN A CG  1 
ATOM   432  O OD1 . ASN A 1 58  ? 5.978   3.565   9.706   1.00 39.54 ? 100 ASN A OD1 1 
ATOM   433  N ND2 . ASN A 1 58  ? 4.962   5.564   9.481   1.00 36.29 ? 100 ASN A ND2 1 
ATOM   434  N N   . VAL A 1 59  ? 4.468   2.401   7.278   1.00 28.69 ? 101 VAL A N   1 
ATOM   435  C CA  . VAL A 1 59  ? 3.081   1.988   7.139   1.00 30.68 ? 101 VAL A CA  1 
ATOM   436  C C   . VAL A 1 59  ? 2.402   2.620   8.349   1.00 32.26 ? 101 VAL A C   1 
ATOM   437  O O   . VAL A 1 59  ? 2.770   2.343   9.488   1.00 31.87 ? 101 VAL A O   1 
ATOM   438  C CB  . VAL A 1 59  ? 2.935   0.455   7.195   1.00 30.30 ? 101 VAL A CB  1 
ATOM   439  C CG1 . VAL A 1 59  ? 1.466   0.072   7.180   1.00 25.24 ? 101 VAL A CG1 1 
ATOM   440  C CG2 . VAL A 1 59  ? 3.667   -0.177  6.023   1.00 27.11 ? 101 VAL A CG2 1 
ATOM   441  N N   . CYS A 1 60  ? 1.426   3.484   8.095   1.00 37.56 ? 102 CYS A N   1 
ATOM   442  C CA  . CYS A 1 60  ? 0.735   4.189   9.166   1.00 42.33 ? 102 CYS A CA  1 
ATOM   443  C C   . CYS A 1 60  ? -0.531  3.525   9.664   1.00 46.09 ? 102 CYS A C   1 
ATOM   444  O O   . CYS A 1 60  ? -1.054  2.586   9.064   1.00 55.37 ? 102 CYS A O   1 
ATOM   445  C CB  . CYS A 1 60  ? 0.354   5.601   8.720   1.00 47.45 ? 102 CYS A CB  1 
ATOM   446  S SG  . CYS A 1 60  ? 1.690   6.624   8.126   1.00 54.10 ? 102 CYS A SG  1 
ATOM   447  N N   . ASP A 1 61  ? -1.005  4.047   10.787  1.00 46.17 ? 103 ASP A N   1 
ATOM   448  C CA  . ASP A 1 61  ? -2.239  3.617   11.431  1.00 45.09 ? 103 ASP A CA  1 
ATOM   449  C C   . ASP A 1 61  ? -2.992  4.944   11.537  1.00 40.81 ? 103 ASP A C   1 
ATOM   450  O O   . ASP A 1 61  ? -2.810  5.703   12.485  1.00 42.92 ? 103 ASP A O   1 
ATOM   451  C CB  . ASP A 1 61  ? -1.938  3.040   12.819  1.00 43.95 ? 103 ASP A CB  1 
ATOM   452  C CG  . ASP A 1 61  ? -3.188  2.593   13.556  1.00 50.97 ? 103 ASP A CG  1 
ATOM   453  O OD1 . ASP A 1 61  ? -4.271  2.527   12.930  1.00 43.95 ? 103 ASP A OD1 1 
ATOM   454  O OD2 . ASP A 1 61  ? -3.079  2.297   14.766  1.00 53.73 ? 103 ASP A OD2 1 
ATOM   455  N N   . ASN A 1 62  ? -3.818  5.222   10.534  1.00 40.55 ? 104 ASN A N   1 
ATOM   456  C CA  . ASN A 1 62  ? -4.565  6.471   10.454  1.00 38.79 ? 104 ASN A CA  1 
ATOM   457  C C   . ASN A 1 62  ? -5.326  6.910   11.706  1.00 43.42 ? 104 ASN A C   1 
ATOM   458  O O   . ASN A 1 62  ? -4.967  7.911   12.322  1.00 39.45 ? 104 ASN A O   1 
ATOM   459  C CB  . ASN A 1 62  ? -5.507  6.425   9.254   1.00 39.12 ? 104 ASN A CB  1 
ATOM   460  C CG  . ASN A 1 62  ? -4.756  6.321   7.945   1.00 37.04 ? 104 ASN A CG  1 
ATOM   461  O OD1 . ASN A 1 62  ? -3.528  6.417   7.916   1.00 38.06 ? 104 ASN A OD1 1 
ATOM   462  N ND2 . ASN A 1 62  ? -5.485  6.128   6.854   1.00 40.75 ? 104 ASN A ND2 1 
ATOM   463  N N   . LEU A 1 63  ? -6.364  6.175   12.088  1.00 40.24 ? 105 LEU A N   1 
ATOM   464  C CA  . LEU A 1 63  ? -7.139  6.543   13.268  1.00 43.50 ? 105 LEU A CA  1 
ATOM   465  C C   . LEU A 1 63  ? -6.609  5.983   14.580  1.00 47.38 ? 105 LEU A C   1 
ATOM   466  O O   . LEU A 1 63  ? -7.097  6.345   15.647  1.00 54.33 ? 105 LEU A O   1 
ATOM   467  C CB  . LEU A 1 63  ? -8.598  6.125   13.097  1.00 39.07 ? 105 LEU A CB  1 
ATOM   468  C CG  . LEU A 1 63  ? -9.396  7.061   12.196  1.00 44.49 ? 105 LEU A CG  1 
ATOM   469  C CD1 . LEU A 1 63  ? -10.787 6.500   11.962  1.00 49.63 ? 105 LEU A CD1 1 
ATOM   470  C CD2 . LEU A 1 63  ? -9.465  8.437   12.851  1.00 47.25 ? 105 LEU A CD2 1 
ATOM   471  N N   . GLY A 1 64  ? -5.616  5.104   14.504  1.00 51.23 ? 106 GLY A N   1 
ATOM   472  C CA  . GLY A 1 64  ? -5.065  4.519   15.713  1.00 52.10 ? 106 GLY A CA  1 
ATOM   473  C C   . GLY A 1 64  ? -5.753  3.219   16.097  1.00 57.42 ? 106 GLY A C   1 
ATOM   474  O O   . GLY A 1 64  ? -5.479  2.665   17.162  1.00 53.59 ? 106 GLY A O   1 
ATOM   475  N N   . ASP A 1 65  ? -6.646  2.732   15.235  1.00 58.80 ? 107 ASP A N   1 
ATOM   476  C CA  . ASP A 1 65  ? -7.365  1.486   15.491  1.00 63.58 ? 107 ASP A CA  1 
ATOM   477  C C   . ASP A 1 65  ? -6.798  0.289   14.721  1.00 65.89 ? 107 ASP A C   1 
ATOM   478  O O   . ASP A 1 65  ? -7.406  -0.782  14.696  1.00 70.99 ? 107 ASP A O   1 
ATOM   479  C CB  . ASP A 1 65  ? -8.857  1.648   15.162  1.00 63.11 ? 107 ASP A CB  1 
ATOM   480  C CG  . ASP A 1 65  ? -9.096  2.277   13.800  1.00 66.61 ? 107 ASP A CG  1 
ATOM   481  O OD1 . ASP A 1 65  ? -8.185  2.224   12.947  1.00 68.87 ? 107 ASP A OD1 1 
ATOM   482  O OD2 . ASP A 1 65  ? -10.203 2.814   13.576  1.00 64.60 ? 107 ASP A OD2 1 
ATOM   483  N N   . HIS A 1 66  ? -5.641  0.476   14.088  1.00 66.66 ? 108 HIS A N   1 
ATOM   484  C CA  . HIS A 1 66  ? -4.976  -0.589  13.334  1.00 67.03 ? 108 HIS A CA  1 
ATOM   485  C C   . HIS A 1 66  ? -5.783  -1.125  12.153  1.00 64.49 ? 108 HIS A C   1 
ATOM   486  O O   . HIS A 1 66  ? -5.317  -2.004  11.425  1.00 64.32 ? 108 HIS A O   1 
ATOM   487  C CB  . HIS A 1 66  ? -4.646  -1.756  14.267  1.00 71.64 ? 108 HIS A CB  1 
ATOM   488  C CG  . HIS A 1 66  ? -3.830  -1.367  15.459  1.00 76.83 ? 108 HIS A CG  1 
ATOM   489  N ND1 . HIS A 1 66  ? -2.526  -0.938  15.360  1.00 78.59 ? 108 HIS A ND1 1 
ATOM   490  C CD2 . HIS A 1 66  ? -4.142  -1.332  16.778  1.00 78.66 ? 108 HIS A CD2 1 
ATOM   491  C CE1 . HIS A 1 66  ? -2.066  -0.653  16.567  1.00 81.40 ? 108 HIS A CE1 1 
ATOM   492  N NE2 . HIS A 1 66  ? -3.027  -0.883  17.443  1.00 80.33 ? 108 HIS A NE2 1 
ATOM   493  N N   . LEU A 1 67  ? -6.984  -0.590  11.960  1.00 59.19 ? 109 LEU A N   1 
ATOM   494  C CA  . LEU A 1 67  ? -7.866  -1.043  10.887  1.00 56.82 ? 109 LEU A CA  1 
ATOM   495  C C   . LEU A 1 67  ? -7.489  -0.572  9.485   1.00 55.62 ? 109 LEU A C   1 
ATOM   496  O O   . LEU A 1 67  ? -7.640  -1.317  8.516   1.00 51.65 ? 109 LEU A O   1 
ATOM   497  C CB  . LEU A 1 67  ? -9.302  -0.610  11.189  1.00 55.08 ? 109 LEU A CB  1 
ATOM   498  C CG  . LEU A 1 67  ? -9.816  -0.982  12.581  1.00 57.70 ? 109 LEU A CG  1 
ATOM   499  C CD1 . LEU A 1 67  ? -11.190 -0.368  12.788  1.00 56.86 ? 109 LEU A CD1 1 
ATOM   500  C CD2 . LEU A 1 67  ? -9.860  -2.501  12.736  1.00 56.21 ? 109 LEU A CD2 1 
ATOM   501  N N   . VAL A 1 68  ? -7.014  0.664   9.376   1.00 50.91 ? 110 VAL A N   1 
ATOM   502  C CA  . VAL A 1 68  ? -6.644  1.217   8.078   1.00 46.23 ? 110 VAL A CA  1 
ATOM   503  C C   . VAL A 1 68  ? -5.436  2.132   8.177   1.00 44.40 ? 110 VAL A C   1 
ATOM   504  O O   . VAL A 1 68  ? -5.305  2.894   9.129   1.00 43.38 ? 110 VAL A O   1 
ATOM   505  C CB  . VAL A 1 68  ? -7.809  2.027   7.469   1.00 45.78 ? 110 VAL A CB  1 
ATOM   506  C CG1 . VAL A 1 68  ? -7.392  2.605   6.117   1.00 38.08 ? 110 VAL A CG1 1 
ATOM   507  C CG2 . VAL A 1 68  ? -9.041  1.136   7.318   1.00 48.77 ? 110 VAL A CG2 1 
ATOM   508  N N   . GLY A 1 69  ? -4.559  2.062   7.184   1.00 42.26 ? 111 GLY A N   1 
ATOM   509  C CA  . GLY A 1 69  ? -3.393  2.912   7.207   1.00 38.09 ? 111 GLY A CA  1 
ATOM   510  C C   . GLY A 1 69  ? -2.828  3.240   5.843   1.00 37.79 ? 111 GLY A C   1 
ATOM   511  O O   . GLY A 1 69  ? -2.996  2.492   4.879   1.00 39.69 ? 111 GLY A O   1 
ATOM   512  N N   . ASN A 1 70  ? -2.171  4.386   5.762   1.00 34.60 ? 112 ASN A N   1 
ATOM   513  C CA  . ASN A 1 70  ? -1.536  4.794   4.530   1.00 32.47 ? 112 ASN A CA  1 
ATOM   514  C C   . ASN A 1 70  ? -0.113  4.278   4.560   1.00 33.32 ? 112 ASN A C   1 
ATOM   515  O O   . ASN A 1 70  ? 0.412   3.878   5.609   1.00 30.40 ? 112 ASN A O   1 
ATOM   516  C CB  . ASN A 1 70  ? -1.457  6.314   4.406   1.00 35.87 ? 112 ASN A CB  1 
ATOM   517  C CG  . ASN A 1 70  ? -2.805  6.965   4.291   1.00 38.51 ? 112 ASN A CG  1 
ATOM   518  O OD1 . ASN A 1 70  ? -3.778  6.343   3.871   1.00 44.42 ? 112 ASN A OD1 1 
ATOM   519  N ND2 . ASN A 1 70  ? -2.866  8.240   4.644   1.00 28.45 ? 112 ASN A ND2 1 
ATOM   520  N N   . VAL A 1 71  ? 0.510   4.301   3.395   1.00 28.23 ? 113 VAL A N   1 
ATOM   521  C CA  . VAL A 1 71  ? 1.893   3.909   3.281   1.00 31.07 ? 113 VAL A CA  1 
ATOM   522  C C   . VAL A 1 71  ? 2.594   5.119   2.683   1.00 28.64 ? 113 VAL A C   1 
ATOM   523  O O   . VAL A 1 71  ? 2.071   5.754   1.766   1.00 26.90 ? 113 VAL A O   1 
ATOM   524  C CB  . VAL A 1 71  ? 2.071   2.690   2.351   1.00 30.63 ? 113 VAL A CB  1 
ATOM   525  C CG1 . VAL A 1 71  ? 3.554   2.543   1.946   1.00 27.46 ? 113 VAL A CG1 1 
ATOM   526  C CG2 . VAL A 1 71  ? 1.607   1.440   3.076   1.00 28.34 ? 113 VAL A CG2 1 
ATOM   527  N N   . TYR A 1 72  ? 3.749   5.467   3.236   1.00 29.98 ? 114 TYR A N   1 
ATOM   528  C CA  . TYR A 1 72  ? 4.526   6.574   2.708   1.00 28.25 ? 114 TYR A CA  1 
ATOM   529  C C   . TYR A 1 72  ? 5.874   6.019   2.327   1.00 24.90 ? 114 TYR A C   1 
ATOM   530  O O   . TYR A 1 72  ? 6.486   5.288   3.097   1.00 28.95 ? 114 TYR A O   1 
ATOM   531  C CB  . TYR A 1 72  ? 4.695   7.687   3.735   1.00 29.23 ? 114 TYR A CB  1 
ATOM   532  C CG  . TYR A 1 72  ? 3.416   8.418   4.019   1.00 37.18 ? 114 TYR A CG  1 
ATOM   533  C CD1 . TYR A 1 72  ? 2.550   7.976   5.013   1.00 30.72 ? 114 TYR A CD1 1 
ATOM   534  C CD2 . TYR A 1 72  ? 3.046   9.530   3.260   1.00 36.13 ? 114 TYR A CD2 1 
ATOM   535  C CE1 . TYR A 1 72  ? 1.348   8.620   5.250   1.00 37.11 ? 114 TYR A CE1 1 
ATOM   536  C CE2 . TYR A 1 72  ? 1.839   10.182  3.488   1.00 38.30 ? 114 TYR A CE2 1 
ATOM   537  C CZ  . TYR A 1 72  ? 0.997   9.720   4.485   1.00 36.98 ? 114 TYR A CZ  1 
ATOM   538  O OH  . TYR A 1 72  ? -0.202  10.347  4.721   1.00 47.12 ? 114 TYR A OH  1 
ATOM   539  N N   . VAL A 1 73  ? 6.320   6.358   1.126   1.00 31.29 ? 115 VAL A N   1 
ATOM   540  C CA  . VAL A 1 73  ? 7.598   5.891   0.623   1.00 33.61 ? 115 VAL A CA  1 
ATOM   541  C C   . VAL A 1 73  ? 8.413   7.082   0.147   1.00 33.41 ? 115 VAL A C   1 
ATOM   542  O O   . VAL A 1 73  ? 7.984   7.821   -0.732  1.00 34.43 ? 115 VAL A O   1 
ATOM   543  C CB  . VAL A 1 73  ? 7.403   4.927   -0.563  1.00 31.97 ? 115 VAL A CB  1 
ATOM   544  C CG1 . VAL A 1 73  ? 8.751   4.383   -1.030  1.00 28.06 ? 115 VAL A CG1 1 
ATOM   545  C CG2 . VAL A 1 73  ? 6.460   3.809   -0.165  1.00 32.33 ? 115 VAL A CG2 1 
ATOM   546  N N   . LYS A 1 74  ? 9.584   7.278   0.734   1.00 34.67 ? 116 LYS A N   1 
ATOM   547  C CA  . LYS A 1 74  ? 10.427  8.386   0.322   1.00 35.25 ? 116 LYS A CA  1 
ATOM   548  C C   . LYS A 1 74  ? 11.523  7.802   -0.552  1.00 35.33 ? 116 LYS A C   1 
ATOM   549  O O   . LYS A 1 74  ? 12.384  7.059   -0.071  1.00 33.24 ? 116 LYS A O   1 
ATOM   550  C CB  . LYS A 1 74  ? 11.035  9.094   1.541   1.00 34.78 ? 116 LYS A CB  1 
ATOM   551  C CG  . LYS A 1 74  ? 11.826  10.359  1.187   1.00 46.74 ? 116 LYS A CG  1 
ATOM   552  C CD  . LYS A 1 74  ? 12.442  10.983  2.427   1.00 48.89 ? 116 LYS A CD  1 
ATOM   553  C CE  . LYS A 1 74  ? 13.061  12.335  2.123   1.00 63.15 ? 116 LYS A CE  1 
ATOM   554  N NZ  . LYS A 1 74  ? 13.564  12.990  3.366   1.00 67.84 ? 116 LYS A NZ  1 
ATOM   555  N N   . PHE A 1 75  ? 11.459  8.104   -1.844  1.00 32.37 ? 117 PHE A N   1 
ATOM   556  C CA  . PHE A 1 75  ? 12.457  7.619   -2.779  1.00 37.40 ? 117 PHE A CA  1 
ATOM   557  C C   . PHE A 1 75  ? 13.654  8.554   -2.743  1.00 43.15 ? 117 PHE A C   1 
ATOM   558  O O   . PHE A 1 75  ? 13.517  9.750   -2.468  1.00 45.13 ? 117 PHE A O   1 
ATOM   559  C CB  . PHE A 1 75  ? 11.899  7.568   -4.206  1.00 36.41 ? 117 PHE A CB  1 
ATOM   560  C CG  . PHE A 1 75  ? 10.889  6.472   -4.431  1.00 37.16 ? 117 PHE A CG  1 
ATOM   561  C CD1 . PHE A 1 75  ? 9.524   6.723   -4.302  1.00 35.01 ? 117 PHE A CD1 1 
ATOM   562  C CD2 . PHE A 1 75  ? 11.306  5.183   -4.759  1.00 33.15 ? 117 PHE A CD2 1 
ATOM   563  C CE1 . PHE A 1 75  ? 8.589   5.700   -4.501  1.00 36.92 ? 117 PHE A CE1 1 
ATOM   564  C CE2 . PHE A 1 75  ? 10.378  4.155   -4.958  1.00 31.53 ? 117 PHE A CE2 1 
ATOM   565  C CZ  . PHE A 1 75  ? 9.018   4.418   -4.827  1.00 30.12 ? 117 PHE A CZ  1 
ATOM   566  N N   . ARG A 1 76  ? 14.831  8.007   -3.017  1.00 47.77 ? 118 ARG A N   1 
ATOM   567  C CA  . ARG A 1 76  ? 16.039  8.813   -3.028  1.00 54.40 ? 118 ARG A CA  1 
ATOM   568  C C   . ARG A 1 76  ? 15.965  9.830   -4.165  1.00 57.04 ? 118 ARG A C   1 
ATOM   569  O O   . ARG A 1 76  ? 16.507  10.928  -4.063  1.00 59.02 ? 118 ARG A O   1 
ATOM   570  C CB  . ARG A 1 76  ? 17.258  7.913   -3.213  1.00 53.44 ? 118 ARG A CB  1 
ATOM   571  C CG  . ARG A 1 76  ? 18.574  8.660   -3.231  1.00 65.28 ? 118 ARG A CG  1 
ATOM   572  C CD  . ARG A 1 76  ? 19.744  7.695   -3.186  1.00 67.44 ? 118 ARG A CD  1 
ATOM   573  N NE  . ARG A 1 76  ? 21.021  8.396   -3.152  1.00 69.37 ? 118 ARG A NE  1 
ATOM   574  C CZ  . ARG A 1 76  ? 22.191  7.804   -2.943  1.00 71.73 ? 118 ARG A CZ  1 
ATOM   575  N NH1 . ARG A 1 76  ? 22.247  6.493   -2.746  1.00 66.47 ? 118 ARG A NH1 1 
ATOM   576  N NH2 . ARG A 1 76  ? 23.305  8.525   -2.931  1.00 76.01 ? 118 ARG A NH2 1 
ATOM   577  N N   . ARG A 1 77  ? 15.272  9.460   -5.238  1.00 58.28 ? 119 ARG A N   1 
ATOM   578  C CA  . ARG A 1 77  ? 15.134  10.319  -6.407  1.00 63.32 ? 119 ARG A CA  1 
ATOM   579  C C   . ARG A 1 77  ? 13.729  10.826  -6.679  1.00 62.44 ? 119 ARG A C   1 
ATOM   580  O O   . ARG A 1 77  ? 12.786  10.048  -6.787  1.00 59.84 ? 119 ARG A O   1 
ATOM   581  C CB  . ARG A 1 77  ? 15.631  9.587   -7.649  1.00 67.50 ? 119 ARG A CB  1 
ATOM   582  C CG  . ARG A 1 77  ? 17.084  9.304   -7.629  1.00 76.70 ? 119 ARG A CG  1 
ATOM   583  C CD  . ARG A 1 77  ? 17.536  8.554   -8.861  1.00 84.76 ? 119 ARG A CD  1 
ATOM   584  N NE  . ARG A 1 77  ? 18.959  8.254   -8.813  1.00 94.08 ? 119 ARG A NE  1 
ATOM   585  C CZ  . ARG A 1 77  ? 19.659  8.138   -7.691  1.00 97.56 ? 119 ARG A CZ  1 
ATOM   586  N NH1 . ARG A 1 77  ? 19.093  8.297   -6.504  1.00 98.01 ? 119 ARG A NH1 1 
ATOM   587  N NH2 . ARG A 1 77  ? 20.936  7.856   -7.761  1.00 98.01 ? 119 ARG A NH2 1 
ATOM   588  N N   . GLU A 1 78  ? 13.607  12.141  -6.812  1.00 63.01 ? 120 GLU A N   1 
ATOM   589  C CA  . GLU A 1 78  ? 12.325  12.768  -7.083  1.00 67.39 ? 120 GLU A CA  1 
ATOM   590  C C   . GLU A 1 78  ? 11.719  12.161  -8.348  1.00 67.73 ? 120 GLU A C   1 
ATOM   591  O O   . GLU A 1 78  ? 10.502  12.001  -8.448  1.00 64.90 ? 120 GLU A O   1 
ATOM   592  C CB  . GLU A 1 78  ? 12.520  14.279  -7.249  1.00 74.07 ? 120 GLU A CB  1 
ATOM   593  C CG  . GLU A 1 78  ? 11.241  15.084  -7.412  1.00 86.62 ? 120 GLU A CG  1 
ATOM   594  C CD  . GLU A 1 78  ? 11.487  16.585  -7.330  1.00 94.17 ? 120 GLU A CD  1 
ATOM   595  O OE1 . GLU A 1 78  ? 12.362  17.088  -8.069  1.00 96.78 ? 120 GLU A OE1 1 
ATOM   596  O OE2 . GLU A 1 78  ? 10.806  17.260  -6.528  1.00 97.88 ? 120 GLU A OE2 1 
ATOM   597  N N   . GLU A 1 79  ? 12.575  11.811  -9.304  1.00 67.33 ? 121 GLU A N   1 
ATOM   598  C CA  . GLU A 1 79  ? 12.136  11.220  -10.567 1.00 66.91 ? 121 GLU A CA  1 
ATOM   599  C C   . GLU A 1 79  ? 11.407  9.897   -10.359 1.00 62.71 ? 121 GLU A C   1 
ATOM   600  O O   . GLU A 1 79  ? 10.330  9.681   -10.914 1.00 58.55 ? 121 GLU A O   1 
ATOM   601  C CB  . GLU A 1 79  ? 13.340  10.982  -11.478 1.00 74.36 ? 121 GLU A CB  1 
ATOM   602  C CG  . GLU A 1 79  ? 14.121  12.236  -11.827 1.00 84.81 ? 121 GLU A CG  1 
ATOM   603  C CD  . GLU A 1 79  ? 15.578  11.937  -12.122 1.00 89.50 ? 121 GLU A CD  1 
ATOM   604  O OE1 . GLU A 1 79  ? 16.434  12.253  -11.271 1.00 87.67 ? 121 GLU A OE1 1 
ATOM   605  O OE2 . GLU A 1 79  ? 15.865  11.368  -13.196 1.00 90.77 ? 121 GLU A OE2 1 
ATOM   606  N N   . ASP A 1 80  ? 12.009  9.009   -9.569  1.00 58.24 ? 122 ASP A N   1 
ATOM   607  C CA  . ASP A 1 80  ? 11.415  7.708   -9.294  1.00 52.45 ? 122 ASP A CA  1 
ATOM   608  C C   . ASP A 1 80  ? 10.043  7.865   -8.659  1.00 46.46 ? 122 ASP A C   1 
ATOM   609  O O   . ASP A 1 80  ? 9.104   7.154   -9.009  1.00 45.24 ? 122 ASP A O   1 
ATOM   610  C CB  . ASP A 1 80  ? 12.318  6.888   -8.372  1.00 54.19 ? 122 ASP A CB  1 
ATOM   611  C CG  . ASP A 1 80  ? 13.639  6.519   -9.028  1.00 57.53 ? 122 ASP A CG  1 
ATOM   612  O OD1 . ASP A 1 80  ? 13.636  6.235   -10.245 1.00 60.88 ? 122 ASP A OD1 1 
ATOM   613  O OD2 . ASP A 1 80  ? 14.676  6.496   -8.325  1.00 53.80 ? 122 ASP A OD2 1 
ATOM   614  N N   . ALA A 1 81  ? 9.935   8.808   -7.730  1.00 43.25 ? 123 ALA A N   1 
ATOM   615  C CA  . ALA A 1 81  ? 8.679   9.068   -7.040  1.00 38.68 ? 123 ALA A CA  1 
ATOM   616  C C   . ALA A 1 81  ? 7.567   9.451   -8.013  1.00 43.46 ? 123 ALA A C   1 
ATOM   617  O O   . ALA A 1 81  ? 6.483   8.879   -7.977  1.00 35.52 ? 123 ALA A O   1 
ATOM   618  C CB  . ALA A 1 81  ? 8.868   10.168  -6.013  1.00 38.31 ? 123 ALA A CB  1 
ATOM   619  N N   . GLU A 1 82  ? 7.841   10.419  -8.882  1.00 45.62 ? 124 GLU A N   1 
ATOM   620  C CA  . GLU A 1 82  ? 6.851   10.880  -9.844  1.00 49.01 ? 124 GLU A CA  1 
ATOM   621  C C   . GLU A 1 82  ? 6.414   9.776   -10.794 1.00 46.29 ? 124 GLU A C   1 
ATOM   622  O O   . GLU A 1 82  ? 5.249   9.715   -11.186 1.00 42.67 ? 124 GLU A O   1 
ATOM   623  C CB  . GLU A 1 82  ? 7.398   12.071  -10.637 1.00 55.02 ? 124 GLU A CB  1 
ATOM   624  C CG  . GLU A 1 82  ? 7.740   13.269  -9.764  1.00 66.36 ? 124 GLU A CG  1 
ATOM   625  C CD  . GLU A 1 82  ? 8.266   14.452  -10.559 1.00 73.54 ? 124 GLU A CD  1 
ATOM   626  O OE1 . GLU A 1 82  ? 9.219   14.264  -11.347 1.00 76.61 ? 124 GLU A OE1 1 
ATOM   627  O OE2 . GLU A 1 82  ? 7.733   15.571  -10.388 1.00 75.08 ? 124 GLU A OE2 1 
ATOM   628  N N   . LYS A 1 83  ? 7.343   8.904   -11.165 1.00 44.85 ? 125 LYS A N   1 
ATOM   629  C CA  . LYS A 1 83  ? 7.006   7.807   -12.060 1.00 44.02 ? 125 LYS A CA  1 
ATOM   630  C C   . LYS A 1 83  ? 6.266   6.694   -11.330 1.00 43.21 ? 125 LYS A C   1 
ATOM   631  O O   . LYS A 1 83  ? 5.422   6.012   -11.916 1.00 42.54 ? 125 LYS A O   1 
ATOM   632  C CB  . LYS A 1 83  ? 8.268   7.248   -12.717 1.00 49.08 ? 125 LYS A CB  1 
ATOM   633  C CG  . LYS A 1 83  ? 8.832   8.141   -13.817 1.00 59.57 ? 125 LYS A CG  1 
ATOM   634  C CD  . LYS A 1 83  ? 10.084  7.530   -14.427 1.00 67.80 ? 125 LYS A CD  1 
ATOM   635  C CE  . LYS A 1 83  ? 10.688  8.440   -15.480 1.00 72.17 ? 125 LYS A CE  1 
ATOM   636  N NZ  . LYS A 1 83  ? 11.969  7.897   -16.013 1.00 75.95 ? 125 LYS A NZ  1 
ATOM   637  N N   . ALA A 1 84  ? 6.584   6.505   -10.052 1.00 36.73 ? 126 ALA A N   1 
ATOM   638  C CA  . ALA A 1 84  ? 5.925   5.471   -9.268  1.00 35.99 ? 126 ALA A CA  1 
ATOM   639  C C   . ALA A 1 84  ? 4.447   5.805   -9.153  1.00 34.89 ? 126 ALA A C   1 
ATOM   640  O O   . ALA A 1 84  ? 3.589   4.947   -9.349  1.00 35.63 ? 126 ALA A O   1 
ATOM   641  C CB  . ALA A 1 84  ? 6.546   5.374   -7.877  1.00 25.66 ? 126 ALA A CB  1 
ATOM   642  N N   . VAL A 1 85  ? 4.155   7.064   -8.841  1.00 37.94 ? 127 VAL A N   1 
ATOM   643  C CA  . VAL A 1 85  ? 2.775   7.508   -8.691  1.00 40.66 ? 127 VAL A CA  1 
ATOM   644  C C   . VAL A 1 85  ? 1.937   7.189   -9.926  1.00 42.34 ? 127 VAL A C   1 
ATOM   645  O O   . VAL A 1 85  ? 0.852   6.615   -9.816  1.00 44.25 ? 127 VAL A O   1 
ATOM   646  C CB  . VAL A 1 85  ? 2.717   9.020   -8.399  1.00 37.04 ? 127 VAL A CB  1 
ATOM   647  C CG1 . VAL A 1 85  ? 1.271   9.503   -8.396  1.00 34.72 ? 127 VAL A CG1 1 
ATOM   648  C CG2 . VAL A 1 85  ? 3.362   9.300   -7.047  1.00 38.84 ? 127 VAL A CG2 1 
ATOM   649  N N   . ILE A 1 86  ? 2.451   7.551   -11.095 1.00 41.90 ? 128 ILE A N   1 
ATOM   650  C CA  . ILE A 1 86  ? 1.751   7.310   -12.349 1.00 42.48 ? 128 ILE A CA  1 
ATOM   651  C C   . ILE A 1 86  ? 1.497   5.819   -12.583 1.00 39.53 ? 128 ILE A C   1 
ATOM   652  O O   . ILE A 1 86  ? 0.363   5.406   -12.844 1.00 38.88 ? 128 ILE A O   1 
ATOM   653  C CB  . ILE A 1 86  ? 2.549   7.879   -13.543 1.00 47.17 ? 128 ILE A CB  1 
ATOM   654  C CG1 . ILE A 1 86  ? 2.721   9.389   -13.375 1.00 46.68 ? 128 ILE A CG1 1 
ATOM   655  C CG2 . ILE A 1 86  ? 1.823   7.577   -14.851 1.00 48.06 ? 128 ILE A CG2 1 
ATOM   656  C CD1 . ILE A 1 86  ? 3.770   9.987   -14.290 1.00 44.89 ? 128 ILE A CD1 1 
ATOM   657  N N   . ASP A 1 87  ? 2.545   5.008   -12.485 1.00 32.57 ? 129 ASP A N   1 
ATOM   658  C CA  . ASP A 1 87  ? 2.377   3.577   -12.704 1.00 36.57 ? 129 ASP A CA  1 
ATOM   659  C C   . ASP A 1 87  ? 1.501   2.921   -11.639 1.00 35.57 ? 129 ASP A C   1 
ATOM   660  O O   . ASP A 1 87  ? 0.642   2.095   -11.957 1.00 37.78 ? 129 ASP A O   1 
ATOM   661  C CB  . ASP A 1 87  ? 3.738   2.870   -12.758 1.00 35.47 ? 129 ASP A CB  1 
ATOM   662  C CG  . ASP A 1 87  ? 3.613   1.409   -13.158 1.00 40.84 ? 129 ASP A CG  1 
ATOM   663  O OD1 . ASP A 1 87  ? 3.085   1.140   -14.260 1.00 42.87 ? 129 ASP A OD1 1 
ATOM   664  O OD2 . ASP A 1 87  ? 4.029   0.525   -12.377 1.00 32.91 ? 129 ASP A OD2 1 
ATOM   665  N N   . LEU A 1 88  ? 1.714   3.288   -10.378 1.00 34.37 ? 130 LEU A N   1 
ATOM   666  C CA  . LEU A 1 88  ? 0.941   2.704   -9.281  1.00 29.07 ? 130 LEU A CA  1 
ATOM   667  C C   . LEU A 1 88  ? -0.546  2.991   -9.397  1.00 30.57 ? 130 LEU A C   1 
ATOM   668  O O   . LEU A 1 88  ? -1.379  2.186   -8.974  1.00 25.81 ? 130 LEU A O   1 
ATOM   669  C CB  . LEU A 1 88  ? 1.466   3.203   -7.931  1.00 28.18 ? 130 LEU A CB  1 
ATOM   670  C CG  . LEU A 1 88  ? 2.783   2.546   -7.504  1.00 30.90 ? 130 LEU A CG  1 
ATOM   671  C CD1 . LEU A 1 88  ? 3.470   3.379   -6.439  1.00 34.41 ? 130 LEU A CD1 1 
ATOM   672  C CD2 . LEU A 1 88  ? 2.499   1.140   -7.000  1.00 28.67 ? 130 LEU A CD2 1 
ATOM   673  N N   . ASN A 1 89  ? -0.889  4.144   -9.960  1.00 27.89 ? 131 ASN A N   1 
ATOM   674  C CA  . ASN A 1 89  ? -2.287  4.473   -10.117 1.00 29.34 ? 131 ASN A CA  1 
ATOM   675  C C   . ASN A 1 89  ? -2.945  3.628   -11.210 1.00 29.47 ? 131 ASN A C   1 
ATOM   676  O O   . ASN A 1 89  ? -4.163  3.665   -11.380 1.00 25.54 ? 131 ASN A O   1 
ATOM   677  C CB  . ASN A 1 89  ? -2.467  5.970   -10.383 1.00 31.94 ? 131 ASN A CB  1 
ATOM   678  C CG  . ASN A 1 89  ? -2.555  6.770   -9.097  1.00 32.37 ? 131 ASN A CG  1 
ATOM   679  O OD1 . ASN A 1 89  ? -3.287  6.398   -8.185  1.00 33.90 ? 131 ASN A OD1 1 
ATOM   680  N ND2 . ASN A 1 89  ? -1.817  7.871   -9.018  1.00 34.22 ? 131 ASN A ND2 1 
ATOM   681  N N   . ASN A 1 90  ? -2.126  2.867   -11.938 1.00 25.14 ? 132 ASN A N   1 
ATOM   682  C CA  . ASN A 1 90  ? -2.607  1.960   -12.978 1.00 33.46 ? 132 ASN A CA  1 
ATOM   683  C C   . ASN A 1 90  ? -2.501  0.502   -12.510 1.00 32.72 ? 132 ASN A C   1 
ATOM   684  O O   . ASN A 1 90  ? -2.513  -0.418  -13.332 1.00 32.64 ? 132 ASN A O   1 
ATOM   685  C CB  . ASN A 1 90  ? -1.793  2.115   -14.270 1.00 35.95 ? 132 ASN A CB  1 
ATOM   686  C CG  . ASN A 1 90  ? -2.034  3.445   -14.954 1.00 40.97 ? 132 ASN A CG  1 
ATOM   687  O OD1 . ASN A 1 90  ? -3.159  3.930   -14.994 1.00 45.09 ? 132 ASN A OD1 1 
ATOM   688  N ND2 . ASN A 1 90  ? -0.978  4.034   -15.508 1.00 41.71 ? 132 ASN A ND2 1 
ATOM   689  N N   . ARG A 1 91  ? -2.392  0.286   -11.200 1.00 29.92 ? 133 ARG A N   1 
ATOM   690  C CA  . ARG A 1 91  ? -2.271  -1.081  -10.689 1.00 30.62 ? 133 ARG A CA  1 
ATOM   691  C C   . ARG A 1 91  ? -3.253  -1.441  -9.582  1.00 30.12 ? 133 ARG A C   1 
ATOM   692  O O   . ARG A 1 91  ? -3.825  -0.570  -8.916  1.00 28.74 ? 133 ARG A O   1 
ATOM   693  C CB  . ARG A 1 91  ? -0.848  -1.336  -10.173 1.00 25.28 ? 133 ARG A CB  1 
ATOM   694  C CG  . ARG A 1 91  ? 0.247   -1.141  -11.200 1.00 28.66 ? 133 ARG A CG  1 
ATOM   695  C CD  . ARG A 1 91  ? 1.639   -1.364  -10.590 1.00 28.48 ? 133 ARG A CD  1 
ATOM   696  N NE  . ARG A 1 91  ? 1.861   -2.754  -10.197 1.00 27.73 ? 133 ARG A NE  1 
ATOM   697  C CZ  . ARG A 1 91  ? 2.972   -3.200  -9.623  1.00 27.35 ? 133 ARG A CZ  1 
ATOM   698  N NH1 . ARG A 1 91  ? 3.973   -2.365  -9.365  1.00 30.28 ? 133 ARG A NH1 1 
ATOM   699  N NH2 . ARG A 1 91  ? 3.088   -4.486  -9.311  1.00 30.76 ? 133 ARG A NH2 1 
ATOM   700  N N   . TRP A 1 92  ? -3.441  -2.744  -9.396  1.00 31.58 ? 134 TRP A N   1 
ATOM   701  C CA  . TRP A 1 92  ? -4.313  -3.254  -8.350  1.00 26.19 ? 134 TRP A CA  1 
ATOM   702  C C   . TRP A 1 92  ? -3.416  -3.687  -7.200  1.00 27.03 ? 134 TRP A C   1 
ATOM   703  O O   . TRP A 1 92  ? -2.216  -3.885  -7.366  1.00 26.62 ? 134 TRP A O   1 
ATOM   704  C CB  . TRP A 1 92  ? -5.078  -4.503  -8.809  1.00 27.07 ? 134 TRP A CB  1 
ATOM   705  C CG  . TRP A 1 92  ? -5.929  -4.369  -10.032 1.00 30.12 ? 134 TRP A CG  1 
ATOM   706  C CD1 . TRP A 1 92  ? -5.739  -4.998  -11.230 1.00 37.56 ? 134 TRP A CD1 1 
ATOM   707  C CD2 . TRP A 1 92  ? -7.168  -3.658  -10.146 1.00 27.77 ? 134 TRP A CD2 1 
ATOM   708  N NE1 . TRP A 1 92  ? -6.786  -4.732  -12.078 1.00 31.70 ? 134 TRP A NE1 1 
ATOM   709  C CE2 . TRP A 1 92  ? -7.677  -3.908  -11.443 1.00 29.54 ? 134 TRP A CE2 1 
ATOM   710  C CE3 . TRP A 1 92  ? -7.893  -2.828  -9.283  1.00 19.84 ? 134 TRP A CE3 1 
ATOM   711  C CZ2 . TRP A 1 92  ? -8.889  -3.370  -11.894 1.00 27.02 ? 134 TRP A CZ2 1 
ATOM   712  C CZ3 . TRP A 1 92  ? -9.103  -2.290  -9.731  1.00 32.37 ? 134 TRP A CZ3 1 
ATOM   713  C CH2 . TRP A 1 92  ? -9.583  -2.564  -11.031 1.00 28.14 ? 134 TRP A CH2 1 
ATOM   714  N N   . PHE A 1 93  ? -4.021  -3.845  -6.036  1.00 28.62 ? 135 PHE A N   1 
ATOM   715  C CA  . PHE A 1 93  ? -3.322  -4.327  -4.861  1.00 28.46 ? 135 PHE A CA  1 
ATOM   716  C C   . PHE A 1 93  ? -4.384  -4.958  -3.977  1.00 28.38 ? 135 PHE A C   1 
ATOM   717  O O   . PHE A 1 93  ? -5.320  -4.285  -3.544  1.00 22.82 ? 135 PHE A O   1 
ATOM   718  C CB  . PHE A 1 93  ? -2.629  -3.195  -4.086  1.00 30.97 ? 135 PHE A CB  1 
ATOM   719  C CG  . PHE A 1 93  ? -1.827  -3.679  -2.906  1.00 29.09 ? 135 PHE A CG  1 
ATOM   720  C CD1 . PHE A 1 93  ? -0.491  -4.039  -3.053  1.00 35.32 ? 135 PHE A CD1 1 
ATOM   721  C CD2 . PHE A 1 93  ? -2.410  -3.788  -1.649  1.00 29.78 ? 135 PHE A CD2 1 
ATOM   722  C CE1 . PHE A 1 93  ? 0.245   -4.496  -1.971  1.00 26.97 ? 135 PHE A CE1 1 
ATOM   723  C CE2 . PHE A 1 93  ? -1.674  -4.249  -0.557  1.00 32.14 ? 135 PHE A CE2 1 
ATOM   724  C CZ  . PHE A 1 93  ? -0.348  -4.602  -0.719  1.00 28.64 ? 135 PHE A CZ  1 
ATOM   725  N N   . ASN A 1 94  ? -4.266  -6.262  -3.754  1.00 34.23 ? 136 ASN A N   1 
ATOM   726  C CA  . ASN A 1 94  ? -5.194  -6.966  -2.879  1.00 31.58 ? 136 ASN A CA  1 
ATOM   727  C C   . ASN A 1 94  ? -6.685  -6.777  -3.194  1.00 30.24 ? 136 ASN A C   1 
ATOM   728  O O   . ASN A 1 94  ? -7.495  -6.587  -2.289  1.00 30.57 ? 136 ASN A O   1 
ATOM   729  C CB  . ASN A 1 94  ? -4.895  -6.541  -1.435  1.00 35.63 ? 136 ASN A CB  1 
ATOM   730  C CG  . ASN A 1 94  ? -5.535  -7.451  -0.407  1.00 40.60 ? 136 ASN A CG  1 
ATOM   731  O OD1 . ASN A 1 94  ? -5.575  -8.668  -0.577  1.00 40.39 ? 136 ASN A OD1 1 
ATOM   732  N ND2 . ASN A 1 94  ? -6.022  -6.860  0.682   1.00 42.09 ? 136 ASN A ND2 1 
ATOM   733  N N   . GLY A 1 95  ? -7.052  -6.832  -4.471  1.00 33.03 ? 137 GLY A N   1 
ATOM   734  C CA  . GLY A 1 95  ? -8.455  -6.684  -4.834  1.00 26.77 ? 137 GLY A CA  1 
ATOM   735  C C   . GLY A 1 95  ? -9.004  -5.259  -4.873  1.00 35.16 ? 137 GLY A C   1 
ATOM   736  O O   . GLY A 1 95  ? -10.213 -5.054  -4.994  1.00 32.19 ? 137 GLY A O   1 
ATOM   737  N N   . GLN A 1 96  ? -8.127  -4.267  -4.759  1.00 33.02 ? 138 GLN A N   1 
ATOM   738  C CA  . GLN A 1 96  ? -8.545  -2.870  -4.801  1.00 29.59 ? 138 GLN A CA  1 
ATOM   739  C C   . GLN A 1 96  ? -7.593  -2.095  -5.690  1.00 26.30 ? 138 GLN A C   1 
ATOM   740  O O   . GLN A 1 96  ? -6.439  -2.469  -5.851  1.00 28.97 ? 138 GLN A O   1 
ATOM   741  C CB  . GLN A 1 96  ? -8.510  -2.242  -3.409  1.00 25.16 ? 138 GLN A CB  1 
ATOM   742  C CG  . GLN A 1 96  ? -9.489  -2.808  -2.407  1.00 33.51 ? 138 GLN A CG  1 
ATOM   743  C CD  . GLN A 1 96  ? -10.928 -2.614  -2.831  1.00 41.23 ? 138 GLN A CD  1 
ATOM   744  O OE1 . GLN A 1 96  ? -11.304 -1.559  -3.349  1.00 38.89 ? 138 GLN A OE1 1 
ATOM   745  N NE2 . GLN A 1 96  ? -11.748 -3.632  -2.606  1.00 43.23 ? 138 GLN A NE2 1 
ATOM   746  N N   . PRO A 1 97  ? -8.076  -1.017  -6.316  1.00 28.21 ? 139 PRO A N   1 
ATOM   747  C CA  . PRO A 1 97  ? -7.165  -0.251  -7.164  1.00 30.27 ? 139 PRO A CA  1 
ATOM   748  C C   . PRO A 1 97  ? -6.290  0.555   -6.199  1.00 27.34 ? 139 PRO A C   1 
ATOM   749  O O   . PRO A 1 97  ? -6.721  0.856   -5.088  1.00 26.26 ? 139 PRO A O   1 
ATOM   750  C CB  . PRO A 1 97  ? -8.111  0.640   -7.950  1.00 29.16 ? 139 PRO A CB  1 
ATOM   751  C CG  . PRO A 1 97  ? -9.176  0.939   -6.930  1.00 30.00 ? 139 PRO A CG  1 
ATOM   752  C CD  . PRO A 1 97  ? -9.425  -0.426  -6.317  1.00 27.18 ? 139 PRO A CD  1 
ATOM   753  N N   . ILE A 1 98  ? -5.069  0.881   -6.595  1.00 32.08 ? 140 ILE A N   1 
ATOM   754  C CA  . ILE A 1 98  ? -4.209  1.672   -5.720  1.00 29.74 ? 140 ILE A CA  1 
ATOM   755  C C   . ILE A 1 98  ? -4.541  3.137   -5.927  1.00 31.86 ? 140 ILE A C   1 
ATOM   756  O O   . ILE A 1 98  ? -4.902  3.545   -7.032  1.00 29.27 ? 140 ILE A O   1 
ATOM   757  C CB  . ILE A 1 98  ? -2.722  1.488   -6.061  1.00 29.85 ? 140 ILE A CB  1 
ATOM   758  C CG1 . ILE A 1 98  ? -2.294  0.055   -5.746  1.00 33.80 ? 140 ILE A CG1 1 
ATOM   759  C CG2 . ILE A 1 98  ? -1.875  2.526   -5.294  1.00 27.15 ? 140 ILE A CG2 1 
ATOM   760  C CD1 . ILE A 1 98  ? -0.865  -0.279  -6.163  1.00 33.67 ? 140 ILE A CD1 1 
ATOM   761  N N   . HIS A 1 99  ? -4.433  3.921   -4.861  1.00 33.59 ? 141 HIS A N   1 
ATOM   762  C CA  . HIS A 1 99  ? -4.665  5.366   -4.930  1.00 34.02 ? 141 HIS A CA  1 
ATOM   763  C C   . HIS A 1 99  ? -3.337  5.991   -4.511  1.00 29.89 ? 141 HIS A C   1 
ATOM   764  O O   . HIS A 1 99  ? -3.071  6.160   -3.321  1.00 28.28 ? 141 HIS A O   1 
ATOM   765  C CB  . HIS A 1 99  ? -5.781  5.774   -3.965  1.00 34.27 ? 141 HIS A CB  1 
ATOM   766  C CG  . HIS A 1 99  ? -7.155  5.413   -4.438  1.00 45.34 ? 141 HIS A CG  1 
ATOM   767  N ND1 . HIS A 1 99  ? -7.885  6.217   -5.291  1.00 49.53 ? 141 HIS A ND1 1 
ATOM   768  C CD2 . HIS A 1 99  ? -7.928  4.332   -4.192  1.00 41.84 ? 141 HIS A CD2 1 
ATOM   769  C CE1 . HIS A 1 99  ? -9.048  5.646   -5.542  1.00 49.38 ? 141 HIS A CE1 1 
ATOM   770  N NE2 . HIS A 1 99  ? -9.101  4.500   -4.887  1.00 46.84 ? 141 HIS A NE2 1 
ATOM   771  N N   . ALA A 1 100 ? -2.493  6.285   -5.497  1.00 30.07 ? 142 ALA A N   1 
ATOM   772  C CA  . ALA A 1 100 ? -1.173  6.852   -5.255  1.00 33.02 ? 142 ALA A CA  1 
ATOM   773  C C   . ALA A 1 100 ? -1.203  8.361   -5.410  1.00 38.08 ? 142 ALA A C   1 
ATOM   774  O O   . ALA A 1 100 ? -2.010  8.902   -6.163  1.00 38.41 ? 142 ALA A O   1 
ATOM   775  C CB  . ALA A 1 100 ? -0.165  6.250   -6.206  1.00 27.23 ? 142 ALA A CB  1 
ATOM   776  N N   . GLU A 1 101 ? -0.290  9.036   -4.724  1.00 40.84 ? 143 GLU A N   1 
ATOM   777  C CA  . GLU A 1 101 ? -0.268  10.487  -4.751  1.00 46.94 ? 143 GLU A CA  1 
ATOM   778  C C   . GLU A 1 101 ? 1.040   11.055  -4.203  1.00 45.41 ? 143 GLU A C   1 
ATOM   779  O O   . GLU A 1 101 ? 1.544   10.598  -3.179  1.00 44.74 ? 143 GLU A O   1 
ATOM   780  C CB  . GLU A 1 101 ? -1.462  10.954  -3.918  1.00 51.71 ? 143 GLU A CB  1 
ATOM   781  C CG  . GLU A 1 101 ? -1.572  12.411  -3.584  1.00 62.81 ? 143 GLU A CG  1 
ATOM   782  C CD  . GLU A 1 101 ? -2.765  12.664  -2.673  1.00 67.37 ? 143 GLU A CD  1 
ATOM   783  O OE1 . GLU A 1 101 ? -3.901  12.333  -3.077  1.00 72.07 ? 143 GLU A OE1 1 
ATOM   784  O OE2 . GLU A 1 101 ? -2.571  13.176  -1.552  1.00 69.66 ? 143 GLU A OE2 1 
ATOM   785  N N   . LEU A 1 102 ? 1.607   12.033  -4.899  1.00 49.34 ? 144 LEU A N   1 
ATOM   786  C CA  . LEU A 1 102 ? 2.824   12.672  -4.414  1.00 55.70 ? 144 LEU A CA  1 
ATOM   787  C C   . LEU A 1 102 ? 2.413   13.382  -3.131  1.00 58.56 ? 144 LEU A C   1 
ATOM   788  O O   . LEU A 1 102 ? 1.396   14.069  -3.109  1.00 58.21 ? 144 LEU A O   1 
ATOM   789  C CB  . LEU A 1 102 ? 3.331   13.705  -5.414  1.00 54.23 ? 144 LEU A CB  1 
ATOM   790  C CG  . LEU A 1 102 ? 4.272   13.254  -6.528  1.00 55.23 ? 144 LEU A CG  1 
ATOM   791  C CD1 . LEU A 1 102 ? 4.388   14.356  -7.574  1.00 60.28 ? 144 LEU A CD1 1 
ATOM   792  C CD2 . LEU A 1 102 ? 5.636   12.925  -5.941  1.00 54.40 ? 144 LEU A CD2 1 
ATOM   793  N N   . SER A 1 103 ? 3.181   13.208  -2.062  1.00 62.28 ? 145 SER A N   1 
ATOM   794  C CA  . SER A 1 103 ? 2.843   13.856  -0.802  1.00 71.50 ? 145 SER A CA  1 
ATOM   795  C C   . SER A 1 103 ? 3.887   14.899  -0.435  1.00 78.90 ? 145 SER A C   1 
ATOM   796  O O   . SER A 1 103 ? 4.981   14.567  0.025   1.00 80.03 ? 145 SER A O   1 
ATOM   797  C CB  . SER A 1 103 ? 2.708   12.823  0.322   1.00 68.19 ? 145 SER A CB  1 
ATOM   798  O OG  . SER A 1 103 ? 3.872   12.030  0.436   1.00 75.75 ? 145 SER A OG  1 
ATOM   799  N N   . PRO A 1 104 ? 3.554   16.185  -0.639  1.00 84.13 ? 146 PRO A N   1 
ATOM   800  C CA  . PRO A 1 104 ? 4.442   17.312  -0.342  1.00 86.02 ? 146 PRO A CA  1 
ATOM   801  C C   . PRO A 1 104 ? 5.225   17.107  0.952   1.00 87.24 ? 146 PRO A C   1 
ATOM   802  O O   . PRO A 1 104 ? 6.466   17.237  0.913   1.00 88.43 ? 146 PRO A O   1 
ATOM   803  C CB  . PRO A 1 104 ? 3.475   18.487  -0.269  1.00 85.75 ? 146 PRO A CB  1 
ATOM   804  C CG  . PRO A 1 104 ? 2.479   18.135  -1.332  1.00 85.21 ? 146 PRO A CG  1 
ATOM   805  C CD  . PRO A 1 104 ? 2.225   16.666  -1.064  1.00 82.78 ? 146 PRO A CD  1 
ATOM   806  O OXT . PRO A 1 104 ? 4.584   16.818  1.985   1.00 88.43 ? 146 PRO A OXT 1 
ATOM   807  N N   . LYS B 2 6   ? 1.108   -12.191 -3.685  1.00 71.44 ? 90  LYS B N   1 
ATOM   808  C CA  . LYS B 2 6   ? 0.017   -12.344 -2.717  1.00 69.07 ? 90  LYS B CA  1 
ATOM   809  C C   . LYS B 2 6   ? -0.928  -11.149 -2.639  1.00 63.58 ? 90  LYS B C   1 
ATOM   810  O O   . LYS B 2 6   ? -2.114  -11.272 -2.306  1.00 62.39 ? 90  LYS B O   1 
ATOM   811  C CB  . LYS B 2 6   ? 0.566   -12.646 -1.328  1.00 71.26 ? 90  LYS B CB  1 
ATOM   812  C CG  . LYS B 2 6   ? -0.479  -12.821 -0.263  1.00 79.56 ? 90  LYS B CG  1 
ATOM   813  C CD  . LYS B 2 6   ? 0.167   -13.179 1.043   1.00 84.36 ? 90  LYS B CD  1 
ATOM   814  C CE  . LYS B 2 6   ? -0.868  -13.360 2.121   1.00 85.74 ? 90  LYS B CE  1 
ATOM   815  N NZ  . LYS B 2 6   ? -0.281  -13.680 3.457   1.00 88.66 ? 90  LYS B NZ  1 
ATOM   816  N N   . TYR B 2 7   ? -0.396  -9.979  -2.949  1.00 52.43 ? 91  TYR B N   1 
ATOM   817  C CA  . TYR B 2 7   ? -1.162  -8.730  -2.911  1.00 45.33 ? 91  TYR B CA  1 
ATOM   818  C C   . TYR B 2 7   ? -1.111  -7.952  -4.225  1.00 41.24 ? 91  TYR B C   1 
ATOM   819  O O   . TYR B 2 7   ? -2.142  -7.524  -4.749  1.00 38.39 ? 91  TYR B O   1 
ATOM   820  C CB  . TYR B 2 7   ? -0.649  -7.812  -1.785  1.00 49.88 ? 91  TYR B CB  1 
ATOM   821  C CG  . TYR B 2 7   ? -0.940  -8.278  -0.376  1.00 53.26 ? 91  TYR B CG  1 
ATOM   822  C CD1 . TYR B 2 7   ? -0.008  -8.074  0.636   1.00 51.80 ? 91  TYR B CD1 1 
ATOM   823  C CD2 . TYR B 2 7   ? -2.163  -8.864  -0.042  1.00 54.24 ? 91  TYR B CD2 1 
ATOM   824  C CE1 . TYR B 2 7   ? -0.277  -8.432  1.951   1.00 49.57 ? 91  TYR B CE1 1 
ATOM   825  C CE2 . TYR B 2 7   ? -2.447  -9.227  1.270   1.00 50.51 ? 91  TYR B CE2 1 
ATOM   826  C CZ  . TYR B 2 7   ? -1.500  -9.004  2.262   1.00 54.67 ? 91  TYR B CZ  1 
ATOM   827  O OH  . TYR B 2 7   ? -1.776  -9.322  3.568   1.00 56.23 ? 91  TYR B OH  1 
ATOM   828  N N   . TRP B 2 8   ? 0.100   -7.780  -4.742  1.00 33.02 ? 92  TRP B N   1 
ATOM   829  C CA  . TRP B 2 8   ? 0.311   -7.042  -5.972  1.00 32.98 ? 92  TRP B CA  1 
ATOM   830  C C   . TRP B 2 8   ? -0.477  -7.513  -7.192  1.00 37.31 ? 92  TRP B C   1 
ATOM   831  O O   . TRP B 2 8   ? -0.540  -8.705  -7.496  1.00 42.02 ? 92  TRP B O   1 
ATOM   832  C CB  . TRP B 2 8   ? 1.808   -6.996  -6.305  1.00 29.64 ? 92  TRP B CB  1 
ATOM   833  C CG  . TRP B 2 8   ? 2.573   -6.122  -5.350  1.00 31.21 ? 92  TRP B CG  1 
ATOM   834  C CD1 . TRP B 2 8   ? 3.333   -6.524  -4.280  1.00 29.91 ? 92  TRP B CD1 1 
ATOM   835  C CD2 . TRP B 2 8   ? 2.563   -4.691  -5.317  1.00 27.36 ? 92  TRP B CD2 1 
ATOM   836  N NE1 . TRP B 2 8   ? 3.789   -5.429  -3.586  1.00 31.37 ? 92  TRP B NE1 1 
ATOM   837  C CE2 . TRP B 2 8   ? 3.337   -4.293  -4.203  1.00 29.89 ? 92  TRP B CE2 1 
ATOM   838  C CE3 . TRP B 2 8   ? 1.983   -3.709  -6.126  1.00 32.21 ? 92  TRP B CE3 1 
ATOM   839  C CZ2 . TRP B 2 8   ? 3.532   -2.947  -3.872  1.00 23.49 ? 92  TRP B CZ2 1 
ATOM   840  C CZ3 . TRP B 2 8   ? 2.175   -2.373  -5.798  1.00 32.23 ? 92  TRP B CZ3 1 
ATOM   841  C CH2 . TRP B 2 8   ? 2.949   -2.003  -4.682  1.00 32.89 ? 92  TRP B CH2 1 
ATOM   842  N N   . ASP B 2 9   ? -1.107  -6.550  -7.856  1.00 33.85 ? 93  ASP B N   1 
ATOM   843  C CA  . ASP B 2 9   ? -1.882  -6.766  -9.070  1.00 36.71 ? 93  ASP B CA  1 
ATOM   844  C C   . ASP B 2 9   ? -3.069  -7.727  -8.967  1.00 35.80 ? 93  ASP B C   1 
ATOM   845  O O   . ASP B 2 9   ? -3.498  -8.298  -9.966  1.00 36.39 ? 93  ASP B O   1 
ATOM   846  C CB  . ASP B 2 9   ? -0.934  -7.194  -10.197 1.00 32.14 ? 93  ASP B CB  1 
ATOM   847  C CG  . ASP B 2 9   ? 0.263   -6.250  -10.341 1.00 39.35 ? 93  ASP B CG  1 
ATOM   848  O OD1 . ASP B 2 9   ? 0.074   -5.044  -10.631 1.00 35.19 ? 93  ASP B OD1 1 
ATOM   849  O OD2 . ASP B 2 9   ? 1.404   -6.714  -10.164 1.00 36.51 ? 93  ASP B OD2 1 
ATOM   850  N N   . VAL B 2 10  ? -3.606  -7.903  -7.765  1.00 38.28 ? 94  VAL B N   1 
ATOM   851  C CA  . VAL B 2 10  ? -4.765  -8.767  -7.597  1.00 30.41 ? 94  VAL B CA  1 
ATOM   852  C C   . VAL B 2 10  ? -5.997  -7.862  -7.738  1.00 34.65 ? 94  VAL B C   1 
ATOM   853  O O   . VAL B 2 10  ? -6.323  -7.086  -6.842  1.00 34.72 ? 94  VAL B O   1 
ATOM   854  C CB  . VAL B 2 10  ? -4.770  -9.442  -6.222  1.00 35.81 ? 94  VAL B CB  1 
ATOM   855  C CG1 . VAL B 2 10  ? -6.042  -10.280 -6.062  1.00 31.41 ? 94  VAL B CG1 1 
ATOM   856  C CG2 . VAL B 2 10  ? -3.506  -10.311 -6.060  1.00 34.99 ? 94  VAL B CG2 1 
ATOM   857  N N   . PRO B 2 11  ? -6.695  -7.960  -8.876  1.00 33.97 ? 95  PRO B N   1 
ATOM   858  C CA  . PRO B 2 11  ? -7.887  -7.161  -9.177  1.00 32.07 ? 95  PRO B CA  1 
ATOM   859  C C   . PRO B 2 11  ? -9.109  -7.563  -8.376  1.00 32.52 ? 95  PRO B C   1 
ATOM   860  O O   . PRO B 2 11  ? -9.167  -8.659  -7.829  1.00 34.01 ? 95  PRO B O   1 
ATOM   861  C CB  . PRO B 2 11  ? -8.094  -7.422  -10.664 1.00 36.43 ? 95  PRO B CB  1 
ATOM   862  C CG  . PRO B 2 11  ? -7.744  -8.878  -10.765 1.00 38.89 ? 95  PRO B CG  1 
ATOM   863  C CD  . PRO B 2 11  ? -6.468  -8.973  -9.927  1.00 35.18 ? 95  PRO B CD  1 
ATOM   864  N N   . PRO B 2 12  ? -10.098 -6.663  -8.274  1.00 29.28 ? 96  PRO B N   1 
ATOM   865  C CA  . PRO B 2 12  ? -11.302 -7.019  -7.524  1.00 33.62 ? 96  PRO B CA  1 
ATOM   866  C C   . PRO B 2 12  ? -11.913 -8.172  -8.334  1.00 29.73 ? 96  PRO B C   1 
ATOM   867  O O   . PRO B 2 12  ? -11.823 -8.183  -9.561  1.00 33.00 ? 96  PRO B O   1 
ATOM   868  C CB  . PRO B 2 12  ? -12.167 -5.756  -7.615  1.00 30.69 ? 96  PRO B CB  1 
ATOM   869  C CG  . PRO B 2 12  ? -11.183 -4.658  -7.917  1.00 30.94 ? 96  PRO B CG  1 
ATOM   870  C CD  . PRO B 2 12  ? -10.215 -5.315  -8.851  1.00 34.80 ? 96  PRO B CD  1 
ATOM   871  N N   . PRO B 2 13  ? -12.517 -9.156  -7.663  1.00 31.69 ? 97  PRO B N   1 
ATOM   872  C CA  . PRO B 2 13  ? -13.113 -10.275 -8.397  1.00 31.69 ? 97  PRO B CA  1 
ATOM   873  C C   . PRO B 2 13  ? -14.030 -9.814  -9.536  1.00 35.09 ? 97  PRO B C   1 
ATOM   874  O O   . PRO B 2 13  ? -14.965 -9.039  -9.316  1.00 32.44 ? 97  PRO B O   1 
ATOM   875  C CB  . PRO B 2 13  ? -13.889 -11.014 -7.318  1.00 30.80 ? 97  PRO B CB  1 
ATOM   876  C CG  . PRO B 2 13  ? -13.071 -10.753 -6.078  1.00 37.84 ? 97  PRO B CG  1 
ATOM   877  C CD  . PRO B 2 13  ? -12.725 -9.292  -6.211  1.00 28.67 ? 97  PRO B CD  1 
ATOM   878  N N   . GLY B 2 14  ? -13.746 -10.282 -10.749 1.00 33.48 ? 98  GLY B N   1 
ATOM   879  C CA  . GLY B 2 14  ? -14.571 -9.935  -11.891 1.00 32.83 ? 98  GLY B CA  1 
ATOM   880  C C   . GLY B 2 14  ? -14.187 -8.693  -12.673 1.00 38.81 ? 98  GLY B C   1 
ATOM   881  O O   . GLY B 2 14  ? -14.826 -8.391  -13.684 1.00 37.77 ? 98  GLY B O   1 
ATOM   882  N N   . PHE B 2 15  ? -13.149 -7.981  -12.242 1.00 32.46 ? 99  PHE B N   1 
ATOM   883  C CA  . PHE B 2 15  ? -12.757 -6.769  -12.953 1.00 32.67 ? 99  PHE B CA  1 
ATOM   884  C C   . PHE B 2 15  ? -11.368 -6.810  -13.557 1.00 31.67 ? 99  PHE B C   1 
ATOM   885  O O   . PHE B 2 15  ? -10.752 -5.772  -13.780 1.00 32.76 ? 99  PHE B O   1 
ATOM   886  C CB  . PHE B 2 15  ? -12.894 -5.546  -12.034 1.00 22.50 ? 99  PHE B CB  1 
ATOM   887  C CG  . PHE B 2 15  ? -14.314 -5.267  -11.622 1.00 30.33 ? 99  PHE B CG  1 
ATOM   888  C CD1 . PHE B 2 15  ? -14.904 -5.986  -10.589 1.00 27.38 ? 99  PHE B CD1 1 
ATOM   889  C CD2 . PHE B 2 15  ? -15.077 -4.316  -12.300 1.00 23.04 ? 99  PHE B CD2 1 
ATOM   890  C CE1 . PHE B 2 15  ? -16.230 -5.770  -10.229 1.00 26.66 ? 99  PHE B CE1 1 
ATOM   891  C CE2 . PHE B 2 15  ? -16.412 -4.089  -11.951 1.00 28.89 ? 99  PHE B CE2 1 
ATOM   892  C CZ  . PHE B 2 15  ? -16.992 -4.815  -10.914 1.00 28.64 ? 99  PHE B CZ  1 
ATOM   893  N N   . GLU B 2 16  ? -10.876 -8.008  -13.841 1.00 33.99 ? 100 GLU B N   1 
ATOM   894  C CA  . GLU B 2 16  ? -9.556  -8.139  -14.429 1.00 36.36 ? 100 GLU B CA  1 
ATOM   895  C C   . GLU B 2 16  ? -9.534  -7.586  -15.854 1.00 34.54 ? 100 GLU B C   1 
ATOM   896  O O   . GLU B 2 16  ? -8.474  -7.285  -16.392 1.00 36.10 ? 100 GLU B O   1 
ATOM   897  C CB  . GLU B 2 16  ? -9.130  -9.610  -14.431 1.00 48.73 ? 100 GLU B CB  1 
ATOM   898  C CG  . GLU B 2 16  ? -10.103 -10.533 -15.144 1.00 68.94 ? 100 GLU B CG  1 
ATOM   899  C CD  . GLU B 2 16  ? -9.731  -11.998 -14.997 1.00 80.82 ? 100 GLU B CD  1 
ATOM   900  O OE1 . GLU B 2 16  ? -8.617  -12.377 -15.422 1.00 85.85 ? 100 GLU B OE1 1 
ATOM   901  O OE2 . GLU B 2 16  ? -10.554 -12.770 -14.458 1.00 87.15 ? 100 GLU B OE2 1 
ATOM   902  N N   . HIS B 2 17  ? -10.705 -7.421  -16.458 1.00 34.04 ? 101 HIS B N   1 
ATOM   903  C CA  . HIS B 2 17  ? -10.752 -6.932  -17.829 1.00 37.61 ? 101 HIS B CA  1 
ATOM   904  C C   . HIS B 2 17  ? -10.867 -5.422  -18.049 1.00 34.47 ? 101 HIS B C   1 
ATOM   905  O O   . HIS B 2 17  ? -11.010 -4.966  -19.180 1.00 35.06 ? 101 HIS B O   1 
ATOM   906  C CB  . HIS B 2 17  ? -11.834 -7.695  -18.592 1.00 47.42 ? 101 HIS B CB  1 
ATOM   907  C CG  . HIS B 2 17  ? -11.555 -9.166  -18.677 1.00 60.30 ? 101 HIS B CG  1 
ATOM   908  N ND1 . HIS B 2 17  ? -10.425 -9.669  -19.284 1.00 63.17 ? 101 HIS B ND1 1 
ATOM   909  C CD2 . HIS B 2 17  ? -12.219 -10.233 -18.174 1.00 62.35 ? 101 HIS B CD2 1 
ATOM   910  C CE1 . HIS B 2 17  ? -10.403 -10.985 -19.149 1.00 62.32 ? 101 HIS B CE1 1 
ATOM   911  N NE2 . HIS B 2 17  ? -11.480 -11.352 -18.479 1.00 60.03 ? 101 HIS B NE2 1 
ATOM   912  N N   . ILE B 2 18  ? -10.818 -4.648  -16.972 1.00 34.22 ? 102 ILE B N   1 
ATOM   913  C CA  . ILE B 2 18  ? -10.824 -3.193  -17.090 1.00 35.36 ? 102 ILE B CA  1 
ATOM   914  C C   . ILE B 2 18  ? -9.617  -2.719  -16.281 1.00 35.74 ? 102 ILE B C   1 
ATOM   915  O O   . ILE B 2 18  ? -9.044  -3.489  -15.501 1.00 37.11 ? 102 ILE B O   1 
ATOM   916  C CB  . ILE B 2 18  ? -12.126 -2.533  -16.560 1.00 31.61 ? 102 ILE B CB  1 
ATOM   917  C CG1 . ILE B 2 18  ? -12.214 -2.643  -15.043 1.00 35.16 ? 102 ILE B CG1 1 
ATOM   918  C CG2 . ILE B 2 18  ? -13.331 -3.193  -17.198 1.00 36.68 ? 102 ILE B CG2 1 
ATOM   919  C CD1 . ILE B 2 18  ? -13.277 -1.742  -14.455 1.00 27.45 ? 102 ILE B CD1 1 
ATOM   920  N N   . THR B 2 19  ? -9.225  -1.465  -16.465 1.00 33.37 ? 103 THR B N   1 
ATOM   921  C CA  . THR B 2 19  ? -8.061  -0.936  -15.761 1.00 31.65 ? 103 THR B CA  1 
ATOM   922  C C   . THR B 2 19  ? -8.398  -0.334  -14.402 1.00 32.03 ? 103 THR B C   1 
ATOM   923  O O   . THR B 2 19  ? -9.548  0.025   -14.132 1.00 28.45 ? 103 THR B O   1 
ATOM   924  C CB  . THR B 2 19  ? -7.373  0.157   -16.587 1.00 33.25 ? 103 THR B CB  1 
ATOM   925  O OG1 . THR B 2 19  ? -8.212  1.321   -16.606 1.00 32.92 ? 103 THR B OG1 1 
ATOM   926  C CG2 . THR B 2 19  ? -7.127  -0.327  -18.023 1.00 28.83 ? 103 THR B CG2 1 
ATOM   927  N N   . PRO B 2 20  ? -7.391  -0.221  -13.520 1.00 29.97 ? 104 PRO B N   1 
ATOM   928  C CA  . PRO B 2 20  ? -7.658  0.362   -12.200 1.00 30.76 ? 104 PRO B CA  1 
ATOM   929  C C   . PRO B 2 20  ? -8.236  1.777   -12.329 1.00 24.32 ? 104 PRO B C   1 
ATOM   930  O O   . PRO B 2 20  ? -9.106  2.171   -11.553 1.00 24.44 ? 104 PRO B O   1 
ATOM   931  C CB  . PRO B 2 20  ? -6.280  0.347   -11.531 1.00 26.13 ? 104 PRO B CB  1 
ATOM   932  C CG  . PRO B 2 20  ? -5.653  -0.907  -12.101 1.00 33.43 ? 104 PRO B CG  1 
ATOM   933  C CD  . PRO B 2 20  ? -6.034  -0.803  -13.581 1.00 30.73 ? 104 PRO B CD  1 
ATOM   934  N N   . MET B 2 21  ? -7.761  2.538   -13.316 1.00 25.39 ? 105 MET B N   1 
ATOM   935  C CA  . MET B 2 21  ? -8.264  3.899   -13.516 1.00 24.23 ? 105 MET B CA  1 
ATOM   936  C C   . MET B 2 21  ? -9.744  3.911   -13.919 1.00 26.68 ? 105 MET B C   1 
ATOM   937  O O   . MET B 2 21  ? -10.494 4.785   -13.483 1.00 30.39 ? 105 MET B O   1 
ATOM   938  C CB  . MET B 2 21  ? -7.425  4.651   -14.559 1.00 22.68 ? 105 MET B CB  1 
ATOM   939  C CG  . MET B 2 21  ? -6.061  5.100   -14.028 1.00 32.59 ? 105 MET B CG  1 
ATOM   940  S SD  . MET B 2 21  ? -6.195  6.247   -12.608 1.00 33.98 ? 105 MET B SD  1 
ATOM   941  C CE  . MET B 2 21  ? -4.728  7.072   -12.753 1.00 58.28 ? 105 MET B CE  1 
ATOM   942  N N   . GLN B 2 22  ? -10.167 2.947   -14.736 1.00 27.83 ? 106 GLN B N   1 
ATOM   943  C CA  . GLN B 2 22  ? -11.574 2.874   -15.141 1.00 26.41 ? 106 GLN B CA  1 
ATOM   944  C C   . GLN B 2 22  ? -12.430 2.430   -13.948 1.00 30.77 ? 106 GLN B C   1 
ATOM   945  O O   . GLN B 2 22  ? -13.598 2.809   -13.824 1.00 25.61 ? 106 GLN B O   1 
ATOM   946  C CB  . GLN B 2 22  ? -11.738 1.903   -16.315 1.00 25.26 ? 106 GLN B CB  1 
ATOM   947  C CG  . GLN B 2 22  ? -11.044 2.393   -17.604 1.00 30.77 ? 106 GLN B CG  1 
ATOM   948  C CD  . GLN B 2 22  ? -11.030 1.345   -18.704 1.00 34.76 ? 106 GLN B CD  1 
ATOM   949  O OE1 . GLN B 2 22  ? -10.771 0.175   -18.449 1.00 36.18 ? 106 GLN B OE1 1 
ATOM   950  N NE2 . GLN B 2 22  ? -11.294 1.769   -19.934 1.00 35.23 ? 106 GLN B NE2 1 
ATOM   951  N N   . TYR B 2 23  ? -11.846 1.633   -13.060 1.00 27.81 ? 107 TYR B N   1 
ATOM   952  C CA  . TYR B 2 23  ? -12.573 1.175   -11.882 1.00 24.31 ? 107 TYR B CA  1 
ATOM   953  C C   . TYR B 2 23  ? -12.726 2.364   -10.922 1.00 20.46 ? 107 TYR B C   1 
ATOM   954  O O   . TYR B 2 23  ? -13.818 2.654   -10.439 1.00 24.27 ? 107 TYR B O   1 
ATOM   955  C CB  . TYR B 2 23  ? -11.804 0.037   -11.207 1.00 21.09 ? 107 TYR B CB  1 
ATOM   956  C CG  . TYR B 2 23  ? -12.530 -0.627  -10.065 1.00 24.24 ? 107 TYR B CG  1 
ATOM   957  C CD1 . TYR B 2 23  ? -13.402 -1.696  -10.287 1.00 25.38 ? 107 TYR B CD1 1 
ATOM   958  C CD2 . TYR B 2 23  ? -12.313 -0.213  -8.749  1.00 25.04 ? 107 TYR B CD2 1 
ATOM   959  C CE1 . TYR B 2 23  ? -14.050 -2.341  -9.217  1.00 24.17 ? 107 TYR B CE1 1 
ATOM   960  C CE2 . TYR B 2 23  ? -12.952 -0.842  -7.673  1.00 25.15 ? 107 TYR B CE2 1 
ATOM   961  C CZ  . TYR B 2 23  ? -13.817 -1.899  -7.912  1.00 30.09 ? 107 TYR B CZ  1 
ATOM   962  O OH  . TYR B 2 23  ? -14.478 -2.464  -6.848  1.00 22.39 ? 107 TYR B OH  1 
ATOM   963  N N   . LYS B 2 24  ? -11.628 3.062   -10.658 1.00 25.30 ? 108 LYS B N   1 
ATOM   964  C CA  . LYS B 2 24  ? -11.673 4.217   -9.771  1.00 26.90 ? 108 LYS B CA  1 
ATOM   965  C C   . LYS B 2 24  ? -12.619 5.311   -10.280 1.00 30.00 ? 108 LYS B C   1 
ATOM   966  O O   . LYS B 2 24  ? -13.256 5.993   -9.480  1.00 25.46 ? 108 LYS B O   1 
ATOM   967  C CB  . LYS B 2 24  ? -10.261 4.793   -9.582  1.00 28.86 ? 108 LYS B CB  1 
ATOM   968  C CG  . LYS B 2 24  ? -9.378  3.941   -8.652  1.00 32.23 ? 108 LYS B CG  1 
ATOM   969  C CD  . LYS B 2 24  ? -7.985  4.529   -8.446  1.00 27.92 ? 108 LYS B CD  1 
ATOM   970  C CE  . LYS B 2 24  ? -7.069  4.332   -9.646  1.00 26.17 ? 108 LYS B CE  1 
ATOM   971  N NZ  . LYS B 2 24  ? -5.712  4.926   -9.389  1.00 28.56 ? 108 LYS B NZ  1 
ATOM   972  N N   . ALA B 2 25  ? -12.723 5.467   -11.601 1.00 21.89 ? 109 ALA B N   1 
ATOM   973  C CA  . ALA B 2 25  ? -13.593 6.493   -12.169 1.00 28.79 ? 109 ALA B CA  1 
ATOM   974  C C   . ALA B 2 25  ? -15.044 6.319   -11.720 1.00 30.33 ? 109 ALA B C   1 
ATOM   975  O O   . ALA B 2 25  ? -15.797 7.293   -11.632 1.00 24.72 ? 109 ALA B O   1 
ATOM   976  C CB  . ALA B 2 25  ? -13.512 6.469   -13.711 1.00 28.52 ? 109 ALA B CB  1 
ATOM   977  N N   . MET B 2 26  ? -15.440 5.081   -11.428 1.00 30.40 ? 110 MET B N   1 
ATOM   978  C CA  . MET B 2 26  ? -16.815 4.823   -11.003 1.00 28.21 ? 110 MET B CA  1 
ATOM   979  C C   . MET B 2 26  ? -17.010 4.973   -9.504  1.00 28.38 ? 110 MET B C   1 
ATOM   980  O O   . MET B 2 26  ? -18.138 4.972   -9.026  1.00 29.22 ? 110 MET B O   1 
ATOM   981  C CB  . MET B 2 26  ? -17.252 3.413   -11.410 1.00 28.34 ? 110 MET B CB  1 
ATOM   982  C CG  . MET B 2 26  ? -17.262 3.167   -12.902 1.00 28.66 ? 110 MET B CG  1 
ATOM   983  S SD  . MET B 2 26  ? -17.884 1.523   -13.327 1.00 27.89 ? 110 MET B SD  1 
ATOM   984  C CE  . MET B 2 26  ? -16.534 0.489   -12.746 1.00 30.79 ? 110 MET B CE  1 
ATOM   985  N N   . GLN B 2 27  ? -15.920 5.081   -8.752  1.00 25.10 ? 111 GLN B N   1 
ATOM   986  C CA  . GLN B 2 27  ? -16.055 5.216   -7.308  1.00 29.53 ? 111 GLN B CA  1 
ATOM   987  C C   . GLN B 2 27  ? -16.531 6.608   -6.958  1.00 29.74 ? 111 GLN B C   1 
ATOM   988  O O   . GLN B 2 27  ? -16.087 7.595   -7.544  1.00 31.71 ? 111 GLN B O   1 
ATOM   989  C CB  . GLN B 2 27  ? -14.728 4.932   -6.604  1.00 29.34 ? 111 GLN B CB  1 
ATOM   990  C CG  . GLN B 2 27  ? -14.224 3.517   -6.826  1.00 30.40 ? 111 GLN B CG  1 
ATOM   991  C CD  . GLN B 2 27  ? -12.964 3.217   -6.039  1.00 34.72 ? 111 GLN B CD  1 
ATOM   992  O OE1 . GLN B 2 27  ? -12.977 2.408   -5.103  1.00 28.19 ? 111 GLN B OE1 1 
ATOM   993  N NE2 . GLN B 2 27  ? -11.867 3.862   -6.414  1.00 28.14 ? 111 GLN B NE2 1 
ATOM   994  N N   . ALA B 2 28  ? -17.455 6.679   -6.012  1.00 33.03 ? 112 ALA B N   1 
ATOM   995  C CA  . ALA B 2 28  ? -17.991 7.954   -5.559  1.00 43.74 ? 112 ALA B CA  1 
ATOM   996  C C   . ALA B 2 28  ? -18.492 7.825   -4.125  1.00 52.76 ? 112 ALA B C   1 
ATOM   997  O O   . ALA B 2 28  ? -18.196 6.792   -3.482  1.00 58.92 ? 112 ALA B O   1 
ATOM   998  C CB  . ALA B 2 28  ? -19.123 8.404   -6.470  1.00 41.97 ? 112 ALA B CB  1 
ATOM   999  O OXT . ALA B 2 28  ? -19.170 8.765   -3.658  1.00 62.59 ? 112 ALA B OXT 1 
HETATM 1000 O O1  . HEZ C 3 .   ? 3.904   -2.373  -12.806 1.00 78.91 ? 202 HEZ A O1  1 
HETATM 1001 C C1  . HEZ C 3 .   ? 4.646   -3.566  -12.858 1.00 72.01 ? 202 HEZ A C1  1 
HETATM 1002 C C2  . HEZ C 3 .   ? 3.755   -4.819  -12.633 1.00 65.77 ? 202 HEZ A C2  1 
HETATM 1003 C C3  . HEZ C 3 .   ? 2.424   -4.730  -13.417 1.00 66.35 ? 202 HEZ A C3  1 
HETATM 1004 C C4  . HEZ C 3 .   ? 1.312   -3.819  -14.029 1.00 71.26 ? 202 HEZ A C4  1 
HETATM 1005 C C5  . HEZ C 3 .   ? 1.673   -2.305  -14.025 1.00 77.87 ? 202 HEZ A C5  1 
HETATM 1006 C C6  . HEZ C 3 .   ? 1.141   -1.548  -15.165 1.00 76.04 ? 202 HEZ A C6  1 
HETATM 1007 O O6  . HEZ C 3 .   ? 0.896   -0.566  -16.120 1.00 77.19 ? 202 HEZ A O6  1 
HETATM 1008 O O1  . HEZ D 3 .   ? -18.848 -3.508  -17.367 0.50 39.94 ? 201 HEZ B O1  1 
HETATM 1009 C C1  . HEZ D 3 .   ? -18.145 -2.555  -18.154 0.50 43.04 ? 201 HEZ B C1  1 
HETATM 1010 C C2  . HEZ D 3 .   ? -18.678 -1.139  -17.849 0.50 46.11 ? 201 HEZ B C2  1 
HETATM 1011 C C3  . HEZ D 3 .   ? -17.574 -0.094  -18.091 0.50 48.97 ? 201 HEZ B C3  1 
HETATM 1012 C C4  . HEZ D 3 .   ? -16.114 0.325   -17.840 0.50 38.80 ? 201 HEZ B C4  1 
HETATM 1013 C C5  . HEZ D 3 .   ? -15.984 1.059   -16.484 0.50 34.91 ? 201 HEZ B C5  1 
HETATM 1014 C C6  . HEZ D 3 .   ? -15.415 2.468   -16.709 0.50 25.51 ? 201 HEZ B C6  1 
HETATM 1015 O O6  . HEZ D 3 .   ? -14.544 3.583   -16.778 0.50 25.26 ? 201 HEZ B O6  1 
HETATM 1016 O O   . HOH E 4 .   ? -14.083 -4.789  -2.205  1.00 36.64 ? 203 HOH A O   1 
HETATM 1017 O O   . HOH E 4 .   ? -5.007  2.208   -15.287 1.00 31.52 ? 204 HOH A O   1 
HETATM 1018 O O   . HOH E 4 .   ? -3.825  -5.614  4.069   1.00 57.67 ? 205 HOH A O   1 
HETATM 1019 O O   . HOH E 4 .   ? 14.586  6.960   -5.619  1.00 40.55 ? 206 HOH A O   1 
HETATM 1020 O O   . HOH E 4 .   ? -6.304  3.048   11.580  1.00 70.93 ? 207 HOH A O   1 
HETATM 1021 O O   . HOH E 4 .   ? -2.140  6.810   -13.820 1.00 49.73 ? 208 HOH A O   1 
HETATM 1022 O O   . HOH E 4 .   ? 16.656  4.856   -7.766  1.00 45.61 ? 209 HOH A O   1 
HETATM 1023 O O   . HOH E 4 .   ? 9.644   3.863   -13.249 1.00 54.16 ? 210 HOH A O   1 
HETATM 1024 O O   . HOH E 4 .   ? -4.133  2.680   -2.244  1.00 34.28 ? 211 HOH A O   1 
HETATM 1025 O O   . HOH E 4 .   ? 10.022  -4.069  9.125   1.00 58.82 ? 212 HOH A O   1 
HETATM 1026 O O   . HOH E 4 .   ? -13.241 -4.843  0.570   1.00 57.04 ? 213 HOH A O   1 
HETATM 1027 O O   . HOH E 4 .   ? -6.010  0.677   -2.481  1.00 37.71 ? 214 HOH A O   1 
HETATM 1028 O O   . HOH E 4 .   ? 6.693   -1.800  13.666  1.00 54.38 ? 215 HOH A O   1 
HETATM 1029 O O   . HOH E 4 .   ? -2.490  -15.867 11.468  1.00 54.39 ? 216 HOH A O   1 
HETATM 1030 O O   . HOH E 4 .   ? 16.828  1.062   0.364   1.00 50.90 ? 217 HOH A O   1 
HETATM 1031 O O   . HOH E 4 .   ? 17.956  -2.694  -0.188  1.00 65.26 ? 218 HOH A O   1 
HETATM 1032 O O   . HOH E 4 .   ? 7.033   14.603  3.096   1.00 66.27 ? 219 HOH A O   1 
HETATM 1033 O O   . HOH E 4 .   ? -6.163  -2.429  -0.139  1.00 61.98 ? 220 HOH A O   1 
HETATM 1034 O O   . HOH E 4 .   ? -5.696  9.306   -5.134  1.00 62.57 ? 221 HOH A O   1 
HETATM 1035 O O   . HOH E 4 .   ? -13.784 -1.397  -4.446  1.00 34.49 ? 222 HOH A O   1 
HETATM 1036 O O   . HOH E 4 .   ? -11.707 -12.433 24.731  1.00 61.43 ? 223 HOH A O   1 
HETATM 1037 O O   . HOH E 4 .   ? -1.122  9.621   -11.153 1.00 41.19 ? 224 HOH A O   1 
HETATM 1038 O O   . HOH E 4 .   ? -13.359 -5.818  2.956   1.00 58.28 ? 225 HOH A O   1 
HETATM 1039 O O   . HOH E 4 .   ? -3.068  9.043   -12.358 1.00 51.37 ? 226 HOH A O   1 
HETATM 1040 O O   . HOH E 4 .   ? -7.661  1.038   -0.696  1.00 60.69 ? 227 HOH A O   1 
HETATM 1041 O O   . HOH E 4 .   ? 0.165   13.175  -7.443  1.00 49.66 ? 228 HOH A O   1 
HETATM 1042 O O   . HOH E 4 .   ? 17.199  7.015   -11.212 1.00 59.84 ? 229 HOH A O   1 
HETATM 1043 O O   . HOH E 4 .   ? 5.236   13.413  4.254   1.00 65.84 ? 230 HOH A O   1 
HETATM 1044 O O   . HOH E 4 .   ? -5.075  -10.863 4.000   1.00 48.24 ? 231 HOH A O   1 
HETATM 1045 O O   . HOH E 4 .   ? -4.634  -8.282  4.527   1.00 75.69 ? 232 HOH A O   1 
HETATM 1046 O O   . HOH E 4 .   ? 9.812   -1.816  9.894   1.00 68.51 ? 233 HOH A O   1 
HETATM 1047 O O   . HOH E 4 .   ? -3.784  -0.957  -16.032 1.00 66.34 ? 234 HOH A O   1 
HETATM 1048 O O   . HOH E 4 .   ? 4.993   17.846  -8.774  1.00 68.76 ? 235 HOH A O   1 
HETATM 1049 O O   . HOH E 4 .   ? -0.718  15.656  -2.904  1.00 66.69 ? 236 HOH A O   1 
HETATM 1050 O O   . HOH E 4 .   ? -4.881  -3.171  -16.377 1.00 63.99 ? 237 HOH A O   1 
HETATM 1051 O O   . HOH E 4 .   ? 9.931   4.973   -10.538 1.00 47.49 ? 238 HOH A O   1 
HETATM 1052 O O   . HOH E 4 .   ? 13.622  -3.248  4.899   1.00 65.37 ? 239 HOH A O   1 
HETATM 1053 O O   . HOH E 4 .   ? 12.910  16.060  1.645   1.00 71.42 ? 240 HOH A O   1 
HETATM 1054 O O   . HOH E 4 .   ? -9.878  -5.203  4.242   1.00 69.15 ? 241 HOH A O   1 
HETATM 1055 O O   . HOH E 4 .   ? 0.690   -9.347  5.273   1.00 47.44 ? 242 HOH A O   1 
HETATM 1056 O O   . HOH E 4 .   ? 1.834   2.778   -15.622 1.00 50.96 ? 243 HOH A O   1 
HETATM 1057 O O   . HOH E 4 .   ? 15.191  4.157   6.803   1.00 66.24 ? 244 HOH A O   1 
HETATM 1058 O O   . HOH E 4 .   ? 13.389  1.709   5.921   1.00 62.21 ? 245 HOH A O   1 
HETATM 1059 O O   . HOH E 4 .   ? -1.568  -1.383  20.931  1.00 74.00 ? 246 HOH A O   1 
HETATM 1060 O O   . HOH E 4 .   ? 11.643  5.211   7.205   1.00 66.28 ? 247 HOH A O   1 
HETATM 1061 O O   . HOH E 4 .   ? 14.689  -4.944  3.603   1.00 66.63 ? 248 HOH A O   1 
HETATM 1062 O O   . HOH E 4 .   ? 9.603   15.840  0.253   1.00 65.77 ? 249 HOH A O   1 
HETATM 1063 O O   . HOH E 4 .   ? 18.839  4.733   0.726   1.00 74.09 ? 250 HOH A O   1 
HETATM 1064 O O   . HOH E 4 .   ? 9.864   -10.235 10.392  1.00 70.52 ? 251 HOH A O   1 
HETATM 1065 O O   . HOH E 4 .   ? 8.509   -7.206  -5.562  1.00 60.35 ? 252 HOH A O   1 
HETATM 1066 O O   . HOH E 4 .   ? 3.670   4.424   -16.301 1.00 53.69 ? 253 HOH A O   1 
HETATM 1067 O O   . HOH E 4 .   ? -4.570  -8.155  27.987  1.00 57.91 ? 254 HOH A O   1 
HETATM 1068 O O   . HOH E 4 .   ? 20.219  4.666   -6.595  1.00 61.42 ? 255 HOH A O   1 
HETATM 1069 O O   . HOH E 4 .   ? -6.355  8.272   3.945   1.00 56.26 ? 256 HOH A O   1 
HETATM 1070 O O   . HOH E 4 .   ? 8.852   -10.321 -4.965  1.00 66.29 ? 257 HOH A O   1 
HETATM 1071 O O   . HOH E 4 .   ? -3.931  -18.098 10.598  1.00 74.48 ? 258 HOH A O   1 
HETATM 1072 O O   . HOH E 4 .   ? 3.735   4.203   12.278  1.00 66.05 ? 259 HOH A O   1 
HETATM 1073 O O   . HOH E 4 .   ? 20.197  -2.997  2.309   1.00 78.51 ? 260 HOH A O   1 
HETATM 1074 O O   . HOH E 4 .   ? -5.295  10.616  3.770   1.00 70.24 ? 261 HOH A O   1 
HETATM 1075 O O   . HOH E 4 .   ? 5.516   4.782   14.896  1.00 73.62 ? 262 HOH A O   1 
HETATM 1076 O O   . HOH E 4 .   ? -7.174  -7.155  4.130   1.00 79.69 ? 263 HOH A O   1 
HETATM 1077 O O   . HOH E 4 .   ? -1.442  -12.826 11.177  1.00 63.43 ? 264 HOH A O   1 
HETATM 1078 O O   . HOH E 4 .   ? 11.628  0.339   11.881  1.00 80.41 ? 265 HOH A O   1 
HETATM 1079 O O   . HOH E 4 .   ? -4.758  9.434   -10.669 1.00 50.63 ? 266 HOH A O   1 
HETATM 1080 O O   . HOH E 4 .   ? -7.712  -7.668  6.497   1.00 88.08 ? 267 HOH A O   1 
HETATM 1081 O O   . HOH E 4 .   ? 7.926   -4.246  16.554  1.00 78.75 ? 268 HOH A O   1 
HETATM 1082 O O   . HOH E 4 .   ? 2.695   -9.210  23.096  1.00 64.45 ? 269 HOH A O   1 
HETATM 1083 O O   . HOH E 4 .   ? 6.020   -10.752 2.922   1.00 63.44 ? 270 HOH A O   1 
HETATM 1084 O O   . HOH E 4 .   ? 0.365   15.513  -9.992  1.00 81.62 ? 271 HOH A O   1 
HETATM 1085 O O   . HOH E 4 .   ? 5.977   4.380   -18.520 1.00 59.54 ? 272 HOH A O   1 
HETATM 1086 O O   . HOH E 4 .   ? -2.825  0.059   10.840  1.00 68.66 ? 273 HOH A O   1 
HETATM 1087 O O   . HOH E 4 .   ? 4.580   2.465   -19.275 1.00 71.15 ? 274 HOH A O   1 
HETATM 1088 O O   . HOH E 4 .   ? 6.567   -5.556  18.097  1.00 84.78 ? 275 HOH A O   1 
HETATM 1089 O O   . HOH E 4 .   ? 5.029   2.874   17.233  1.00 74.66 ? 276 HOH A O   1 
HETATM 1090 O O   . HOH E 4 .   ? -7.771  -8.327  9.309   1.00 80.87 ? 277 HOH A O   1 
HETATM 1091 O O   . HOH E 4 .   ? 2.904   -0.919  13.966  1.00 86.65 ? 278 HOH A O   1 
HETATM 1092 O O   . HOH E 4 .   ? -1.648  7.849   7.757   1.00 64.94 ? 279 HOH A O   1 
HETATM 1093 O O   . HOH E 4 .   ? -12.088 -8.836  3.596   1.00 72.46 ? 280 HOH A O   1 
HETATM 1094 O O   . HOH E 4 .   ? -4.566  4.820   -17.555 1.00 63.26 ? 281 HOH A O   1 
HETATM 1095 O O   . HOH E 4 .   ? -9.605  -10.421 23.997  1.00 73.73 ? 282 HOH A O   1 
HETATM 1096 O O   . HOH E 4 .   ? -7.591  2.995   -2.054  1.00 71.12 ? 283 HOH A O   1 
HETATM 1097 O O   . HOH E 4 .   ? -13.439 -7.800  6.004   1.00 68.59 ? 284 HOH A O   1 
HETATM 1098 O O   . HOH E 4 .   ? -14.550 -3.560  2.192   1.00 59.61 ? 285 HOH A O   1 
HETATM 1099 O O   . HOH E 4 .   ? 10.711  -4.095  -13.124 1.00 68.73 ? 286 HOH A O   1 
HETATM 1100 O O   . HOH E 4 .   ? -6.099  -19.289 10.968  1.00 64.71 ? 287 HOH A O   1 
HETATM 1101 O O   . HOH E 4 .   ? -13.201 -1.031  3.272   1.00 83.17 ? 288 HOH A O   1 
HETATM 1102 O O   . HOH F 4 .   ? -13.731 -7.293  -16.410 1.00 36.72 ? 202 HOH B O   1 
HETATM 1103 O O   . HOH F 4 .   ? -17.239 8.297   -9.852  1.00 35.52 ? 203 HOH B O   1 
HETATM 1104 O O   . HOH F 4 .   ? -10.008 7.237   -12.664 1.00 36.19 ? 204 HOH B O   1 
HETATM 1105 O O   . HOH F 4 .   ? -16.745 -13.204 -12.061 1.00 61.57 ? 205 HOH B O   1 
HETATM 1106 O O   . HOH F 4 .   ? -5.909  7.601   -9.283  1.00 35.53 ? 206 HOH B O   1 
HETATM 1107 O O   . HOH F 4 .   ? -2.337  -4.276  -11.493 1.00 30.08 ? 207 HOH B O   1 
HETATM 1108 O O   . HOH F 4 .   ? 1.944   -9.013  -2.608  1.00 48.44 ? 208 HOH B O   1 
HETATM 1109 O O   . HOH F 4 .   ? -11.324 6.824   -6.836  1.00 44.99 ? 209 HOH B O   1 
HETATM 1110 O O   . HOH F 4 .   ? -7.173  3.265   -18.070 1.00 38.31 ? 210 HOH B O   1 
HETATM 1111 O O   . HOH F 4 .   ? -16.652 -13.044 -9.519  1.00 58.19 ? 211 HOH B O   1 
HETATM 1112 O O   . HOH F 4 .   ? -11.029 -12.046 -10.770 1.00 66.74 ? 212 HOH B O   1 
HETATM 1113 O O   . HOH F 4 .   ? -10.737 1.582   -3.295  1.00 41.91 ? 213 HOH B O   1 
HETATM 1114 O O   . HOH F 4 .   ? -13.108 5.808   -17.388 1.00 40.36 ? 214 HOH B O   1 
HETATM 1115 O O   . HOH F 4 .   ? -9.203  -11.322 -7.948  1.00 54.17 ? 215 HOH B O   1 
HETATM 1116 O O   . HOH F 4 .   ? -7.080  -5.613  -18.667 1.00 58.33 ? 216 HOH B O   1 
HETATM 1117 O O   . HOH F 4 .   ? -9.726  -1.309  -20.611 1.00 48.26 ? 217 HOH B O   1 
HETATM 1118 O O   . HOH F 4 .   ? -10.504 5.720   -16.725 1.00 43.30 ? 218 HOH B O   1 
HETATM 1119 O O   . HOH F 4 .   ? -5.637  -5.938  -22.131 1.00 77.06 ? 219 HOH B O   1 
HETATM 1120 O O   . HOH F 4 .   ? -15.139 -6.696  -18.291 1.00 39.86 ? 220 HOH B O   1 
HETATM 1121 O O   . HOH F 4 .   ? -0.536  -13.255 -5.122  1.00 77.46 ? 221 HOH B O   1 
HETATM 1122 O O   . HOH F 4 .   ? 3.823   -14.105 -4.192  1.00 63.15 ? 222 HOH B O   1 
HETATM 1123 O O   . HOH F 4 .   ? -9.747  8.669   -15.533 1.00 64.05 ? 223 HOH B O   1 
HETATM 1124 O O   . HOH F 4 .   ? -14.712 -8.122  -21.036 1.00 48.68 ? 224 HOH B O   1 
HETATM 1125 O O   . HOH F 4 .   ? -11.811 -10.798 -12.681 1.00 54.18 ? 225 HOH B O   1 
HETATM 1126 O O   . HOH F 4 .   ? -13.744 -10.690 -20.607 1.00 53.98 ? 226 HOH B O   1 
HETATM 1127 O O   . HOH F 4 .   ? -9.449  -15.719 -14.076 1.00 61.41 ? 227 HOH B O   1 
HETATM 1128 O O   . HOH F 4 .   ? -18.353 11.895  -5.768  1.00 51.02 ? 228 HOH B O   1 
HETATM 1129 O O   . HOH F 4 .   ? -5.872  -12.949 -8.818  1.00 69.24 ? 229 HOH B O   1 
HETATM 1130 O O   . HOH F 4 .   ? -7.306  -5.417  -14.836 1.00 49.23 ? 230 HOH B O   1 
HETATM 1131 O O   . HOH F 4 .   ? -4.557  -16.110 -10.260 1.00 76.23 ? 231 HOH B O   1 
HETATM 1132 O O   . HOH F 4 .   ? -16.465 11.940  -7.391  1.00 86.19 ? 232 HOH B O   1 
HETATM 1133 O O   . HOH F 4 .   ? -12.018 -16.392 -15.908 1.00 88.37 ? 233 HOH B O   1 
# 
